data_7SEF
#
_entry.id   7SEF
#
_cell.length_a   1.00
_cell.length_b   1.00
_cell.length_c   1.00
_cell.angle_alpha   90.00
_cell.angle_beta   90.00
_cell.angle_gamma   90.00
#
_symmetry.space_group_name_H-M   'P 1'
#
_entity_poly.entity_id   1
_entity_poly.type   'polypeptide(L)'
_entity_poly.pdbx_seq_one_letter_code
;MQDRGNTVTIDFMSADGIVPGRTPVRYQGVEVGTVQDISLSDDLRKIEVKVSIKSDMKDALREETQFWLVTPKASLAGVS
GLDALVGGNYIGMMPGKGKEQDHFVALDTQPKYRLDNGDLMIHLQAPDLGSLNSGSLVYFRKIPVGKVYDYAINPNKQGV
VIDVLIERRFTDLVKKGSRFWNVSGVDANVSISGAKVKLESLAALVNGAIAFDSPEESKPAEAEDTFGLYEDLAHSQRGV
IIKLELPSGAGLTADSTPLMYQGLEVGQLTKLDLNPGGKVTGEMTVDPSVVTLLRENTRIELRNPKLSLSDANLSALLTG
KTFELVPGDGEPRKEFVVVPGEKALLHEPDVLTLTLTAPESYGIDAGQPLILHGVQVGQVIDRKLTSKGVTFTVAIEPQH
RELVKGDSKFVVNSRVDVKVGLDGVEFLGASASEWINGGIRILPGDKGEMKASYPLYANLEKALENSLSDLPTTTVSLSA
ETLPDVQAGSVVLYRKFEVGEVITVRPRANAFDIDLHIKPEYRNLLTSNSVFWAEGGAKVQLNGSGLTVQASPLSRALKG
AISFDNLSGASASQRKGDKRILYASETAARAVGLSIIVEAPEAGSLGIGTPVLFRGLEVGTVTGMTLGTLSDRVMIAMRI
SKRYQHLVRNNSVFWLASGYSLDFGLTGGVVKTGTFNQFIRGGIAFATPPGTPLAPKAQEGKHFLLQESEPKEWREWGTA
LPKGETHHHHHH
;
_entity_poly.pdbx_strand_id   A,B,C,D,E,F
#
# COMPACT_ATOMS: atom_id res chain seq x y z
N GLY A 5 -43.51 17.45 -38.48
CA GLY A 5 -43.61 16.52 -37.37
C GLY A 5 -44.11 15.16 -37.79
N ASN A 6 -43.60 14.12 -37.14
CA ASN A 6 -43.97 12.74 -37.43
C ASN A 6 -44.38 12.03 -36.15
N THR A 7 -44.55 10.71 -36.23
CA THR A 7 -44.92 9.90 -35.08
C THR A 7 -44.19 8.58 -35.17
N VAL A 8 -43.50 8.21 -34.09
CA VAL A 8 -42.85 6.91 -34.00
C VAL A 8 -43.09 6.33 -32.62
N THR A 9 -43.53 5.08 -32.58
CA THR A 9 -43.78 4.37 -31.33
C THR A 9 -42.59 3.47 -31.05
N ILE A 10 -41.94 3.68 -29.91
CA ILE A 10 -40.78 2.91 -29.49
C ILE A 10 -41.14 2.17 -28.21
N ASP A 11 -40.76 0.90 -28.14
CA ASP A 11 -40.99 0.09 -26.96
C ASP A 11 -39.78 0.17 -26.05
N PHE A 12 -40.03 0.54 -24.79
CA PHE A 12 -39.01 0.62 -23.76
C PHE A 12 -39.37 -0.35 -22.65
N MET A 13 -38.38 -1.12 -22.20
CA MET A 13 -38.53 -1.89 -20.98
C MET A 13 -38.73 -0.97 -19.78
N SER A 14 -37.96 0.12 -19.73
CA SER A 14 -38.07 1.11 -18.69
C SER A 14 -37.80 2.48 -19.29
N ALA A 15 -38.37 3.51 -18.67
CA ALA A 15 -38.26 4.89 -19.13
C ALA A 15 -38.12 5.76 -17.89
N ASP A 16 -36.88 5.93 -17.43
CA ASP A 16 -36.63 6.37 -16.07
C ASP A 16 -36.85 7.87 -15.90
N GLY A 17 -35.99 8.68 -16.53
CA GLY A 17 -35.98 10.11 -16.32
C GLY A 17 -36.46 10.88 -17.52
N ILE A 18 -37.53 10.39 -18.15
CA ILE A 18 -38.04 10.92 -19.40
C ILE A 18 -39.33 11.66 -19.13
N VAL A 19 -39.48 12.81 -19.77
CA VAL A 19 -40.72 13.61 -19.70
C VAL A 19 -41.16 13.85 -21.14
N PRO A 20 -42.47 13.79 -21.45
CA PRO A 20 -42.88 14.03 -22.84
C PRO A 20 -42.49 15.40 -23.37
N GLY A 21 -42.47 16.41 -22.51
CA GLY A 21 -42.18 17.75 -22.93
C GLY A 21 -40.82 17.91 -23.59
N ARG A 22 -39.75 17.69 -22.83
CA ARG A 22 -38.38 17.90 -23.30
C ARG A 22 -37.58 16.61 -23.12
N THR A 23 -37.58 15.79 -24.16
CA THR A 23 -36.67 14.65 -24.27
C THR A 23 -36.14 14.66 -25.69
N PRO A 24 -35.26 15.62 -26.02
CA PRO A 24 -34.89 15.85 -27.41
C PRO A 24 -34.09 14.68 -27.97
N VAL A 25 -34.57 14.13 -29.08
CA VAL A 25 -33.91 13.00 -29.72
C VAL A 25 -32.70 13.50 -30.48
N ARG A 26 -31.55 12.89 -30.21
CA ARG A 26 -30.28 13.31 -30.77
C ARG A 26 -29.67 12.22 -31.62
N TYR A 27 -28.97 12.64 -32.68
CA TYR A 27 -28.19 11.75 -33.55
C TYR A 27 -26.79 12.35 -33.63
N GLN A 28 -25.91 11.88 -32.75
CA GLN A 28 -24.62 12.52 -32.51
C GLN A 28 -24.79 13.92 -31.97
N GLY A 29 -25.94 14.18 -31.34
CA GLY A 29 -26.19 15.41 -30.63
C GLY A 29 -27.12 16.37 -31.35
N VAL A 30 -27.25 16.24 -32.67
CA VAL A 30 -28.17 17.09 -33.42
C VAL A 30 -29.59 16.66 -33.12
N GLU A 31 -30.44 17.60 -32.76
CA GLU A 31 -31.80 17.25 -32.38
C GLU A 31 -32.60 16.80 -33.59
N VAL A 32 -33.09 15.56 -33.54
CA VAL A 32 -33.96 15.03 -34.59
C VAL A 32 -35.43 15.31 -34.32
N GLY A 33 -35.78 15.68 -33.10
CA GLY A 33 -37.16 15.89 -32.73
C GLY A 33 -37.30 15.79 -31.23
N THR A 34 -38.54 15.58 -30.78
CA THR A 34 -38.81 15.46 -29.36
C THR A 34 -39.86 14.37 -29.14
N VAL A 35 -39.82 13.80 -27.94
CA VAL A 35 -40.84 12.84 -27.56
C VAL A 35 -42.19 13.53 -27.51
N GLN A 36 -43.20 12.88 -28.08
CA GLN A 36 -44.57 13.38 -28.01
C GLN A 36 -45.27 12.91 -26.75
N ASP A 37 -45.09 11.64 -26.39
CA ASP A 37 -45.82 11.07 -25.27
C ASP A 37 -45.10 9.83 -24.78
N ILE A 38 -45.34 9.51 -23.51
CA ILE A 38 -44.90 8.27 -22.90
C ILE A 38 -46.11 7.61 -22.26
N SER A 39 -46.31 6.33 -22.53
CA SER A 39 -47.44 5.60 -21.97
C SER A 39 -47.08 4.13 -21.93
N LEU A 40 -48.03 3.30 -21.51
CA LEU A 40 -47.83 1.86 -21.42
C LEU A 40 -49.08 1.15 -21.90
N SER A 41 -48.90 -0.11 -22.28
CA SER A 41 -49.98 -0.94 -22.80
C SER A 41 -50.13 -2.19 -21.94
N ASP A 42 -51.36 -2.43 -21.48
CA ASP A 42 -51.75 -3.62 -20.69
C ASP A 42 -50.74 -3.95 -19.59
N ASP A 43 -50.09 -2.91 -19.04
CA ASP A 43 -49.29 -3.02 -17.83
C ASP A 43 -48.23 -4.12 -17.92
N LEU A 44 -47.63 -4.27 -19.10
CA LEU A 44 -46.68 -5.35 -19.37
C LEU A 44 -45.32 -4.79 -19.77
N ARG A 45 -44.97 -3.62 -19.25
CA ARG A 45 -43.65 -3.00 -19.42
C ARG A 45 -43.37 -2.66 -20.88
N LYS A 46 -44.38 -2.67 -21.74
CA LYS A 46 -44.22 -2.26 -23.13
C LYS A 46 -44.41 -0.75 -23.21
N ILE A 47 -43.44 -0.04 -22.66
CA ILE A 47 -43.57 1.41 -22.54
C ILE A 47 -43.50 2.01 -23.94
N GLU A 48 -44.64 2.42 -24.46
CA GLU A 48 -44.73 3.00 -25.78
C GLU A 48 -44.44 4.50 -25.69
N VAL A 49 -43.41 4.92 -26.39
CA VAL A 49 -43.04 6.33 -26.46
C VAL A 49 -43.33 6.81 -27.88
N LYS A 50 -44.23 7.76 -27.98
CA LYS A 50 -44.53 8.43 -29.23
C LYS A 50 -43.59 9.60 -29.39
N VAL A 51 -42.94 9.68 -30.55
CA VAL A 51 -41.88 10.64 -30.79
C VAL A 51 -42.17 11.41 -32.08
N SER A 52 -41.94 12.72 -32.02
CA SER A 52 -41.98 13.58 -33.19
C SER A 52 -40.60 13.62 -33.82
N ILE A 53 -40.57 13.67 -35.15
CA ILE A 53 -39.34 13.64 -35.91
C ILE A 53 -39.41 14.70 -37.00
N LYS A 54 -38.29 15.38 -37.23
CA LYS A 54 -38.21 16.29 -38.36
C LYS A 54 -38.21 15.50 -39.66
N SER A 55 -38.98 15.99 -40.63
CA SER A 55 -39.21 15.24 -41.87
C SER A 55 -37.93 14.99 -42.64
N ASP A 56 -36.88 15.79 -42.42
CA ASP A 56 -35.61 15.57 -43.11
C ASP A 56 -35.05 14.19 -42.80
N MET A 57 -35.11 13.79 -41.53
CA MET A 57 -34.66 12.47 -41.12
C MET A 57 -35.68 11.39 -41.38
N LYS A 58 -36.92 11.75 -41.71
CA LYS A 58 -37.98 10.77 -41.87
C LYS A 58 -37.66 9.75 -42.95
N ASP A 59 -36.97 10.18 -44.02
CA ASP A 59 -36.68 9.28 -45.13
C ASP A 59 -35.78 8.14 -44.68
N ALA A 60 -34.73 8.46 -43.92
CA ALA A 60 -33.79 7.44 -43.46
C ALA A 60 -34.38 6.56 -42.38
N LEU A 61 -35.50 6.97 -41.77
CA LEU A 61 -36.15 6.16 -40.75
C LEU A 61 -36.62 4.85 -41.35
N ARG A 62 -35.99 3.74 -40.97
CA ARG A 62 -36.24 2.46 -41.60
C ARG A 62 -36.21 1.38 -40.53
N GLU A 63 -36.26 0.13 -40.98
CA GLU A 63 -36.40 -1.00 -40.07
C GLU A 63 -35.20 -1.10 -39.13
N GLU A 64 -34.00 -0.93 -39.67
CA GLU A 64 -32.78 -1.11 -38.90
C GLU A 64 -32.42 0.11 -38.06
N THR A 65 -33.27 1.13 -38.04
CA THR A 65 -33.01 2.29 -37.21
C THR A 65 -33.07 1.90 -35.75
N GLN A 66 -31.96 2.03 -35.05
CA GLN A 66 -31.85 1.66 -33.65
C GLN A 66 -32.03 2.88 -32.76
N PHE A 67 -32.54 2.64 -31.55
CA PHE A 67 -32.77 3.67 -30.56
C PHE A 67 -32.31 3.18 -29.20
N TRP A 68 -31.97 4.12 -28.34
CA TRP A 68 -31.61 3.78 -26.96
C TRP A 68 -31.73 5.02 -26.09
N LEU A 69 -31.81 4.78 -24.79
CA LEU A 69 -31.87 5.85 -23.80
C LEU A 69 -30.47 6.04 -23.22
N VAL A 70 -29.92 7.23 -23.37
CA VAL A 70 -28.72 7.58 -22.63
C VAL A 70 -29.10 7.99 -21.21
N THR A 71 -28.14 7.87 -20.30
CA THR A 71 -28.42 8.13 -18.89
C THR A 71 -27.10 8.50 -18.20
N PRO A 72 -27.14 9.36 -17.19
CA PRO A 72 -25.94 9.54 -16.37
C PRO A 72 -25.55 8.24 -15.70
N LYS A 73 -24.24 7.99 -15.61
CA LYS A 73 -23.72 6.74 -15.06
C LYS A 73 -22.55 7.09 -14.14
N ALA A 74 -22.87 7.28 -12.86
CA ALA A 74 -21.88 7.50 -11.82
C ALA A 74 -21.53 6.21 -11.09
N SER A 75 -21.73 5.06 -11.73
CA SER A 75 -21.53 3.77 -11.08
C SER A 75 -20.03 3.48 -10.98
N LEU A 76 -19.70 2.26 -10.57
CA LEU A 76 -18.31 1.88 -10.39
C LEU A 76 -17.56 1.92 -11.72
N ALA A 77 -18.19 1.45 -12.79
CA ALA A 77 -17.61 1.44 -14.12
C ALA A 77 -18.54 2.26 -15.01
N GLY A 78 -18.37 3.58 -14.97
CA GLY A 78 -19.11 4.46 -15.85
C GLY A 78 -18.90 5.93 -15.52
N VAL A 79 -18.69 6.73 -16.58
CA VAL A 79 -18.55 8.18 -16.45
C VAL A 79 -19.39 8.86 -17.52
N SER A 80 -20.21 8.09 -18.24
CA SER A 80 -20.93 8.61 -19.40
C SER A 80 -22.21 9.34 -18.97
N GLY A 81 -22.01 10.40 -18.19
CA GLY A 81 -23.06 11.33 -17.85
C GLY A 81 -22.62 12.75 -18.13
N LEU A 82 -21.71 12.89 -19.10
CA LEU A 82 -21.13 14.19 -19.39
C LEU A 82 -22.18 15.16 -19.89
N ASP A 83 -23.08 14.69 -20.76
CA ASP A 83 -24.10 15.52 -21.37
C ASP A 83 -25.46 15.37 -20.71
N ALA A 84 -25.79 14.17 -20.21
CA ALA A 84 -27.10 13.95 -19.63
C ALA A 84 -27.29 14.77 -18.36
N LEU A 85 -26.21 15.04 -17.61
CA LEU A 85 -26.33 15.88 -16.43
C LEU A 85 -26.66 17.32 -16.80
N VAL A 86 -26.15 17.80 -17.93
CA VAL A 86 -26.33 19.18 -18.35
C VAL A 86 -27.60 19.27 -19.20
N GLY A 87 -27.63 18.54 -20.31
CA GLY A 87 -28.75 18.58 -21.22
C GLY A 87 -29.92 17.69 -20.86
N GLY A 88 -29.84 16.94 -19.76
CA GLY A 88 -30.90 16.06 -19.37
C GLY A 88 -30.87 14.74 -20.13
N ASN A 89 -31.71 13.82 -19.69
CA ASN A 89 -31.78 12.50 -20.31
C ASN A 89 -32.39 12.63 -21.69
N TYR A 90 -31.54 12.62 -22.72
CA TYR A 90 -32.00 12.53 -24.08
C TYR A 90 -31.97 11.06 -24.50
N ILE A 91 -32.22 10.81 -25.79
CA ILE A 91 -32.13 9.47 -26.35
C ILE A 91 -31.31 9.55 -27.62
N GLY A 92 -30.57 8.49 -27.90
CA GLY A 92 -29.73 8.41 -29.08
C GLY A 92 -30.32 7.45 -30.09
N MET A 93 -30.03 7.70 -31.35
CA MET A 93 -30.52 6.87 -32.44
C MET A 93 -29.42 6.66 -33.47
N MET A 94 -29.58 5.60 -34.26
CA MET A 94 -28.72 5.34 -35.40
C MET A 94 -29.61 4.98 -36.58
N PRO A 95 -29.49 5.65 -37.72
CA PRO A 95 -30.30 5.27 -38.87
C PRO A 95 -29.90 3.91 -39.40
N GLY A 96 -30.86 3.26 -40.05
CA GLY A 96 -30.63 1.98 -40.68
C GLY A 96 -31.09 1.99 -42.13
N LYS A 97 -30.55 1.04 -42.89
CA LYS A 97 -30.88 0.88 -44.30
C LYS A 97 -31.90 -0.23 -44.50
N GLY A 98 -32.85 -0.33 -43.57
CA GLY A 98 -33.92 -1.29 -43.70
C GLY A 98 -34.87 -0.92 -44.81
N LYS A 99 -36.13 -1.36 -44.72
CA LYS A 99 -37.15 -0.92 -45.66
C LYS A 99 -37.96 0.22 -45.07
N GLU A 100 -38.65 -0.07 -43.97
CA GLU A 100 -39.48 0.90 -43.28
C GLU A 100 -40.04 0.25 -42.02
N GLN A 101 -40.23 1.06 -40.99
CA GLN A 101 -40.92 0.60 -39.79
C GLN A 101 -41.34 1.82 -39.00
N ASP A 102 -42.42 1.65 -38.24
CA ASP A 102 -42.96 2.69 -37.37
C ASP A 102 -42.99 2.28 -35.91
N HIS A 103 -43.12 0.99 -35.62
CA HIS A 103 -43.11 0.46 -34.27
C HIS A 103 -41.74 -0.15 -34.00
N PHE A 104 -41.10 0.30 -32.94
CA PHE A 104 -39.71 -0.04 -32.67
C PHE A 104 -39.54 -0.47 -31.22
N VAL A 105 -38.38 -1.08 -30.97
CA VAL A 105 -37.95 -1.46 -29.63
C VAL A 105 -36.63 -0.78 -29.35
N ALA A 106 -36.58 -0.05 -28.24
CA ALA A 106 -35.35 0.65 -27.87
C ALA A 106 -34.29 -0.34 -27.42
N LEU A 107 -33.09 -0.18 -27.94
CA LEU A 107 -31.97 -0.98 -27.45
C LEU A 107 -31.66 -0.62 -26.01
N ASP A 108 -31.22 -1.62 -25.25
CA ASP A 108 -31.05 -1.43 -23.81
C ASP A 108 -30.00 -0.36 -23.51
N THR A 109 -28.90 -0.35 -24.25
CA THR A 109 -27.80 0.57 -24.04
C THR A 109 -27.41 1.21 -25.36
N GLN A 110 -26.40 2.06 -25.31
CA GLN A 110 -25.88 2.70 -26.50
C GLN A 110 -24.99 1.71 -27.26
N PRO A 111 -25.31 1.35 -28.50
CA PRO A 111 -24.49 0.37 -29.21
C PRO A 111 -23.21 1.01 -29.76
N LYS A 112 -22.26 0.14 -30.09
CA LYS A 112 -21.00 0.58 -30.65
C LYS A 112 -21.18 0.98 -32.11
N TYR A 113 -20.64 2.14 -32.48
CA TYR A 113 -20.77 2.69 -33.81
C TYR A 113 -19.42 2.80 -34.48
N ARG A 114 -19.41 2.66 -35.80
CA ARG A 114 -18.21 2.68 -36.60
C ARG A 114 -18.09 4.00 -37.35
N LEU A 115 -16.98 4.69 -37.16
CA LEU A 115 -16.71 5.91 -37.91
C LEU A 115 -16.46 5.56 -39.37
N ASP A 116 -17.06 6.34 -40.28
CA ASP A 116 -16.93 6.06 -41.70
C ASP A 116 -15.55 6.40 -42.26
N ASN A 117 -14.75 7.17 -41.53
CA ASN A 117 -13.48 7.64 -42.05
C ASN A 117 -12.53 6.48 -42.31
N GLY A 118 -11.35 6.82 -42.82
CA GLY A 118 -10.36 5.81 -43.11
C GLY A 118 -9.48 5.52 -41.92
N ASP A 119 -9.84 4.49 -41.17
CA ASP A 119 -9.07 3.96 -40.06
C ASP A 119 -8.77 2.50 -40.36
N LEU A 120 -8.21 1.80 -39.39
CA LEU A 120 -7.94 0.38 -39.54
C LEU A 120 -8.64 -0.38 -38.43
N MET A 121 -9.22 -1.52 -38.80
CA MET A 121 -9.91 -2.41 -37.87
C MET A 121 -9.24 -3.76 -37.98
N ILE A 122 -8.85 -4.34 -36.84
CA ILE A 122 -8.20 -5.63 -36.86
C ILE A 122 -8.65 -6.50 -35.69
N HIS A 123 -8.43 -7.80 -35.85
CA HIS A 123 -8.92 -8.81 -34.93
C HIS A 123 -7.77 -9.47 -34.20
N LEU A 124 -7.91 -9.57 -32.89
CA LEU A 124 -6.98 -10.28 -32.03
C LEU A 124 -7.66 -11.50 -31.46
N GLN A 125 -6.99 -12.65 -31.56
CA GLN A 125 -7.43 -13.87 -30.92
C GLN A 125 -6.74 -13.99 -29.57
N ALA A 126 -7.52 -14.32 -28.53
CA ALA A 126 -6.96 -14.47 -27.21
C ALA A 126 -7.76 -15.52 -26.47
N PRO A 127 -7.10 -16.46 -25.77
CA PRO A 127 -7.87 -17.43 -24.98
C PRO A 127 -8.66 -16.80 -23.87
N ASP A 128 -8.27 -15.62 -23.41
CA ASP A 128 -8.98 -14.90 -22.37
C ASP A 128 -8.85 -13.41 -22.62
N LEU A 129 -9.75 -12.64 -22.02
CA LEU A 129 -9.76 -11.20 -22.24
C LEU A 129 -8.64 -10.51 -21.51
N GLY A 130 -8.31 -10.98 -20.31
CA GLY A 130 -7.48 -10.19 -19.45
C GLY A 130 -8.30 -9.03 -18.90
N SER A 131 -7.58 -8.05 -18.35
CA SER A 131 -8.21 -6.86 -17.77
C SER A 131 -8.36 -5.78 -18.82
N LEU A 132 -8.96 -6.13 -19.96
CA LEU A 132 -9.13 -5.22 -21.09
C LEU A 132 -10.61 -4.86 -21.19
N ASN A 133 -11.00 -3.80 -20.50
CA ASN A 133 -12.33 -3.26 -20.65
C ASN A 133 -12.40 -2.42 -21.92
N SER A 134 -13.61 -2.34 -22.48
CA SER A 134 -13.84 -1.52 -23.66
C SER A 134 -13.41 -0.09 -23.39
N GLY A 135 -12.47 0.39 -24.20
CA GLY A 135 -11.81 1.66 -23.98
C GLY A 135 -10.34 1.52 -23.62
N SER A 136 -9.88 0.31 -23.30
CA SER A 136 -8.47 0.09 -23.04
C SER A 136 -7.65 0.48 -24.27
N LEU A 137 -6.42 0.88 -24.02
CA LEU A 137 -5.67 1.70 -24.95
C LEU A 137 -4.52 0.92 -25.59
N VAL A 138 -4.26 1.24 -26.85
CA VAL A 138 -3.24 0.56 -27.65
C VAL A 138 -2.04 1.47 -27.82
N TYR A 139 -0.85 0.93 -27.56
CA TYR A 139 0.37 1.70 -27.56
C TYR A 139 1.36 1.17 -28.59
N PHE A 140 2.11 2.12 -29.14
CA PHE A 140 3.35 1.87 -29.86
C PHE A 140 4.41 2.67 -29.14
N ARG A 141 5.31 1.97 -28.44
CA ARG A 141 6.35 2.62 -27.66
C ARG A 141 5.74 3.55 -26.61
N LYS A 142 4.64 3.10 -26.01
CA LYS A 142 3.87 3.82 -25.01
C LYS A 142 3.19 5.06 -25.56
N ILE A 143 3.19 5.25 -26.87
CA ILE A 143 2.41 6.31 -27.51
C ILE A 143 1.06 5.72 -27.88
N PRO A 144 -0.06 6.25 -27.37
CA PRO A 144 -1.36 5.74 -27.80
C PRO A 144 -1.59 6.00 -29.28
N VAL A 145 -2.03 4.95 -29.98
CA VAL A 145 -2.24 5.02 -31.41
C VAL A 145 -3.56 4.37 -31.80
N GLY A 146 -4.41 4.11 -30.83
CA GLY A 146 -5.65 3.40 -31.07
C GLY A 146 -6.14 2.78 -29.80
N LYS A 147 -7.38 2.29 -29.86
CA LYS A 147 -8.06 1.79 -28.67
C LYS A 147 -8.81 0.51 -29.01
N VAL A 148 -9.34 -0.11 -27.97
CA VAL A 148 -10.19 -1.28 -28.13
C VAL A 148 -11.57 -0.83 -28.54
N TYR A 149 -12.11 -1.45 -29.58
CA TYR A 149 -13.45 -1.15 -30.05
C TYR A 149 -14.47 -2.08 -29.39
N ASP A 150 -14.29 -3.39 -29.52
CA ASP A 150 -15.24 -4.33 -28.94
C ASP A 150 -14.57 -5.68 -28.73
N TYR A 151 -15.26 -6.54 -27.99
CA TYR A 151 -14.84 -7.91 -27.76
C TYR A 151 -16.05 -8.82 -27.86
N ALA A 152 -15.79 -10.07 -28.22
CA ALA A 152 -16.86 -11.05 -28.36
C ALA A 152 -16.25 -12.43 -28.28
N ILE A 153 -17.11 -13.44 -28.35
CA ILE A 153 -16.72 -14.83 -28.22
C ILE A 153 -16.90 -15.50 -29.57
N ASN A 154 -15.87 -16.19 -30.02
CA ASN A 154 -15.97 -16.95 -31.25
C ASN A 154 -17.01 -18.05 -31.10
N PRO A 155 -17.54 -18.57 -32.21
CA PRO A 155 -18.58 -19.61 -32.11
C PRO A 155 -18.14 -20.80 -31.29
N ASN A 156 -16.88 -21.20 -31.42
CA ASN A 156 -16.34 -22.18 -30.49
C ASN A 156 -16.12 -21.52 -29.14
N LYS A 157 -16.30 -22.28 -28.08
CA LYS A 157 -16.20 -21.76 -26.73
C LYS A 157 -14.77 -21.80 -26.21
N GLN A 158 -13.79 -21.94 -27.10
CA GLN A 158 -12.40 -22.10 -26.74
C GLN A 158 -11.57 -20.87 -27.08
N GLY A 159 -12.17 -19.69 -27.05
CA GLY A 159 -11.39 -18.51 -27.38
C GLY A 159 -12.24 -17.26 -27.32
N VAL A 160 -11.57 -16.14 -27.58
CA VAL A 160 -12.15 -14.82 -27.53
C VAL A 160 -11.60 -14.03 -28.72
N VAL A 161 -12.47 -13.28 -29.38
CA VAL A 161 -12.09 -12.44 -30.51
C VAL A 161 -12.34 -11.00 -30.12
N ILE A 162 -11.28 -10.22 -30.06
CA ILE A 162 -11.35 -8.79 -29.85
C ILE A 162 -11.21 -8.13 -31.21
N ASP A 163 -11.92 -7.03 -31.43
CA ASP A 163 -11.74 -6.22 -32.62
C ASP A 163 -11.44 -4.80 -32.18
N VAL A 164 -10.37 -4.25 -32.76
CA VAL A 164 -9.77 -3.02 -32.26
C VAL A 164 -9.55 -2.06 -33.41
N LEU A 165 -9.40 -0.80 -33.02
CA LEU A 165 -9.36 0.35 -33.91
C LEU A 165 -7.97 0.96 -33.89
N ILE A 166 -7.52 1.43 -35.05
CA ILE A 166 -6.25 2.11 -35.18
C ILE A 166 -6.48 3.35 -36.03
N GLU A 167 -5.92 4.47 -35.57
CA GLU A 167 -6.12 5.75 -36.23
C GLU A 167 -5.52 5.74 -37.62
N ARG A 168 -5.98 6.68 -38.44
CA ARG A 168 -5.51 6.77 -39.82
C ARG A 168 -4.01 7.01 -39.88
N ARG A 169 -3.52 8.00 -39.14
CA ARG A 169 -2.14 8.45 -39.25
C ARG A 169 -1.12 7.40 -38.82
N PHE A 170 -1.57 6.26 -38.29
CA PHE A 170 -0.68 5.18 -37.91
C PHE A 170 -1.00 3.88 -38.62
N THR A 171 -1.83 3.90 -39.66
CA THR A 171 -2.18 2.67 -40.35
C THR A 171 -0.99 1.99 -40.99
N ASP A 172 0.10 2.72 -41.21
CA ASP A 172 1.32 2.13 -41.77
C ASP A 172 2.10 1.32 -40.74
N LEU A 173 1.86 1.54 -39.45
CA LEU A 173 2.66 0.87 -38.44
C LEU A 173 2.32 -0.59 -38.26
N VAL A 174 1.15 -1.04 -38.71
CA VAL A 174 0.69 -2.39 -38.49
C VAL A 174 1.12 -3.23 -39.68
N LYS A 175 1.98 -4.21 -39.42
CA LYS A 175 2.50 -5.11 -40.42
C LYS A 175 1.99 -6.52 -40.17
N LYS A 176 2.21 -7.38 -41.17
CA LYS A 176 1.82 -8.78 -41.03
C LYS A 176 2.59 -9.45 -39.90
N GLY A 177 3.88 -9.17 -39.80
CA GLY A 177 4.70 -9.74 -38.77
C GLY A 177 4.63 -9.04 -37.44
N SER A 178 3.84 -7.97 -37.36
CA SER A 178 3.75 -7.20 -36.13
C SER A 178 3.16 -8.06 -35.02
N ARG A 179 3.69 -7.88 -33.81
CA ARG A 179 3.29 -8.67 -32.66
C ARG A 179 2.61 -7.77 -31.63
N PHE A 180 1.50 -8.27 -31.09
CA PHE A 180 0.74 -7.60 -30.05
C PHE A 180 0.91 -8.35 -28.74
N TRP A 181 1.06 -7.59 -27.65
CA TRP A 181 1.10 -8.21 -26.34
C TRP A 181 0.36 -7.36 -25.33
N ASN A 182 -0.23 -8.04 -24.36
CA ASN A 182 -1.00 -7.39 -23.31
C ASN A 182 -0.07 -6.72 -22.33
N VAL A 183 -0.47 -5.54 -21.87
CA VAL A 183 0.19 -4.83 -20.79
C VAL A 183 -0.92 -4.33 -19.88
N SER A 184 -1.09 -4.99 -18.74
CA SER A 184 -2.21 -4.72 -17.86
C SER A 184 -1.95 -5.44 -16.54
N GLY A 185 -2.57 -4.93 -15.48
CA GLY A 185 -2.31 -5.46 -14.16
C GLY A 185 -0.90 -5.13 -13.70
N VAL A 186 -0.68 -5.32 -12.41
CA VAL A 186 0.60 -4.97 -11.79
C VAL A 186 1.00 -6.10 -10.85
N ASP A 187 2.29 -6.45 -10.88
CA ASP A 187 2.83 -7.47 -9.99
C ASP A 187 4.04 -6.95 -9.24
N ALA A 188 4.69 -7.84 -8.49
CA ALA A 188 5.98 -7.60 -7.88
C ALA A 188 7.05 -8.35 -8.64
N ASN A 189 8.21 -7.73 -8.77
CA ASN A 189 9.36 -8.32 -9.44
C ASN A 189 10.47 -8.48 -8.40
N VAL A 190 10.44 -9.60 -7.70
CA VAL A 190 11.42 -9.88 -6.66
C VAL A 190 12.59 -10.61 -7.28
N SER A 191 13.79 -10.08 -7.04
CA SER A 191 15.03 -10.69 -7.50
C SER A 191 15.93 -10.95 -6.29
N ILE A 192 16.87 -11.87 -6.48
CA ILE A 192 17.80 -12.21 -5.41
C ILE A 192 18.80 -11.07 -5.21
N SER A 193 19.16 -10.83 -3.95
CA SER A 193 20.16 -9.83 -3.60
C SER A 193 19.74 -8.44 -4.05
N GLY A 194 18.45 -8.13 -3.91
CA GLY A 194 17.89 -6.85 -4.30
C GLY A 194 16.72 -7.01 -5.24
N ALA A 195 15.79 -6.06 -5.22
CA ALA A 195 14.58 -6.16 -5.99
C ALA A 195 14.04 -4.78 -6.29
N LYS A 196 13.30 -4.67 -7.40
CA LYS A 196 12.63 -3.44 -7.78
C LYS A 196 11.32 -3.80 -8.47
N VAL A 197 10.33 -2.93 -8.32
CA VAL A 197 8.96 -3.22 -8.74
C VAL A 197 8.48 -2.06 -9.61
N LYS A 198 8.67 -2.19 -10.92
CA LYS A 198 8.11 -1.27 -11.90
C LYS A 198 7.57 -2.09 -13.05
N LEU A 199 6.26 -2.03 -13.28
CA LEU A 199 5.65 -2.75 -14.40
C LEU A 199 5.00 -1.83 -15.41
N GLU A 200 4.04 -1.00 -15.01
CA GLU A 200 3.16 -0.35 -15.98
C GLU A 200 2.71 1.01 -15.46
N SER A 201 2.05 1.75 -16.35
CA SER A 201 1.54 3.08 -16.06
C SER A 201 0.17 3.01 -15.38
N LEU A 202 -0.21 4.12 -14.75
CA LEU A 202 -1.44 4.14 -13.96
C LEU A 202 -2.65 3.83 -14.82
N ALA A 203 -2.76 4.44 -15.99
CA ALA A 203 -3.88 4.17 -16.88
C ALA A 203 -3.85 2.72 -17.33
N ALA A 204 -2.65 2.19 -17.60
CA ALA A 204 -2.51 0.80 -18.03
C ALA A 204 -3.08 -0.16 -16.98
N LEU A 205 -3.06 0.23 -15.72
CA LEU A 205 -3.59 -0.59 -14.64
C LEU A 205 -5.05 -0.34 -14.37
N VAL A 206 -5.49 0.91 -14.47
CA VAL A 206 -6.90 1.21 -14.24
C VAL A 206 -7.76 0.61 -15.34
N ASN A 207 -7.28 0.65 -16.57
CA ASN A 207 -8.06 0.29 -17.74
C ASN A 207 -7.56 -0.94 -18.47
N GLY A 208 -6.31 -1.34 -18.25
CA GLY A 208 -5.69 -2.33 -19.10
C GLY A 208 -5.19 -1.70 -20.40
N ALA A 209 -4.29 -2.41 -21.06
CA ALA A 209 -3.72 -1.84 -22.27
C ALA A 209 -3.08 -2.93 -23.11
N ILE A 210 -2.82 -2.57 -24.35
CA ILE A 210 -2.09 -3.41 -25.29
C ILE A 210 -0.93 -2.59 -25.81
N ALA A 211 0.15 -3.28 -26.17
CA ALA A 211 1.27 -2.69 -26.85
C ALA A 211 1.56 -3.54 -28.07
N PHE A 212 2.18 -2.94 -29.08
CA PHE A 212 2.53 -3.72 -30.25
C PHE A 212 3.81 -3.22 -30.88
N ASP A 213 4.51 -4.15 -31.51
CA ASP A 213 5.75 -3.89 -32.22
C ASP A 213 5.58 -4.28 -33.68
N SER A 214 6.30 -3.57 -34.54
CA SER A 214 6.21 -3.73 -35.98
C SER A 214 7.59 -4.05 -36.56
N PRO A 215 7.79 -5.19 -37.21
CA PRO A 215 9.07 -5.41 -37.89
C PRO A 215 9.24 -4.43 -39.03
N GLU A 216 10.50 -4.09 -39.29
CA GLU A 216 10.80 -3.07 -40.29
C GLU A 216 10.43 -3.54 -41.70
N GLU A 217 10.64 -4.82 -42.00
CA GLU A 217 10.60 -5.29 -43.37
C GLU A 217 9.25 -5.84 -43.80
N SER A 218 8.38 -6.23 -42.87
CA SER A 218 7.14 -6.87 -43.24
C SER A 218 6.25 -5.90 -44.02
N LYS A 219 5.19 -6.46 -44.59
CA LYS A 219 4.20 -5.69 -45.34
C LYS A 219 3.10 -5.21 -44.42
N PRO A 220 2.41 -4.12 -44.78
CA PRO A 220 1.34 -3.61 -43.91
C PRO A 220 0.12 -4.52 -43.95
N ALA A 221 -0.40 -4.81 -42.76
CA ALA A 221 -1.62 -5.59 -42.67
C ALA A 221 -2.84 -4.72 -42.97
N GLU A 222 -3.96 -5.38 -43.25
CA GLU A 222 -5.15 -4.65 -43.67
C GLU A 222 -6.37 -5.53 -43.52
N ALA A 223 -7.53 -4.88 -43.50
CA ALA A 223 -8.83 -5.51 -43.76
C ALA A 223 -9.09 -6.65 -42.77
N GLU A 224 -9.25 -6.25 -41.51
CA GLU A 224 -9.68 -7.16 -40.44
C GLU A 224 -8.77 -8.37 -40.32
N ASP A 225 -7.49 -8.19 -40.64
CA ASP A 225 -6.55 -9.30 -40.53
C ASP A 225 -6.41 -9.73 -39.08
N THR A 226 -6.48 -11.04 -38.87
CA THR A 226 -6.39 -11.57 -37.53
C THR A 226 -4.94 -11.49 -37.02
N PHE A 227 -4.81 -11.48 -35.70
CA PHE A 227 -3.51 -11.48 -35.06
C PHE A 227 -3.63 -12.25 -33.75
N GLY A 228 -2.48 -12.66 -33.23
CA GLY A 228 -2.42 -13.38 -31.97
C GLY A 228 -1.91 -12.48 -30.87
N LEU A 229 -2.58 -12.54 -29.73
CA LEU A 229 -2.18 -11.77 -28.55
C LEU A 229 -1.33 -12.64 -27.67
N TYR A 230 -0.24 -12.05 -27.16
CA TYR A 230 0.64 -12.73 -26.22
C TYR A 230 0.44 -12.13 -24.84
N GLU A 231 0.32 -13.01 -23.85
CA GLU A 231 -0.06 -12.59 -22.50
C GLU A 231 0.94 -11.59 -21.92
N ASP A 232 2.18 -11.63 -22.37
CA ASP A 232 3.21 -10.76 -21.82
C ASP A 232 4.25 -10.48 -22.88
N LEU A 233 5.02 -9.41 -22.64
CA LEU A 233 6.10 -9.05 -23.54
C LEU A 233 7.08 -10.19 -23.71
N ALA A 234 7.34 -10.93 -22.63
CA ALA A 234 8.29 -12.04 -22.70
C ALA A 234 7.81 -13.11 -23.67
N HIS A 235 6.55 -13.48 -23.57
CA HIS A 235 6.00 -14.50 -24.46
C HIS A 235 5.94 -14.02 -25.90
N SER A 236 6.01 -12.72 -26.13
CA SER A 236 6.01 -12.15 -27.47
C SER A 236 7.39 -12.09 -28.08
N GLN A 237 8.42 -12.51 -27.35
CA GLN A 237 9.78 -12.41 -27.85
C GLN A 237 9.96 -13.21 -29.13
N ARG A 238 10.69 -12.62 -30.07
CA ARG A 238 10.93 -13.23 -31.38
C ARG A 238 12.18 -14.08 -31.26
N GLY A 239 12.00 -15.36 -30.95
CA GLY A 239 13.09 -16.30 -30.91
C GLY A 239 12.69 -17.60 -31.55
N VAL A 240 13.67 -18.41 -31.84
CA VAL A 240 13.44 -19.66 -32.53
C VAL A 240 13.07 -20.74 -31.51
N ILE A 241 12.25 -21.68 -31.97
CA ILE A 241 11.71 -22.73 -31.12
C ILE A 241 12.51 -24.01 -31.30
N ILE A 242 12.72 -24.72 -30.20
CA ILE A 242 13.48 -25.96 -30.18
C ILE A 242 12.73 -26.98 -29.35
N LYS A 243 12.59 -28.18 -29.89
CA LYS A 243 11.94 -29.28 -29.19
C LYS A 243 12.99 -30.10 -28.44
N LEU A 244 12.66 -30.48 -27.21
CA LEU A 244 13.58 -31.18 -26.33
C LEU A 244 12.89 -32.40 -25.74
N GLU A 245 13.58 -33.55 -25.82
CA GLU A 245 13.19 -34.75 -25.09
C GLU A 245 14.04 -34.79 -23.82
N LEU A 246 13.38 -34.86 -22.66
CA LEU A 246 14.07 -34.71 -21.40
C LEU A 246 14.09 -36.02 -20.61
N PRO A 247 15.09 -36.21 -19.73
CA PRO A 247 15.02 -37.35 -18.82
C PRO A 247 13.90 -37.19 -17.79
N SER A 248 13.92 -36.06 -17.07
CA SER A 248 12.90 -35.77 -16.08
C SER A 248 12.99 -34.31 -15.64
N GLY A 249 11.85 -33.63 -15.57
CA GLY A 249 11.83 -32.23 -15.21
C GLY A 249 11.71 -32.03 -13.71
N ALA A 250 12.65 -32.59 -12.96
CA ALA A 250 12.59 -32.52 -11.51
C ALA A 250 12.65 -31.08 -11.02
N GLY A 251 13.65 -30.34 -11.47
CA GLY A 251 13.83 -28.96 -11.05
C GLY A 251 13.46 -27.95 -12.12
N LEU A 252 13.06 -28.44 -13.29
CA LEU A 252 12.80 -27.55 -14.42
C LEU A 252 11.48 -26.82 -14.24
N THR A 253 11.45 -25.59 -14.72
CA THR A 253 10.27 -24.75 -14.66
C THR A 253 10.01 -24.16 -16.04
N ALA A 254 8.73 -24.02 -16.37
CA ALA A 254 8.32 -23.83 -17.76
C ALA A 254 8.77 -22.49 -18.32
N ASP A 255 8.98 -21.47 -17.47
CA ASP A 255 9.34 -20.15 -17.95
C ASP A 255 10.36 -19.47 -17.05
N SER A 256 11.14 -20.25 -16.30
CA SER A 256 12.17 -19.72 -15.43
C SER A 256 13.52 -20.37 -15.70
N THR A 257 13.51 -21.59 -16.23
CA THR A 257 14.76 -22.27 -16.55
C THR A 257 15.42 -21.61 -17.75
N PRO A 258 16.63 -21.08 -17.63
CA PRO A 258 17.28 -20.45 -18.78
C PRO A 258 18.20 -21.41 -19.51
N LEU A 259 18.74 -20.91 -20.61
CA LEU A 259 19.79 -21.57 -21.36
C LEU A 259 21.06 -20.74 -21.25
N MET A 260 22.15 -21.39 -20.85
CA MET A 260 23.42 -20.73 -20.66
C MET A 260 24.33 -20.94 -21.87
N TYR A 261 25.17 -19.96 -22.12
CA TYR A 261 26.26 -20.09 -23.07
C TYR A 261 27.29 -19.01 -22.76
N GLN A 262 28.52 -19.44 -22.52
CA GLN A 262 29.61 -18.54 -22.18
C GLN A 262 29.27 -17.71 -20.94
N GLY A 263 28.44 -18.27 -20.05
CA GLY A 263 28.06 -17.61 -18.84
C GLY A 263 26.83 -16.73 -18.95
N LEU A 264 26.23 -16.62 -20.13
CA LEU A 264 25.14 -15.69 -20.37
C LEU A 264 23.86 -16.42 -20.74
N GLU A 265 22.74 -15.83 -20.34
CA GLU A 265 21.44 -16.34 -20.74
C GLU A 265 21.17 -16.00 -22.19
N VAL A 266 20.85 -17.02 -22.97
CA VAL A 266 20.54 -16.85 -24.39
C VAL A 266 19.13 -17.34 -24.69
N GLY A 267 18.70 -18.35 -23.94
CA GLY A 267 17.42 -18.98 -24.18
C GLY A 267 16.66 -19.18 -22.90
N GLN A 268 15.40 -19.53 -23.05
CA GLN A 268 14.49 -19.69 -21.94
C GLN A 268 13.54 -20.83 -22.28
N LEU A 269 13.49 -21.83 -21.42
CA LEU A 269 12.49 -22.86 -21.58
C LEU A 269 11.11 -22.22 -21.54
N THR A 270 10.23 -22.70 -22.42
CA THR A 270 8.89 -22.15 -22.55
C THR A 270 7.80 -23.12 -22.15
N LYS A 271 7.85 -24.35 -22.67
CA LYS A 271 6.83 -25.35 -22.39
C LYS A 271 7.47 -26.60 -21.82
N LEU A 272 6.76 -27.22 -20.88
CA LEU A 272 7.21 -28.41 -20.18
C LEU A 272 6.00 -29.30 -19.97
N ASP A 273 5.98 -30.46 -20.62
CA ASP A 273 4.81 -31.31 -20.62
C ASP A 273 5.21 -32.77 -20.47
N LEU A 274 4.25 -33.56 -19.98
CA LEU A 274 4.40 -34.99 -19.85
C LEU A 274 3.69 -35.66 -21.01
N ASN A 275 4.40 -36.46 -21.75
CA ASN A 275 3.81 -37.26 -22.79
C ASN A 275 3.39 -38.62 -22.25
N PRO A 276 2.44 -39.29 -22.90
CA PRO A 276 2.08 -40.65 -22.48
C PRO A 276 3.25 -41.58 -22.61
N GLY A 277 3.29 -42.59 -21.74
CA GLY A 277 4.42 -43.47 -21.63
C GLY A 277 5.50 -43.02 -20.68
N GLY A 278 5.28 -41.92 -19.96
CA GLY A 278 6.23 -41.42 -19.01
C GLY A 278 7.29 -40.51 -19.58
N LYS A 279 7.32 -40.32 -20.90
CA LYS A 279 8.30 -39.44 -21.49
C LYS A 279 7.93 -37.98 -21.24
N VAL A 280 8.95 -37.17 -21.01
CA VAL A 280 8.80 -35.75 -20.74
C VAL A 280 9.39 -34.99 -21.92
N THR A 281 8.64 -34.01 -22.41
CA THR A 281 9.09 -33.20 -23.54
C THR A 281 8.82 -31.73 -23.26
N GLY A 282 9.73 -30.88 -23.73
CA GLY A 282 9.59 -29.46 -23.56
C GLY A 282 9.94 -28.75 -24.85
N GLU A 283 9.73 -27.45 -24.85
CA GLU A 283 10.12 -26.62 -25.96
C GLU A 283 10.67 -25.30 -25.43
N MET A 284 11.66 -24.78 -26.13
CA MET A 284 12.48 -23.68 -25.67
C MET A 284 12.58 -22.61 -26.74
N THR A 285 12.71 -21.37 -26.30
CA THR A 285 12.99 -20.25 -27.18
C THR A 285 14.46 -19.87 -27.08
N VAL A 286 15.04 -19.47 -28.21
CA VAL A 286 16.43 -19.05 -28.27
C VAL A 286 16.53 -17.75 -29.03
N ASP A 287 17.46 -16.91 -28.62
CA ASP A 287 17.74 -15.69 -29.36
C ASP A 287 18.28 -16.06 -30.74
N PRO A 288 17.91 -15.33 -31.79
CA PRO A 288 18.47 -15.63 -33.12
C PRO A 288 19.98 -15.55 -33.19
N SER A 289 20.61 -14.71 -32.36
CA SER A 289 22.04 -14.47 -32.47
C SER A 289 22.86 -15.73 -32.30
N VAL A 290 22.30 -16.76 -31.68
CA VAL A 290 22.99 -18.01 -31.40
C VAL A 290 22.50 -19.14 -32.28
N VAL A 291 21.42 -18.94 -33.05
CA VAL A 291 20.79 -20.05 -33.74
C VAL A 291 21.74 -20.69 -34.76
N THR A 292 22.68 -19.93 -35.31
CA THR A 292 23.61 -20.50 -36.27
C THR A 292 24.46 -21.60 -35.65
N LEU A 293 24.66 -21.55 -34.34
CA LEU A 293 25.42 -22.58 -33.65
C LEU A 293 24.64 -23.86 -33.49
N LEU A 294 23.31 -23.81 -33.58
CA LEU A 294 22.48 -25.01 -33.47
C LEU A 294 22.66 -25.84 -34.72
N ARG A 295 23.43 -26.92 -34.61
CA ARG A 295 23.73 -27.79 -35.73
C ARG A 295 23.75 -29.22 -35.24
N GLU A 296 24.02 -30.15 -36.15
CA GLU A 296 24.23 -31.52 -35.75
C GLU A 296 25.46 -31.61 -34.86
N ASN A 297 25.53 -32.70 -34.10
CA ASN A 297 26.51 -32.92 -33.04
C ASN A 297 26.63 -31.71 -32.12
N THR A 298 25.56 -30.93 -31.98
CA THR A 298 25.47 -29.92 -30.94
C THR A 298 24.65 -30.52 -29.81
N ARG A 299 25.27 -30.68 -28.66
CA ARG A 299 24.66 -31.35 -27.52
C ARG A 299 24.22 -30.30 -26.52
N ILE A 300 23.13 -30.61 -25.82
CA ILE A 300 22.61 -29.78 -24.75
C ILE A 300 22.54 -30.64 -23.51
N GLU A 301 23.13 -30.14 -22.42
CA GLU A 301 23.21 -30.88 -21.17
C GLU A 301 22.63 -30.06 -20.04
N LEU A 302 21.91 -30.73 -19.14
CA LEU A 302 21.42 -30.11 -17.91
C LEU A 302 22.58 -30.08 -16.94
N ARG A 303 22.98 -28.88 -16.56
CA ARG A 303 23.94 -28.71 -15.50
C ARG A 303 23.22 -28.60 -14.16
N ASN A 304 23.99 -28.74 -13.08
CA ASN A 304 23.46 -28.65 -11.74
C ASN A 304 24.28 -27.64 -10.94
N PRO A 305 23.65 -26.91 -10.02
CA PRO A 305 24.42 -25.93 -9.22
C PRO A 305 25.35 -26.67 -8.27
N LYS A 306 26.64 -26.52 -8.50
CA LYS A 306 27.67 -27.25 -7.76
C LYS A 306 28.07 -26.49 -6.51
N LEU A 307 28.43 -27.24 -5.47
CA LEU A 307 28.90 -26.68 -4.21
C LEU A 307 30.39 -26.41 -4.34
N SER A 308 30.72 -25.25 -4.89
CA SER A 308 32.12 -24.90 -5.09
C SER A 308 32.81 -24.63 -3.76
N LEU A 309 33.95 -25.27 -3.54
CA LEU A 309 34.71 -25.02 -2.32
C LEU A 309 35.32 -23.63 -2.33
N SER A 310 35.80 -23.18 -3.49
CA SER A 310 36.52 -21.91 -3.58
C SER A 310 35.58 -20.72 -3.61
N ASP A 311 34.75 -20.64 -4.67
CA ASP A 311 33.84 -19.53 -4.88
C ASP A 311 32.43 -20.00 -4.51
N ALA A 312 32.06 -19.77 -3.27
CA ALA A 312 30.73 -20.17 -2.80
C ALA A 312 29.72 -19.25 -3.47
N ASN A 313 29.10 -19.76 -4.54
CA ASN A 313 28.23 -18.96 -5.40
C ASN A 313 26.79 -19.18 -4.96
N LEU A 314 26.24 -18.20 -4.24
CA LEU A 314 24.90 -18.32 -3.69
C LEU A 314 23.85 -18.30 -4.79
N SER A 315 24.02 -17.41 -5.78
CA SER A 315 23.02 -17.26 -6.82
C SER A 315 22.83 -18.56 -7.59
N ALA A 316 23.93 -19.27 -7.84
CA ALA A 316 23.83 -20.55 -8.53
C ALA A 316 22.98 -21.54 -7.73
N LEU A 317 23.21 -21.60 -6.42
CA LEU A 317 22.42 -22.49 -5.58
C LEU A 317 20.95 -22.10 -5.60
N LEU A 318 20.67 -20.81 -5.52
CA LEU A 318 19.28 -20.36 -5.50
C LEU A 318 18.58 -20.66 -6.81
N THR A 319 19.29 -20.48 -7.93
CA THR A 319 18.67 -20.69 -9.23
C THR A 319 18.28 -22.14 -9.45
N GLY A 320 19.03 -23.07 -8.88
CA GLY A 320 18.75 -24.48 -9.11
C GLY A 320 19.35 -24.96 -10.41
N LYS A 321 18.63 -25.87 -11.06
CA LYS A 321 19.12 -26.48 -12.28
C LYS A 321 19.23 -25.46 -13.40
N THR A 322 20.12 -25.75 -14.35
CA THR A 322 20.31 -24.89 -15.51
C THR A 322 20.87 -25.71 -16.64
N PHE A 323 20.47 -25.37 -17.86
CA PHE A 323 20.98 -26.03 -19.04
C PHE A 323 22.32 -25.42 -19.45
N GLU A 324 22.83 -25.90 -20.57
CA GLU A 324 24.10 -25.42 -21.08
C GLU A 324 24.14 -25.68 -22.57
N LEU A 325 24.76 -24.75 -23.29
CA LEU A 325 24.98 -24.87 -24.72
C LEU A 325 26.45 -25.16 -24.96
N VAL A 326 26.72 -26.07 -25.88
CA VAL A 326 28.09 -26.40 -26.26
C VAL A 326 28.07 -26.64 -27.77
N PRO A 327 28.49 -25.67 -28.58
CA PRO A 327 28.22 -25.76 -30.01
C PRO A 327 28.96 -26.93 -30.66
N GLY A 328 28.42 -27.33 -31.81
CA GLY A 328 29.03 -28.36 -32.63
C GLY A 328 29.11 -27.89 -34.06
N ASP A 329 29.24 -28.83 -35.00
CA ASP A 329 29.33 -28.51 -36.41
C ASP A 329 28.55 -29.54 -37.19
N GLY A 330 27.82 -29.08 -38.20
CA GLY A 330 27.05 -29.96 -39.04
C GLY A 330 25.83 -29.24 -39.58
N GLU A 331 24.88 -30.03 -40.04
CA GLU A 331 23.64 -29.48 -40.56
C GLU A 331 22.84 -28.85 -39.43
N PRO A 332 22.08 -27.79 -39.70
CA PRO A 332 21.15 -27.27 -38.70
C PRO A 332 20.10 -28.31 -38.33
N ARG A 333 19.73 -28.32 -37.05
CA ARG A 333 18.68 -29.19 -36.57
C ARG A 333 17.93 -28.47 -35.46
N LYS A 334 16.71 -28.94 -35.20
CA LYS A 334 15.80 -28.29 -34.25
C LYS A 334 15.27 -29.22 -33.19
N GLU A 335 15.42 -30.53 -33.34
CA GLU A 335 15.09 -31.48 -32.30
C GLU A 335 16.37 -31.93 -31.60
N PHE A 336 16.31 -31.98 -30.28
CA PHE A 336 17.47 -32.33 -29.47
C PHE A 336 17.04 -33.25 -28.35
N VAL A 337 18.00 -34.03 -27.87
CA VAL A 337 17.83 -34.88 -26.70
C VAL A 337 18.77 -34.36 -25.63
N VAL A 338 18.21 -34.01 -24.48
CA VAL A 338 19.01 -33.48 -23.40
C VAL A 338 19.72 -34.61 -22.70
N VAL A 339 20.98 -34.40 -22.36
CA VAL A 339 21.80 -35.41 -21.70
C VAL A 339 22.00 -34.99 -20.24
N PRO A 340 22.06 -35.93 -19.30
CA PRO A 340 22.44 -35.54 -17.93
C PRO A 340 23.84 -34.99 -17.89
N GLY A 341 24.08 -34.10 -16.93
CA GLY A 341 25.40 -33.51 -16.79
C GLY A 341 26.47 -34.55 -16.52
N GLU A 342 26.11 -35.64 -15.84
CA GLU A 342 27.07 -36.70 -15.59
C GLU A 342 27.53 -37.36 -16.88
N LYS A 343 26.60 -37.60 -17.80
CA LYS A 343 26.86 -38.31 -19.04
C LYS A 343 27.24 -37.38 -20.18
N ALA A 344 27.62 -36.14 -19.87
CA ALA A 344 27.99 -35.21 -20.92
C ALA A 344 29.20 -35.70 -21.70
N LEU A 345 30.19 -36.25 -21.00
CA LEU A 345 31.38 -36.77 -21.66
C LEU A 345 31.03 -37.90 -22.60
N LEU A 346 30.00 -38.68 -22.27
CA LEU A 346 29.65 -39.84 -23.08
C LEU A 346 29.13 -39.42 -24.44
N HIS A 347 28.20 -38.48 -24.48
CA HIS A 347 27.57 -38.06 -25.74
C HIS A 347 28.42 -36.97 -26.36
N GLU A 348 29.51 -37.39 -26.98
CA GLU A 348 30.44 -36.50 -27.64
C GLU A 348 30.78 -37.04 -29.02
N PRO A 349 31.16 -36.17 -29.97
CA PRO A 349 31.61 -36.67 -31.27
C PRO A 349 32.78 -37.62 -31.18
N ASP A 350 33.73 -37.35 -30.28
CA ASP A 350 34.91 -38.17 -30.08
C ASP A 350 35.10 -38.42 -28.60
N VAL A 351 35.12 -39.69 -28.22
CA VAL A 351 35.26 -40.08 -26.82
C VAL A 351 35.67 -41.54 -26.81
N LEU A 352 36.54 -41.89 -25.86
CA LEU A 352 37.07 -43.25 -25.79
C LEU A 352 36.27 -44.01 -24.74
N THR A 353 35.35 -44.85 -25.20
CA THR A 353 34.45 -45.58 -24.32
C THR A 353 34.99 -46.97 -24.07
N LEU A 354 35.06 -47.36 -22.79
CA LEU A 354 35.62 -48.64 -22.39
C LEU A 354 34.67 -49.33 -21.41
N THR A 355 34.81 -50.65 -21.34
CA THR A 355 34.01 -51.47 -20.43
C THR A 355 34.92 -52.21 -19.46
N ALA A 366 30.52 -43.97 -9.14
CA ALA A 366 30.18 -44.23 -10.52
C ALA A 366 30.56 -43.06 -11.42
N GLY A 367 30.67 -41.88 -10.80
CA GLY A 367 31.18 -40.71 -11.49
C GLY A 367 32.62 -40.45 -11.10
N GLN A 368 33.32 -41.50 -10.69
CA GLN A 368 34.67 -41.33 -10.17
C GLN A 368 35.62 -40.87 -11.28
N PRO A 369 36.70 -40.19 -10.92
CA PRO A 369 37.68 -39.77 -11.93
C PRO A 369 38.66 -40.89 -12.25
N LEU A 370 39.48 -40.62 -13.27
CA LEU A 370 40.53 -41.54 -13.68
C LEU A 370 41.90 -40.88 -13.63
N GLN A 376 43.12 -35.44 -13.43
CA GLN A 376 42.12 -36.33 -14.02
C GLN A 376 42.30 -36.41 -15.52
N VAL A 377 42.02 -37.59 -16.08
CA VAL A 377 42.14 -37.83 -17.51
C VAL A 377 40.89 -38.52 -18.05
N GLY A 378 39.85 -38.61 -17.23
CA GLY A 378 38.66 -39.33 -17.61
C GLY A 378 37.79 -39.55 -16.40
N GLN A 379 36.62 -40.13 -16.64
CA GLN A 379 35.63 -40.31 -15.60
C GLN A 379 34.92 -41.63 -15.81
N VAL A 380 34.45 -42.20 -14.69
CA VAL A 380 33.62 -43.40 -14.76
C VAL A 380 32.23 -43.02 -15.24
N ILE A 381 31.67 -43.86 -16.10
CA ILE A 381 30.34 -43.62 -16.63
C ILE A 381 29.28 -44.36 -15.84
N ASP A 382 29.47 -45.65 -15.59
CA ASP A 382 28.46 -46.41 -14.86
C ASP A 382 29.07 -47.69 -14.30
N ARG A 383 28.33 -48.29 -13.39
CA ARG A 383 28.63 -49.57 -12.76
C ARG A 383 27.54 -50.58 -13.11
N LYS A 384 27.71 -51.79 -12.60
CA LYS A 384 26.67 -52.81 -12.68
C LYS A 384 26.85 -53.86 -11.59
N THR A 391 29.97 -54.73 -13.78
CA THR A 391 30.73 -54.22 -14.92
C THR A 391 30.88 -52.71 -14.83
N PHE A 392 32.08 -52.23 -15.14
CA PHE A 392 32.39 -50.81 -15.14
C PHE A 392 32.46 -50.32 -16.58
N THR A 393 31.71 -49.26 -16.87
CA THR A 393 31.82 -48.53 -18.12
C THR A 393 32.41 -47.16 -17.83
N VAL A 394 33.42 -46.79 -18.60
CA VAL A 394 34.21 -45.59 -18.37
C VAL A 394 34.43 -44.88 -19.70
N ALA A 395 34.88 -43.63 -19.59
CA ALA A 395 35.14 -42.80 -20.76
C ALA A 395 36.41 -41.99 -20.55
N ILE A 396 37.12 -41.75 -21.65
CA ILE A 396 38.28 -40.88 -21.68
C ILE A 396 38.03 -39.79 -22.70
N GLU A 397 38.56 -38.59 -22.41
CA GLU A 397 38.39 -37.45 -23.28
C GLU A 397 39.07 -37.69 -24.63
N PRO A 398 38.62 -37.02 -25.68
CA PRO A 398 39.27 -37.19 -26.99
C PRO A 398 40.67 -36.60 -27.05
N GLN A 399 40.94 -35.50 -26.34
CA GLN A 399 42.27 -34.91 -26.35
C GLN A 399 43.29 -35.79 -25.63
N HIS A 400 42.87 -36.46 -24.56
CA HIS A 400 43.72 -37.42 -23.86
C HIS A 400 43.70 -38.79 -24.53
N ARG A 401 42.97 -38.94 -25.63
CA ARG A 401 42.88 -40.21 -26.33
C ARG A 401 44.24 -40.60 -26.91
N GLY B 5 -58.54 10.64 -11.04
CA GLY B 5 -57.86 10.62 -9.76
C GLY B 5 -58.46 9.63 -8.79
N ASN B 6 -57.59 9.02 -7.97
CA ASN B 6 -58.02 8.04 -6.98
C ASN B 6 -57.47 8.41 -5.61
N THR B 7 -57.59 7.49 -4.65
CA THR B 7 -57.10 7.70 -3.31
C THR B 7 -56.54 6.38 -2.78
N VAL B 8 -55.31 6.41 -2.31
CA VAL B 8 -54.71 5.24 -1.67
C VAL B 8 -53.96 5.68 -0.43
N THR B 9 -54.22 5.00 0.69
CA THR B 9 -53.57 5.27 1.96
C THR B 9 -52.45 4.26 2.15
N ILE B 10 -51.23 4.76 2.29
CA ILE B 10 -50.05 3.93 2.48
C ILE B 10 -49.45 4.25 3.83
N ASP B 11 -49.07 3.22 4.57
CA ASP B 11 -48.45 3.38 5.88
C ASP B 11 -46.93 3.41 5.70
N PHE B 12 -46.31 4.46 6.22
CA PHE B 12 -44.88 4.63 6.22
C PHE B 12 -44.39 4.70 7.65
N MET B 13 -43.31 3.97 7.94
CA MET B 13 -42.60 4.14 9.20
C MET B 13 -42.00 5.55 9.27
N SER B 14 -41.43 6.01 8.17
CA SER B 14 -40.87 7.35 8.08
C SER B 14 -41.11 7.88 6.68
N ALA B 15 -41.17 9.21 6.57
CA ALA B 15 -41.44 9.89 5.30
C ALA B 15 -40.55 11.13 5.28
N ASP B 16 -39.32 10.96 4.80
CA ASP B 16 -38.26 11.92 5.08
C ASP B 16 -38.37 13.17 4.23
N GLY B 17 -38.17 13.04 2.93
CA GLY B 17 -38.07 14.16 2.03
C GLY B 17 -39.26 14.27 1.09
N ILE B 18 -40.45 14.05 1.64
CA ILE B 18 -41.67 13.96 0.86
C ILE B 18 -42.50 15.21 1.11
N VAL B 19 -43.08 15.76 0.05
CA VAL B 19 -43.99 16.90 0.14
C VAL B 19 -45.28 16.48 -0.57
N PRO B 20 -46.47 16.84 -0.06
CA PRO B 20 -47.71 16.43 -0.75
C PRO B 20 -47.80 16.96 -2.17
N GLY B 21 -47.26 18.15 -2.43
CA GLY B 21 -47.37 18.75 -3.74
C GLY B 21 -46.79 17.92 -4.85
N ARG B 22 -45.46 17.70 -4.83
CA ARG B 22 -44.75 17.00 -5.89
C ARG B 22 -43.98 15.83 -5.28
N THR B 23 -44.63 14.67 -5.25
CA THR B 23 -43.96 13.40 -4.97
C THR B 23 -44.49 12.40 -5.98
N PRO B 24 -44.09 12.53 -7.25
CA PRO B 24 -44.72 11.76 -8.32
C PRO B 24 -44.43 10.28 -8.19
N VAL B 25 -45.50 9.49 -8.15
CA VAL B 25 -45.38 8.05 -8.03
C VAL B 25 -44.98 7.46 -9.37
N ARG B 26 -43.91 6.67 -9.36
CA ARG B 26 -43.34 6.12 -10.59
C ARG B 26 -43.39 4.59 -10.57
N TYR B 27 -43.57 4.02 -11.75
CA TYR B 27 -43.52 2.57 -11.98
C TYR B 27 -42.54 2.34 -13.11
N GLN B 28 -41.28 2.10 -12.76
CA GLN B 28 -40.17 2.12 -13.71
C GLN B 28 -40.00 3.51 -14.31
N GLY B 29 -40.47 4.54 -13.60
CA GLY B 29 -40.24 5.91 -13.96
C GLY B 29 -41.44 6.61 -14.56
N VAL B 30 -42.40 5.87 -15.09
CA VAL B 30 -43.62 6.46 -15.64
C VAL B 30 -44.49 6.93 -14.48
N GLU B 31 -44.94 8.17 -14.54
CA GLU B 31 -45.69 8.73 -13.42
C GLU B 31 -47.06 8.09 -13.35
N VAL B 32 -47.36 7.45 -12.22
CA VAL B 32 -48.68 6.86 -11.98
C VAL B 32 -49.62 7.85 -11.31
N GLY B 33 -49.11 8.94 -10.76
CA GLY B 33 -49.92 9.89 -10.04
C GLY B 33 -49.04 10.70 -9.11
N THR B 34 -49.67 11.32 -8.12
CA THR B 34 -48.95 12.14 -7.17
C THR B 34 -49.55 11.93 -5.78
N VAL B 35 -48.72 12.15 -4.77
CA VAL B 35 -49.20 12.12 -3.40
C VAL B 35 -50.21 13.23 -3.19
N GLN B 36 -51.33 12.90 -2.55
CA GLN B 36 -52.33 13.89 -2.19
C GLN B 36 -52.03 14.54 -0.86
N ASP B 37 -51.60 13.76 0.12
CA ASP B 37 -51.40 14.27 1.47
C ASP B 37 -50.49 13.34 2.23
N ILE B 38 -49.83 13.90 3.24
CA ILE B 38 -49.05 13.15 4.21
C ILE B 38 -49.52 13.56 5.60
N SER B 39 -49.81 12.58 6.45
CA SER B 39 -50.27 12.85 7.81
C SER B 39 -49.90 11.66 8.68
N LEU B 40 -50.32 11.72 9.94
CA LEU B 40 -50.06 10.65 10.89
C LEU B 40 -51.30 10.41 11.74
N SER B 41 -51.35 9.23 12.34
CA SER B 41 -52.48 8.82 13.17
C SER B 41 -51.98 8.46 14.57
N ASP B 42 -52.60 9.06 15.58
CA ASP B 42 -52.33 8.81 17.00
C ASP B 42 -50.83 8.74 17.32
N ASP B 43 -50.03 9.49 16.58
CA ASP B 43 -48.62 9.73 16.90
C ASP B 43 -47.85 8.43 17.09
N LEU B 44 -48.16 7.42 16.29
CA LEU B 44 -47.58 6.09 16.43
C LEU B 44 -46.83 5.68 15.16
N ARG B 45 -46.27 6.65 14.46
CA ARG B 45 -45.42 6.42 13.29
C ARG B 45 -46.15 5.75 12.14
N LYS B 46 -47.48 5.72 12.18
CA LYS B 46 -48.28 5.18 11.09
C LYS B 46 -48.55 6.30 10.09
N ILE B 47 -47.47 6.70 9.41
CA ILE B 47 -47.55 7.85 8.53
C ILE B 47 -48.44 7.48 7.35
N GLU B 48 -49.65 8.00 7.35
CA GLU B 48 -50.60 7.73 6.29
C GLU B 48 -50.38 8.73 5.16
N VAL B 49 -50.08 8.21 3.98
CA VAL B 49 -49.89 9.01 2.79
C VAL B 49 -51.06 8.71 1.86
N LYS B 50 -51.85 9.73 1.58
CA LYS B 50 -52.92 9.66 0.60
C LYS B 50 -52.35 10.00 -0.76
N VAL B 51 -52.63 9.15 -1.74
CA VAL B 51 -52.02 9.24 -3.06
C VAL B 51 -53.10 9.22 -4.12
N SER B 52 -52.94 10.09 -5.12
CA SER B 52 -53.77 10.08 -6.30
C SER B 52 -53.15 9.17 -7.35
N ILE B 53 -54.00 8.47 -8.09
CA ILE B 53 -53.56 7.50 -9.08
C ILE B 53 -54.36 7.70 -10.36
N LYS B 54 -53.70 7.56 -11.50
CA LYS B 54 -54.40 7.57 -12.76
C LYS B 54 -55.23 6.29 -12.90
N SER B 55 -56.46 6.45 -13.37
CA SER B 55 -57.41 5.34 -13.38
C SER B 55 -56.95 4.18 -14.25
N ASP B 56 -56.03 4.42 -15.19
CA ASP B 56 -55.53 3.33 -16.02
C ASP B 56 -54.84 2.28 -15.18
N MET B 57 -54.05 2.70 -14.20
CA MET B 57 -53.38 1.78 -13.29
C MET B 57 -54.28 1.31 -12.16
N LYS B 58 -55.45 1.93 -11.99
CA LYS B 58 -56.32 1.59 -10.87
C LYS B 58 -56.75 0.13 -10.89
N ASP B 59 -56.95 -0.43 -12.08
CA ASP B 59 -57.41 -1.81 -12.18
C ASP B 59 -56.39 -2.77 -11.59
N ALA B 60 -55.12 -2.60 -11.93
CA ALA B 60 -54.08 -3.47 -11.44
C ALA B 60 -53.77 -3.25 -9.97
N LEU B 61 -54.24 -2.16 -9.39
CA LEU B 61 -54.03 -1.89 -7.98
C LEU B 61 -54.74 -2.95 -7.14
N ARG B 62 -53.97 -3.81 -6.48
CA ARG B 62 -54.52 -4.97 -5.80
C ARG B 62 -53.76 -5.17 -4.49
N GLU B 63 -54.05 -6.29 -3.83
CA GLU B 63 -53.50 -6.54 -2.50
C GLU B 63 -51.98 -6.62 -2.53
N GLU B 64 -51.43 -7.32 -3.51
CA GLU B 64 -50.00 -7.56 -3.58
C GLU B 64 -49.23 -6.39 -4.17
N THR B 65 -49.90 -5.28 -4.45
CA THR B 65 -49.20 -4.10 -4.95
C THR B 65 -48.28 -3.57 -3.88
N GLN B 66 -46.98 -3.58 -4.15
CA GLN B 66 -45.96 -3.13 -3.21
C GLN B 66 -45.57 -1.68 -3.50
N PHE B 67 -45.15 -0.98 -2.45
CA PHE B 67 -44.71 0.40 -2.53
C PHE B 67 -43.47 0.59 -1.70
N TRP B 68 -42.68 1.59 -2.07
CA TRP B 68 -41.50 1.93 -1.29
C TRP B 68 -41.07 3.34 -1.64
N LEU B 69 -40.27 3.92 -0.75
CA LEU B 69 -39.69 5.24 -0.94
C LEU B 69 -38.26 5.10 -1.45
N VAL B 70 -37.99 5.63 -2.63
CA VAL B 70 -36.62 5.76 -3.08
C VAL B 70 -36.00 6.99 -2.43
N THR B 71 -34.67 6.99 -2.35
CA THR B 71 -33.97 8.06 -1.64
C THR B 71 -32.55 8.13 -2.19
N PRO B 72 -31.94 9.31 -2.23
CA PRO B 72 -30.50 9.36 -2.51
C PRO B 72 -29.72 8.63 -1.45
N LYS B 73 -28.67 7.93 -1.86
CA LYS B 73 -27.86 7.10 -0.97
C LYS B 73 -26.39 7.35 -1.30
N ALA B 74 -25.80 8.31 -0.60
CA ALA B 74 -24.38 8.60 -0.68
C ALA B 74 -23.59 7.93 0.43
N SER B 75 -24.11 6.84 0.99
CA SER B 75 -23.50 6.18 2.13
C SER B 75 -22.28 5.38 1.66
N LEU B 76 -21.72 4.59 2.56
CA LEU B 76 -20.54 3.80 2.23
C LEU B 76 -20.84 2.78 1.14
N ALA B 77 -22.00 2.14 1.21
CA ALA B 77 -22.43 1.15 0.23
C ALA B 77 -23.74 1.67 -0.34
N GLY B 78 -23.64 2.55 -1.34
CA GLY B 78 -24.81 3.03 -2.04
C GLY B 78 -24.49 4.16 -3.00
N VAL B 79 -25.04 4.07 -4.21
CA VAL B 79 -24.91 5.12 -5.21
C VAL B 79 -26.28 5.39 -5.85
N SER B 80 -27.34 4.80 -5.28
CA SER B 80 -28.67 4.85 -5.90
C SER B 80 -29.37 6.18 -5.56
N GLY B 81 -28.75 7.27 -5.99
CA GLY B 81 -29.37 8.58 -5.94
C GLY B 81 -29.27 9.25 -7.29
N LEU B 82 -29.21 8.42 -8.35
CA LEU B 82 -29.02 8.95 -9.69
C LEU B 82 -30.18 9.84 -10.11
N ASP B 83 -31.41 9.41 -9.80
CA ASP B 83 -32.61 10.13 -10.20
C ASP B 83 -33.19 10.97 -9.08
N ALA B 84 -33.07 10.53 -7.83
CA ALA B 84 -33.67 11.25 -6.72
C ALA B 84 -33.02 12.62 -6.53
N LEU B 85 -31.73 12.74 -6.86
CA LEU B 85 -31.07 14.04 -6.77
C LEU B 85 -31.62 15.01 -7.80
N VAL B 86 -31.99 14.52 -8.98
CA VAL B 86 -32.46 15.36 -10.06
C VAL B 86 -33.97 15.53 -9.96
N GLY B 87 -34.69 14.41 -10.02
CA GLY B 87 -36.14 14.42 -9.97
C GLY B 87 -36.75 14.49 -8.61
N GLY B 88 -35.94 14.52 -7.54
CA GLY B 88 -36.46 14.56 -6.19
C GLY B 88 -36.88 13.20 -5.70
N ASN B 89 -37.20 13.13 -4.41
CA ASN B 89 -37.60 11.88 -3.78
C ASN B 89 -38.97 11.49 -4.30
N TYR B 90 -39.01 10.55 -5.24
CA TYR B 90 -40.24 9.94 -5.67
C TYR B 90 -40.44 8.65 -4.90
N ILE B 91 -41.45 7.88 -5.27
CA ILE B 91 -41.69 6.58 -4.68
C ILE B 91 -41.92 5.58 -5.80
N GLY B 92 -41.50 4.35 -5.57
CA GLY B 92 -41.64 3.29 -6.54
C GLY B 92 -42.70 2.29 -6.11
N MET B 93 -43.33 1.66 -7.10
CA MET B 93 -44.38 0.69 -6.85
C MET B 93 -44.20 -0.49 -7.78
N MET B 94 -44.80 -1.61 -7.39
CA MET B 94 -44.88 -2.81 -8.22
C MET B 94 -46.32 -3.31 -8.16
N PRO B 95 -47.00 -3.51 -9.28
CA PRO B 95 -48.36 -4.05 -9.22
C PRO B 95 -48.34 -5.49 -8.75
N GLY B 96 -49.48 -5.90 -8.17
CA GLY B 96 -49.66 -7.26 -7.71
C GLY B 96 -50.95 -7.83 -8.27
N LYS B 97 -51.01 -9.16 -8.27
CA LYS B 97 -52.17 -9.90 -8.74
C LYS B 97 -53.02 -10.36 -7.57
N GLY B 98 -53.14 -9.52 -6.54
CA GLY B 98 -54.00 -9.81 -5.41
C GLY B 98 -55.46 -9.73 -5.79
N LYS B 99 -56.33 -9.46 -4.83
CA LYS B 99 -57.73 -9.20 -5.13
C LYS B 99 -58.00 -7.72 -5.21
N GLU B 100 -57.80 -7.02 -4.09
CA GLU B 100 -58.00 -5.59 -4.01
C GLU B 100 -57.58 -5.13 -2.62
N GLN B 101 -57.08 -3.90 -2.54
CA GLN B 101 -56.80 -3.28 -1.26
C GLN B 101 -56.65 -1.79 -1.48
N ASP B 102 -56.95 -1.02 -0.44
CA ASP B 102 -56.83 0.43 -0.45
C ASP B 102 -55.89 0.94 0.63
N HIS B 103 -55.76 0.23 1.73
CA HIS B 103 -54.84 0.59 2.80
C HIS B 103 -53.61 -0.31 2.71
N PHE B 104 -52.44 0.32 2.64
CA PHE B 104 -51.19 -0.38 2.33
C PHE B 104 -50.11 0.03 3.31
N VAL B 105 -49.05 -0.78 3.30
CA VAL B 105 -47.83 -0.51 4.06
C VAL B 105 -46.68 -0.44 3.08
N ALA B 106 -45.94 0.66 3.14
CA ALA B 106 -44.81 0.83 2.24
C ALA B 106 -43.67 -0.10 2.65
N LEU B 107 -43.10 -0.79 1.67
CA LEU B 107 -41.91 -1.59 1.93
C LEU B 107 -40.75 -0.68 2.29
N ASP B 108 -39.87 -1.17 3.17
CA ASP B 108 -38.82 -0.33 3.71
C ASP B 108 -37.87 0.15 2.62
N THR B 109 -37.53 -0.73 1.68
CA THR B 109 -36.59 -0.43 0.61
C THR B 109 -37.18 -0.88 -0.71
N GLN B 110 -36.41 -0.67 -1.78
CA GLN B 110 -36.83 -1.09 -3.10
C GLN B 110 -36.61 -2.59 -3.24
N PRO B 111 -37.65 -3.39 -3.48
CA PRO B 111 -37.45 -4.84 -3.58
C PRO B 111 -36.88 -5.23 -4.94
N LYS B 112 -36.35 -6.45 -4.97
CA LYS B 112 -35.77 -6.99 -6.19
C LYS B 112 -36.88 -7.42 -7.14
N TYR B 113 -36.75 -7.02 -8.41
CA TYR B 113 -37.75 -7.29 -9.44
C TYR B 113 -37.17 -8.17 -10.53
N ARG B 114 -38.02 -8.99 -11.12
CA ARG B 114 -37.62 -9.94 -12.15
C ARG B 114 -38.09 -9.45 -13.52
N LEU B 115 -37.14 -9.34 -14.44
CA LEU B 115 -37.48 -8.99 -15.81
C LEU B 115 -38.23 -10.15 -16.46
N ASP B 116 -39.30 -9.82 -17.18
CA ASP B 116 -40.13 -10.84 -17.80
C ASP B 116 -39.46 -11.50 -19.00
N ASN B 117 -38.40 -10.91 -19.55
CA ASN B 117 -37.80 -11.41 -20.78
C ASN B 117 -37.21 -12.80 -20.57
N GLY B 118 -36.68 -13.35 -21.64
CA GLY B 118 -36.07 -14.67 -21.58
C GLY B 118 -34.62 -14.60 -21.18
N ASP B 119 -34.36 -14.78 -19.90
CA ASP B 119 -33.04 -14.88 -19.32
C ASP B 119 -32.95 -16.22 -18.61
N LEU B 120 -31.86 -16.45 -17.89
CA LEU B 120 -31.71 -17.66 -17.10
C LEU B 120 -31.47 -17.30 -15.65
N MET B 121 -32.11 -18.05 -14.76
CA MET B 121 -32.00 -17.89 -13.32
C MET B 121 -31.51 -19.21 -12.77
N ILE B 122 -30.46 -19.17 -11.96
CA ILE B 122 -29.92 -20.40 -11.39
C ILE B 122 -29.47 -20.18 -9.95
N HIS B 123 -29.35 -21.30 -9.23
CA HIS B 123 -29.09 -21.31 -7.80
C HIS B 123 -27.71 -21.89 -7.53
N LEU B 124 -26.96 -21.18 -6.70
CA LEU B 124 -25.66 -21.63 -6.21
C LEU B 124 -25.76 -21.90 -4.73
N GLN B 125 -25.28 -23.07 -4.31
CA GLN B 125 -25.16 -23.40 -2.90
C GLN B 125 -23.75 -23.05 -2.45
N ALA B 126 -23.65 -22.39 -1.30
CA ALA B 126 -22.35 -22.02 -0.78
C ALA B 126 -22.42 -22.02 0.75
N PRO B 127 -21.44 -22.60 1.43
CA PRO B 127 -21.47 -22.53 2.90
C PRO B 127 -21.36 -21.13 3.43
N ASP B 128 -20.81 -20.20 2.66
CA ASP B 128 -20.69 -18.81 3.06
C ASP B 128 -20.81 -17.94 1.82
N LEU B 129 -21.13 -16.66 2.05
CA LEU B 129 -21.35 -15.75 0.94
C LEU B 129 -20.03 -15.34 0.29
N GLY B 130 -18.99 -15.17 1.09
CA GLY B 130 -17.82 -14.50 0.58
C GLY B 130 -18.12 -13.02 0.46
N SER B 131 -17.25 -12.32 -0.28
CA SER B 131 -17.41 -10.89 -0.50
C SER B 131 -18.25 -10.61 -1.73
N LEU B 132 -19.43 -11.22 -1.80
CA LEU B 132 -20.34 -11.11 -2.93
C LEU B 132 -21.53 -10.27 -2.52
N ASN B 133 -21.40 -8.96 -2.71
CA ASN B 133 -22.53 -8.08 -2.51
C ASN B 133 -23.46 -8.13 -3.72
N SER B 134 -24.73 -7.85 -3.48
CA SER B 134 -25.71 -7.81 -4.56
C SER B 134 -25.27 -6.82 -5.62
N GLY B 135 -25.09 -7.33 -6.85
CA GLY B 135 -24.49 -6.59 -7.93
C GLY B 135 -23.15 -7.14 -8.37
N SER B 136 -22.57 -8.03 -7.58
CA SER B 136 -21.31 -8.66 -7.98
C SER B 136 -21.51 -9.40 -9.29
N LEU B 137 -20.43 -9.52 -10.05
CA LEU B 137 -20.49 -9.77 -11.47
C LEU B 137 -20.02 -11.17 -11.83
N VAL B 138 -20.66 -11.74 -12.84
CA VAL B 138 -20.39 -13.11 -13.29
C VAL B 138 -19.62 -13.07 -14.60
N TYR B 139 -18.54 -13.82 -14.66
CA TYR B 139 -17.64 -13.81 -15.80
C TYR B 139 -17.54 -15.18 -16.46
N PHE B 140 -17.39 -15.13 -17.77
CA PHE B 140 -16.91 -16.24 -18.57
C PHE B 140 -15.65 -15.73 -19.28
N ARG B 141 -14.49 -16.25 -18.87
CA ARG B 141 -13.22 -15.81 -19.42
C ARG B 141 -13.03 -14.31 -19.21
N LYS B 142 -13.45 -13.84 -18.05
CA LYS B 142 -13.41 -12.43 -17.64
C LYS B 142 -14.33 -11.54 -18.47
N ILE B 143 -15.19 -12.12 -19.29
CA ILE B 143 -16.24 -11.37 -19.98
C ILE B 143 -17.49 -11.41 -19.10
N PRO B 144 -18.02 -10.25 -18.66
CA PRO B 144 -19.27 -10.29 -17.90
C PRO B 144 -20.41 -10.82 -18.74
N VAL B 145 -21.16 -11.76 -18.16
CA VAL B 145 -22.26 -12.40 -18.86
C VAL B 145 -23.49 -12.50 -17.97
N GLY B 146 -23.49 -11.79 -16.86
CA GLY B 146 -24.56 -11.88 -15.89
C GLY B 146 -24.07 -11.42 -14.54
N LYS B 147 -25.02 -11.27 -13.62
CA LYS B 147 -24.74 -10.69 -12.32
C LYS B 147 -25.49 -11.45 -11.25
N VAL B 148 -25.18 -11.10 -10.01
CA VAL B 148 -25.88 -11.65 -8.86
C VAL B 148 -27.21 -10.96 -8.71
N TYR B 149 -28.28 -11.74 -8.57
CA TYR B 149 -29.60 -11.19 -8.36
C TYR B 149 -29.92 -11.05 -6.87
N ASP B 150 -29.81 -12.14 -6.12
CA ASP B 150 -30.11 -12.08 -4.69
C ASP B 150 -29.42 -13.22 -3.97
N TYR B 151 -29.43 -13.14 -2.65
CA TYR B 151 -28.91 -14.18 -1.78
C TYR B 151 -29.85 -14.36 -0.60
N ALA B 152 -29.85 -15.56 -0.04
CA ALA B 152 -30.71 -15.88 1.08
C ALA B 152 -30.14 -17.10 1.79
N ILE B 153 -30.80 -17.48 2.88
CA ILE B 153 -30.38 -18.57 3.73
C ILE B 153 -31.37 -19.71 3.57
N ASN B 154 -30.85 -20.90 3.32
CA ASN B 154 -31.70 -22.07 3.24
C ASN B 154 -32.35 -22.32 4.59
N PRO B 155 -33.46 -23.06 4.63
CA PRO B 155 -34.14 -23.30 5.92
C PRO B 155 -33.23 -23.91 6.96
N ASN B 156 -32.34 -24.81 6.56
CA ASN B 156 -31.28 -25.24 7.45
C ASN B 156 -30.27 -24.12 7.60
N LYS B 157 -29.69 -24.01 8.78
CA LYS B 157 -28.74 -22.95 9.07
C LYS B 157 -27.32 -23.33 8.68
N GLN B 158 -27.16 -24.34 7.83
CA GLN B 158 -25.86 -24.87 7.44
C GLN B 158 -25.51 -24.53 6.01
N GLY B 159 -25.98 -23.41 5.49
CA GLY B 159 -25.65 -23.07 4.12
C GLY B 159 -26.30 -21.77 3.70
N VAL B 160 -26.01 -21.42 2.46
CA VAL B 160 -26.47 -20.19 1.84
C VAL B 160 -26.85 -20.51 0.40
N VAL B 161 -27.97 -19.95 -0.04
CA VAL B 161 -28.45 -20.13 -1.40
C VAL B 161 -28.44 -18.78 -2.09
N ILE B 162 -27.63 -18.65 -3.11
CA ILE B 162 -27.60 -17.47 -3.97
C ILE B 162 -28.41 -17.80 -5.20
N ASP B 163 -29.13 -16.82 -5.74
CA ASP B 163 -29.81 -16.97 -7.01
C ASP B 163 -29.34 -15.86 -7.92
N VAL B 164 -28.94 -16.23 -9.13
CA VAL B 164 -28.20 -15.34 -10.03
C VAL B 164 -28.83 -15.37 -11.40
N LEU B 165 -28.50 -14.33 -12.15
CA LEU B 165 -29.09 -14.00 -13.43
C LEU B 165 -28.05 -14.15 -14.52
N ILE B 166 -28.49 -14.65 -15.68
CA ILE B 166 -27.64 -14.78 -16.86
C ILE B 166 -28.42 -14.26 -18.05
N GLU B 167 -27.74 -13.45 -18.86
CA GLU B 167 -28.38 -12.80 -19.99
C GLU B 167 -28.82 -13.83 -21.02
N ARG B 168 -29.74 -13.41 -21.87
CA ARG B 168 -30.29 -14.29 -22.89
C ARG B 168 -29.21 -14.80 -23.83
N ARG B 169 -28.38 -13.90 -24.36
CA ARG B 169 -27.44 -14.24 -25.41
C ARG B 169 -26.35 -15.21 -24.95
N PHE B 170 -26.29 -15.54 -23.66
CA PHE B 170 -25.33 -16.50 -23.13
C PHE B 170 -25.99 -17.68 -22.46
N THR B 171 -27.30 -17.86 -22.61
CA THR B 171 -27.98 -18.97 -21.94
C THR B 171 -27.46 -20.33 -22.39
N ASP B 172 -26.81 -20.40 -23.56
CA ASP B 172 -26.24 -21.65 -24.03
C ASP B 172 -24.95 -22.02 -23.31
N LEU B 173 -24.29 -21.06 -22.66
CA LEU B 173 -22.99 -21.33 -22.05
C LEU B 173 -23.09 -22.14 -20.78
N VAL B 174 -24.24 -22.18 -20.14
CA VAL B 174 -24.39 -22.84 -18.85
C VAL B 174 -24.81 -24.27 -19.10
N LYS B 175 -23.96 -25.20 -18.70
CA LYS B 175 -24.19 -26.63 -18.85
C LYS B 175 -24.36 -27.28 -17.49
N LYS B 176 -24.82 -28.53 -17.53
CA LYS B 176 -24.97 -29.29 -16.29
C LYS B 176 -23.62 -29.49 -15.61
N GLY B 177 -22.59 -29.80 -16.38
CA GLY B 177 -21.27 -30.00 -15.84
C GLY B 177 -20.49 -28.75 -15.60
N SER B 178 -21.06 -27.59 -15.92
CA SER B 178 -20.35 -26.33 -15.75
C SER B 178 -20.04 -26.08 -14.29
N ARG B 179 -18.86 -25.53 -14.03
CA ARG B 179 -18.38 -25.29 -12.69
C ARG B 179 -18.25 -23.80 -12.43
N PHE B 180 -18.72 -23.37 -11.27
CA PHE B 180 -18.65 -21.99 -10.81
C PHE B 180 -17.63 -21.89 -9.69
N TRP B 181 -16.84 -20.82 -9.71
CA TRP B 181 -15.92 -20.57 -8.61
C TRP B 181 -15.85 -19.09 -8.32
N ASN B 182 -15.64 -18.79 -7.04
CA ASN B 182 -15.56 -17.42 -6.57
C ASN B 182 -14.24 -16.80 -6.96
N VAL B 183 -14.29 -15.53 -7.36
CA VAL B 183 -13.10 -14.73 -7.61
C VAL B 183 -13.37 -13.39 -6.94
N SER B 184 -12.73 -13.17 -5.80
CA SER B 184 -13.01 -12.01 -4.97
C SER B 184 -11.92 -11.91 -3.91
N GLY B 185 -11.71 -10.71 -3.41
CA GLY B 185 -10.64 -10.48 -2.46
C GLY B 185 -9.29 -10.61 -3.14
N VAL B 186 -8.26 -10.14 -2.44
CA VAL B 186 -6.91 -10.11 -2.98
C VAL B 186 -5.95 -10.57 -1.90
N ASP B 187 -4.98 -11.40 -2.30
CA ASP B 187 -3.96 -11.89 -1.39
C ASP B 187 -2.56 -11.64 -1.95
N ALA B 188 -1.55 -12.15 -1.25
CA ALA B 188 -0.19 -12.19 -1.73
C ALA B 188 0.15 -13.62 -2.13
N ASN B 189 0.93 -13.76 -3.20
CA ASN B 189 1.37 -15.05 -3.71
C ASN B 189 2.89 -15.08 -3.58
N VAL B 190 3.37 -15.48 -2.42
CA VAL B 190 4.81 -15.55 -2.16
C VAL B 190 5.32 -16.92 -2.56
N SER B 191 6.36 -16.93 -3.38
CA SER B 191 7.02 -18.15 -3.80
C SER B 191 8.49 -18.08 -3.44
N ILE B 192 9.12 -19.25 -3.36
CA ILE B 192 10.53 -19.31 -3.01
C ILE B 192 11.37 -18.82 -4.18
N SER B 193 12.46 -18.13 -3.87
CA SER B 193 13.41 -17.65 -4.87
C SER B 193 12.74 -16.71 -5.87
N GLY B 194 11.85 -15.85 -5.38
CA GLY B 194 11.13 -14.91 -6.20
C GLY B 194 9.64 -15.03 -6.01
N ALA B 195 8.92 -13.92 -6.21
CA ALA B 195 7.49 -13.89 -5.94
C ALA B 195 6.83 -12.83 -6.81
N LYS B 196 5.55 -13.04 -7.10
CA LYS B 196 4.75 -12.07 -7.83
C LYS B 196 3.33 -12.14 -7.31
N VAL B 197 2.64 -10.99 -7.35
CA VAL B 197 1.34 -10.83 -6.69
C VAL B 197 0.37 -10.27 -7.72
N LYS B 198 -0.34 -11.16 -8.41
CA LYS B 198 -1.44 -10.79 -9.29
C LYS B 198 -2.57 -11.77 -9.06
N LEU B 199 -3.71 -11.28 -8.58
CA LEU B 199 -4.87 -12.14 -8.37
C LEU B 199 -6.07 -11.75 -9.22
N GLU B 200 -6.57 -10.51 -9.13
CA GLU B 200 -7.88 -10.19 -9.66
C GLU B 200 -7.94 -8.74 -10.11
N SER B 201 -9.04 -8.40 -10.77
CA SER B 201 -9.29 -7.07 -11.29
C SER B 201 -9.87 -6.16 -10.22
N LEU B 202 -9.80 -4.85 -10.47
CA LEU B 202 -10.21 -3.87 -9.47
C LEU B 202 -11.69 -4.03 -9.11
N ALA B 203 -12.54 -4.18 -10.11
CA ALA B 203 -13.96 -4.38 -9.82
C ALA B 203 -14.19 -5.69 -9.07
N ALA B 204 -13.44 -6.72 -9.43
CA ALA B 204 -13.56 -8.01 -8.76
C ALA B 204 -13.27 -7.87 -7.27
N LEU B 205 -12.43 -6.92 -6.88
CA LEU B 205 -12.09 -6.69 -5.49
C LEU B 205 -13.04 -5.72 -4.80
N VAL B 206 -13.48 -4.70 -5.50
CA VAL B 206 -14.41 -3.75 -4.90
C VAL B 206 -15.76 -4.39 -4.65
N ASN B 207 -16.20 -5.25 -5.56
CA ASN B 207 -17.54 -5.80 -5.54
C ASN B 207 -17.60 -7.30 -5.30
N GLY B 208 -16.50 -8.01 -5.53
CA GLY B 208 -16.53 -9.46 -5.59
C GLY B 208 -17.03 -9.92 -6.94
N ALA B 209 -16.76 -11.18 -7.25
CA ALA B 209 -17.14 -11.69 -8.55
C ALA B 209 -17.17 -13.21 -8.55
N ILE B 210 -17.79 -13.74 -9.59
CA ILE B 210 -17.83 -15.16 -9.84
C ILE B 210 -17.32 -15.37 -11.25
N ALA B 211 -16.72 -16.53 -11.49
CA ALA B 211 -16.34 -16.97 -12.82
C ALA B 211 -16.88 -18.38 -13.00
N PHE B 212 -17.09 -18.75 -14.25
CA PHE B 212 -17.57 -20.11 -14.49
C PHE B 212 -17.03 -20.65 -15.80
N ASP B 213 -16.88 -21.96 -15.82
CA ASP B 213 -16.42 -22.70 -16.98
C ASP B 213 -17.48 -23.71 -17.40
N SER B 214 -17.52 -23.97 -18.70
CA SER B 214 -18.53 -24.84 -19.30
C SER B 214 -17.85 -25.98 -20.04
N PRO B 215 -18.08 -27.24 -19.69
CA PRO B 215 -17.56 -28.32 -20.53
C PRO B 215 -18.22 -28.32 -21.90
N GLU B 216 -17.44 -28.76 -22.88
CA GLU B 216 -17.91 -28.71 -24.27
C GLU B 216 -19.09 -29.64 -24.50
N GLU B 217 -19.08 -30.81 -23.86
CA GLU B 217 -19.98 -31.90 -24.24
C GLU B 217 -21.28 -31.93 -23.43
N SER B 218 -21.29 -31.32 -22.24
CA SER B 218 -22.45 -31.44 -21.38
C SER B 218 -23.68 -30.79 -22.03
N LYS B 219 -24.83 -31.03 -21.43
CA LYS B 219 -26.09 -30.46 -21.86
C LYS B 219 -26.36 -29.13 -21.17
N PRO B 220 -27.15 -28.25 -21.78
CA PRO B 220 -27.41 -26.95 -21.17
C PRO B 220 -28.32 -27.08 -19.95
N ALA B 221 -27.93 -26.43 -18.87
CA ALA B 221 -28.76 -26.40 -17.68
C ALA B 221 -29.90 -25.41 -17.85
N GLU B 222 -30.91 -25.54 -17.00
CA GLU B 222 -32.10 -24.72 -17.14
C GLU B 222 -32.90 -24.76 -15.86
N ALA B 223 -33.79 -23.76 -15.73
CA ALA B 223 -34.91 -23.80 -14.79
C ALA B 223 -34.43 -23.96 -13.34
N GLU B 224 -33.73 -22.92 -12.88
CA GLU B 224 -33.34 -22.80 -11.48
C GLU B 224 -32.52 -24.00 -11.03
N ASP B 225 -31.76 -24.61 -11.94
CA ASP B 225 -30.94 -25.75 -11.58
C ASP B 225 -29.88 -25.32 -10.57
N THR B 226 -29.73 -26.12 -9.52
CA THR B 226 -28.77 -25.81 -8.49
C THR B 226 -27.36 -26.11 -8.99
N PHE B 227 -26.40 -25.44 -8.36
CA PHE B 227 -24.99 -25.65 -8.66
C PHE B 227 -24.20 -25.43 -7.38
N GLY B 228 -22.97 -25.95 -7.38
CA GLY B 228 -22.07 -25.81 -6.24
C GLY B 228 -21.00 -24.78 -6.55
N LEU B 229 -20.76 -23.91 -5.59
CA LEU B 229 -19.72 -22.89 -5.70
C LEU B 229 -18.45 -23.40 -5.04
N TYR B 230 -17.33 -23.18 -5.71
CA TYR B 230 -16.02 -23.54 -5.18
C TYR B 230 -15.29 -22.27 -4.78
N GLU B 231 -14.70 -22.31 -3.58
CA GLU B 231 -14.12 -21.11 -2.99
C GLU B 231 -13.03 -20.51 -3.86
N ASP B 232 -12.38 -21.33 -4.68
CA ASP B 232 -11.28 -20.85 -5.50
C ASP B 232 -11.19 -21.68 -6.77
N LEU B 233 -10.49 -21.12 -7.75
CA LEU B 233 -10.28 -21.82 -9.01
C LEU B 233 -9.60 -23.17 -8.78
N ALA B 234 -8.68 -23.22 -7.82
CA ALA B 234 -7.97 -24.46 -7.56
C ALA B 234 -8.91 -25.55 -7.09
N HIS B 235 -9.80 -25.21 -6.15
CA HIS B 235 -10.76 -26.19 -5.64
C HIS B 235 -11.76 -26.61 -6.71
N SER B 236 -11.90 -25.83 -7.77
CA SER B 236 -12.80 -26.14 -8.86
C SER B 236 -12.17 -27.04 -9.90
N GLN B 237 -10.90 -27.40 -9.73
CA GLN B 237 -10.19 -28.18 -10.73
C GLN B 237 -10.87 -29.53 -10.93
N ARG B 238 -10.96 -29.94 -12.20
CA ARG B 238 -11.59 -31.19 -12.57
C ARG B 238 -10.55 -32.29 -12.54
N GLY B 239 -10.43 -32.95 -11.40
CA GLY B 239 -9.54 -34.08 -11.25
C GLY B 239 -10.22 -35.18 -10.47
N VAL B 240 -9.64 -36.35 -10.54
CA VAL B 240 -10.21 -37.52 -9.92
C VAL B 240 -9.79 -37.58 -8.46
N ILE B 241 -10.67 -38.14 -7.65
CA ILE B 241 -10.49 -38.20 -6.20
C ILE B 241 -9.95 -39.56 -5.81
N ILE B 242 -9.05 -39.56 -4.83
CA ILE B 242 -8.42 -40.78 -4.34
C ILE B 242 -8.39 -40.73 -2.82
N LYS B 243 -8.82 -41.81 -2.19
CA LYS B 243 -8.80 -41.95 -0.75
C LYS B 243 -7.49 -42.59 -0.29
N LEU B 244 -6.92 -42.04 0.78
CA LEU B 244 -5.63 -42.47 1.28
C LEU B 244 -5.72 -42.73 2.77
N GLU B 245 -5.21 -43.88 3.20
CA GLU B 245 -4.97 -44.18 4.60
C GLU B 245 -3.50 -43.89 4.89
N LEU B 246 -3.24 -43.03 5.86
CA LEU B 246 -1.90 -42.52 6.09
C LEU B 246 -1.32 -43.04 7.40
N PRO B 247 0.01 -43.13 7.51
CA PRO B 247 0.61 -43.42 8.82
C PRO B 247 0.43 -42.26 9.79
N SER B 248 0.87 -41.07 9.38
CA SER B 248 0.74 -39.87 10.19
C SER B 248 1.04 -38.63 9.36
N GLY B 249 0.21 -37.61 9.49
CA GLY B 249 0.36 -36.40 8.71
C GLY B 249 1.24 -35.39 9.41
N ALA B 250 2.47 -35.80 9.73
CA ALA B 250 3.38 -34.92 10.48
C ALA B 250 3.67 -33.65 9.71
N GLY B 251 4.12 -33.79 8.46
CA GLY B 251 4.48 -32.66 7.63
C GLY B 251 3.45 -32.37 6.55
N LEU B 252 2.41 -33.18 6.46
CA LEU B 252 1.44 -33.04 5.39
C LEU B 252 0.54 -31.84 5.62
N THR B 253 0.15 -31.20 4.52
CA THR B 253 -0.74 -30.05 4.55
C THR B 253 -1.86 -30.26 3.54
N ALA B 254 -3.05 -29.79 3.90
CA ALA B 254 -4.26 -30.24 3.24
C ALA B 254 -4.35 -29.77 1.78
N ASP B 255 -3.67 -28.67 1.42
CA ASP B 255 -3.76 -28.14 0.07
C ASP B 255 -2.42 -27.62 -0.43
N SER B 256 -1.32 -28.11 0.14
CA SER B 256 0.01 -27.70 -0.29
C SER B 256 0.88 -28.90 -0.64
N THR B 257 0.56 -30.06 -0.07
CA THR B 257 1.32 -31.26 -0.36
C THR B 257 1.01 -31.73 -1.77
N PRO B 258 2.00 -31.81 -2.67
CA PRO B 258 1.71 -32.27 -4.03
C PRO B 258 1.97 -33.75 -4.20
N LEU B 259 1.63 -34.24 -5.39
CA LEU B 259 1.96 -35.57 -5.84
C LEU B 259 2.97 -35.48 -6.97
N MET B 260 4.07 -36.20 -6.85
CA MET B 260 5.13 -36.16 -7.84
C MET B 260 5.04 -37.38 -8.76
N TYR B 261 5.46 -37.17 -10.00
CA TYR B 261 5.67 -38.27 -10.93
C TYR B 261 6.61 -37.77 -12.02
N GLN B 262 7.72 -38.48 -12.21
CA GLN B 262 8.73 -38.12 -13.18
C GLN B 262 9.25 -36.71 -12.94
N GLY B 263 9.23 -36.27 -11.69
CA GLY B 263 9.71 -34.96 -11.32
C GLY B 263 8.68 -33.86 -11.39
N LEU B 264 7.45 -34.17 -11.80
CA LEU B 264 6.43 -33.16 -12.03
C LEU B 264 5.25 -33.32 -11.09
N GLU B 265 4.64 -32.19 -10.75
CA GLU B 265 3.41 -32.20 -9.96
C GLU B 265 2.26 -32.63 -10.83
N VAL B 266 1.53 -33.65 -10.38
CA VAL B 266 0.37 -34.16 -11.09
C VAL B 266 -0.87 -34.08 -10.22
N GLY B 267 -0.66 -34.19 -8.90
CA GLY B 267 -1.77 -34.23 -7.97
C GLY B 267 -1.50 -33.33 -6.79
N GLN B 268 -2.55 -33.13 -6.01
CA GLN B 268 -2.49 -32.23 -4.86
C GLN B 268 -3.39 -32.83 -3.79
N LEU B 269 -2.82 -33.05 -2.61
CA LEU B 269 -3.65 -33.44 -1.48
C LEU B 269 -4.70 -32.36 -1.24
N THR B 270 -5.91 -32.79 -0.92
CA THR B 270 -7.03 -31.89 -0.73
C THR B 270 -7.55 -31.90 0.69
N LYS B 271 -7.81 -33.07 1.26
CA LYS B 271 -8.37 -33.20 2.59
C LYS B 271 -7.46 -34.06 3.44
N LEU B 272 -7.36 -33.68 4.72
CA LEU B 272 -6.52 -34.35 5.69
C LEU B 272 -7.27 -34.35 7.02
N ASP B 273 -7.65 -35.53 7.50
CA ASP B 273 -8.52 -35.63 8.66
C ASP B 273 -8.06 -36.77 9.55
N LEU B 274 -8.43 -36.65 10.83
CA LEU B 274 -8.18 -37.67 11.83
C LEU B 274 -9.45 -38.47 12.03
N ASN B 275 -9.36 -39.76 11.85
CA ASN B 275 -10.46 -40.64 12.15
C ASN B 275 -10.38 -41.13 13.59
N PRO B 276 -11.50 -41.55 14.18
CA PRO B 276 -11.44 -42.13 15.51
C PRO B 276 -10.59 -43.39 15.52
N GLY B 277 -9.97 -43.65 16.67
CA GLY B 277 -9.01 -44.73 16.79
C GLY B 277 -7.59 -44.36 16.45
N GLY B 278 -7.33 -43.07 16.15
CA GLY B 278 -6.00 -42.61 15.85
C GLY B 278 -5.61 -42.74 14.40
N LYS B 279 -6.46 -43.33 13.56
CA LYS B 279 -6.14 -43.44 12.15
C LYS B 279 -6.31 -42.11 11.46
N VAL B 280 -5.42 -41.85 10.51
CA VAL B 280 -5.41 -40.61 9.74
C VAL B 280 -5.76 -40.97 8.30
N THR B 281 -6.69 -40.21 7.72
CA THR B 281 -7.11 -40.44 6.35
C THR B 281 -7.19 -39.11 5.61
N GLY B 282 -6.84 -39.16 4.33
CA GLY B 282 -6.90 -37.99 3.48
C GLY B 282 -7.49 -38.34 2.14
N GLU B 283 -7.70 -37.30 1.34
CA GLU B 283 -8.17 -37.48 -0.02
C GLU B 283 -7.45 -36.49 -0.91
N MET B 284 -7.19 -36.93 -2.13
CA MET B 284 -6.30 -36.25 -3.05
C MET B 284 -6.97 -36.11 -4.41
N THR B 285 -6.63 -35.04 -5.11
CA THR B 285 -7.04 -34.83 -6.49
C THR B 285 -5.87 -35.15 -7.42
N VAL B 286 -6.19 -35.73 -8.56
CA VAL B 286 -5.19 -36.06 -9.58
C VAL B 286 -5.66 -35.59 -10.93
N ASP B 287 -4.71 -35.17 -11.76
CA ASP B 287 -5.04 -34.83 -13.13
C ASP B 287 -5.53 -36.08 -13.87
N PRO B 288 -6.52 -35.97 -14.74
CA PRO B 288 -6.96 -37.15 -15.51
C PRO B 288 -5.85 -37.79 -16.33
N SER B 289 -4.88 -37.00 -16.79
CA SER B 289 -3.88 -37.51 -17.72
C SER B 289 -3.09 -38.68 -17.15
N VAL B 290 -3.07 -38.83 -15.84
CA VAL B 290 -2.32 -39.89 -15.16
C VAL B 290 -3.24 -40.96 -14.59
N VAL B 291 -4.56 -40.76 -14.61
CA VAL B 291 -5.44 -41.66 -13.89
C VAL B 291 -5.37 -43.09 -14.44
N THR B 292 -5.04 -43.25 -15.72
CA THR B 292 -4.95 -44.59 -16.28
C THR B 292 -3.86 -45.41 -15.61
N LEU B 293 -2.85 -44.75 -15.05
CA LEU B 293 -1.78 -45.44 -14.35
C LEU B 293 -2.23 -45.93 -12.98
N LEU B 294 -3.28 -45.36 -12.41
CA LEU B 294 -3.80 -45.81 -11.13
C LEU B 294 -4.45 -47.17 -11.29
N ARG B 295 -3.76 -48.20 -10.85
CA ARG B 295 -4.23 -49.57 -10.98
C ARG B 295 -3.84 -50.34 -9.74
N GLU B 296 -4.20 -51.62 -9.71
CA GLU B 296 -3.72 -52.47 -8.64
C GLU B 296 -2.21 -52.59 -8.71
N ASN B 297 -1.62 -52.99 -7.58
CA ASN B 297 -0.17 -53.00 -7.36
C ASN B 297 0.48 -51.68 -7.77
N THR B 298 -0.27 -50.59 -7.73
CA THR B 298 0.30 -49.26 -7.83
C THR B 298 0.44 -48.71 -6.42
N ARG B 299 1.67 -48.47 -6.01
CA ARG B 299 1.98 -48.05 -4.66
C ARG B 299 2.26 -46.57 -4.64
N ILE B 300 1.91 -45.94 -3.52
CA ILE B 300 2.18 -44.53 -3.29
C ILE B 300 2.98 -44.43 -2.01
N GLU B 301 4.11 -43.75 -2.05
CA GLU B 301 5.02 -43.64 -0.93
C GLU B 301 5.29 -42.17 -0.63
N LEU B 302 5.36 -41.86 0.66
CA LEU B 302 5.76 -40.53 1.12
C LEU B 302 7.27 -40.48 1.05
N ARG B 303 7.78 -39.58 0.21
CA ARG B 303 9.20 -39.31 0.19
C ARG B 303 9.52 -38.19 1.16
N ASN B 304 10.81 -38.03 1.45
CA ASN B 304 11.29 -37.00 2.35
C ASN B 304 12.38 -36.20 1.67
N PRO B 305 12.50 -34.90 1.94
CA PRO B 305 13.56 -34.11 1.31
C PRO B 305 14.92 -34.52 1.86
N LYS B 306 15.73 -35.11 1.01
CA LYS B 306 17.02 -35.67 1.41
C LYS B 306 18.11 -34.62 1.34
N LEU B 307 19.09 -34.76 2.22
CA LEU B 307 20.25 -33.87 2.28
C LEU B 307 21.28 -34.39 1.29
N SER B 308 21.13 -34.01 0.03
CA SER B 308 22.04 -34.47 -1.01
C SER B 308 23.42 -33.84 -0.83
N LEU B 309 24.45 -34.69 -0.84
CA LEU B 309 25.82 -34.18 -0.73
C LEU B 309 26.23 -33.45 -2.01
N SER B 310 25.80 -33.97 -3.17
CA SER B 310 26.25 -33.42 -4.45
C SER B 310 25.46 -32.18 -4.83
N ASP B 311 24.15 -32.34 -5.04
CA ASP B 311 23.28 -31.26 -5.48
C ASP B 311 22.47 -30.78 -4.28
N ALA B 312 23.00 -29.78 -3.58
CA ALA B 312 22.31 -29.22 -2.42
C ALA B 312 21.07 -28.49 -2.91
N ASN B 313 19.92 -29.17 -2.82
CA ASN B 313 18.67 -28.69 -3.40
C ASN B 313 17.89 -27.98 -2.32
N LEU B 314 17.91 -26.65 -2.35
CA LEU B 314 17.25 -25.86 -1.32
C LEU B 314 15.74 -25.98 -1.40
N SER B 315 15.19 -25.95 -2.62
CA SER B 315 13.74 -25.97 -2.79
C SER B 315 13.15 -27.24 -2.20
N ALA B 316 13.85 -28.37 -2.36
CA ALA B 316 13.36 -29.62 -1.78
C ALA B 316 13.28 -29.52 -0.27
N LEU B 317 14.31 -28.96 0.36
CA LEU B 317 14.30 -28.79 1.80
C LEU B 317 13.16 -27.89 2.24
N LEU B 318 12.95 -26.78 1.52
CA LEU B 318 11.90 -25.84 1.90
C LEU B 318 10.52 -26.47 1.76
N THR B 319 10.32 -27.26 0.70
CA THR B 319 9.01 -27.85 0.46
C THR B 319 8.63 -28.84 1.54
N GLY B 320 9.60 -29.52 2.13
CA GLY B 320 9.30 -30.53 3.13
C GLY B 320 8.92 -31.85 2.49
N LYS B 321 7.98 -32.54 3.13
CA LYS B 321 7.58 -33.86 2.68
C LYS B 321 6.88 -33.79 1.33
N THR B 322 6.95 -34.89 0.59
CA THR B 322 6.30 -34.99 -0.71
C THR B 322 6.01 -36.45 -1.01
N PHE B 323 4.91 -36.69 -1.70
CA PHE B 323 4.54 -38.03 -2.10
C PHE B 323 5.26 -38.40 -3.39
N GLU B 324 4.95 -39.57 -3.90
CA GLU B 324 5.55 -40.06 -5.13
C GLU B 324 4.61 -41.07 -5.75
N LEU B 325 4.57 -41.07 -7.07
CA LEU B 325 3.81 -42.03 -7.84
C LEU B 325 4.78 -43.01 -8.48
N VAL B 326 4.41 -44.29 -8.47
CA VAL B 326 5.21 -45.32 -9.11
C VAL B 326 4.22 -46.30 -9.73
N PRO B 327 3.96 -46.24 -11.03
CA PRO B 327 2.83 -46.97 -11.59
C PRO B 327 3.01 -48.47 -11.48
N GLY B 328 1.88 -49.15 -11.53
CA GLY B 328 1.83 -50.59 -11.55
C GLY B 328 0.94 -51.08 -12.67
N ASP B 329 0.46 -52.31 -12.56
CA ASP B 329 -0.41 -52.90 -13.58
C ASP B 329 -1.48 -53.72 -12.88
N GLY B 330 -2.70 -53.62 -13.38
CA GLY B 330 -3.80 -54.37 -12.83
C GLY B 330 -5.10 -53.62 -13.02
N GLU B 331 -6.09 -54.03 -12.24
CA GLU B 331 -7.38 -53.37 -12.31
C GLU B 331 -7.28 -51.96 -11.75
N PRO B 332 -8.07 -51.02 -12.27
CA PRO B 332 -8.13 -49.69 -11.64
C PRO B 332 -8.65 -49.79 -10.22
N ARG B 333 -8.10 -48.93 -9.36
CA ARG B 333 -8.54 -48.83 -7.97
C ARG B 333 -8.41 -47.39 -7.53
N LYS B 334 -9.15 -47.05 -6.47
CA LYS B 334 -9.24 -45.68 -5.99
C LYS B 334 -8.91 -45.53 -4.51
N GLU B 335 -8.84 -46.61 -3.77
CA GLU B 335 -8.37 -46.59 -2.38
C GLU B 335 -6.94 -47.08 -2.33
N PHE B 336 -6.11 -46.38 -1.57
CA PHE B 336 -4.70 -46.70 -1.47
C PHE B 336 -4.25 -46.55 -0.03
N VAL B 337 -3.18 -47.27 0.29
CA VAL B 337 -2.51 -47.17 1.59
C VAL B 337 -1.12 -46.62 1.33
N VAL B 338 -0.81 -45.50 1.95
CA VAL B 338 0.49 -44.88 1.76
C VAL B 338 1.52 -45.63 2.58
N VAL B 339 2.69 -45.83 1.99
CA VAL B 339 3.78 -46.56 2.63
C VAL B 339 4.86 -45.55 3.01
N PRO B 340 5.56 -45.73 4.13
CA PRO B 340 6.72 -44.88 4.40
C PRO B 340 7.80 -45.07 3.34
N GLY B 341 8.57 -44.02 3.11
CA GLY B 341 9.64 -44.09 2.13
C GLY B 341 10.66 -45.15 2.48
N GLU B 342 10.87 -45.41 3.76
CA GLU B 342 11.80 -46.45 4.17
C GLU B 342 11.33 -47.83 3.72
N LYS B 343 10.04 -48.09 3.86
CA LYS B 343 9.46 -49.39 3.58
C LYS B 343 8.95 -49.50 2.14
N ALA B 344 9.40 -48.63 1.25
CA ALA B 344 8.96 -48.69 -0.13
C ALA B 344 9.38 -49.99 -0.77
N LEU B 345 10.61 -50.43 -0.51
CA LEU B 345 11.09 -51.68 -1.09
C LEU B 345 10.25 -52.86 -0.61
N LEU B 346 9.73 -52.78 0.60
CA LEU B 346 8.97 -53.90 1.15
C LEU B 346 7.68 -54.12 0.40
N HIS B 347 6.90 -53.06 0.18
CA HIS B 347 5.59 -53.17 -0.46
C HIS B 347 5.79 -53.09 -1.97
N GLU B 348 6.23 -54.21 -2.53
CA GLU B 348 6.46 -54.33 -3.96
C GLU B 348 5.82 -55.62 -4.48
N PRO B 349 5.47 -55.68 -5.76
CA PRO B 349 4.98 -56.94 -6.31
C PRO B 349 5.96 -58.08 -6.17
N ASP B 350 7.25 -57.82 -6.35
CA ASP B 350 8.30 -58.82 -6.26
C ASP B 350 9.42 -58.26 -5.40
N VAL B 351 9.74 -58.97 -4.33
CA VAL B 351 10.78 -58.56 -3.39
C VAL B 351 11.14 -59.78 -2.56
N LEU B 352 12.43 -59.90 -2.25
CA LEU B 352 12.93 -61.06 -1.52
C LEU B 352 13.05 -60.68 -0.05
N THR B 353 12.08 -61.13 0.75
CA THR B 353 12.00 -60.78 2.15
C THR B 353 12.63 -61.88 3.00
N LEU B 354 13.53 -61.49 3.89
CA LEU B 354 14.26 -62.43 4.73
C LEU B 354 14.21 -61.98 6.18
N THR B 355 14.41 -62.94 7.07
CA THR B 355 14.43 -62.69 8.51
C THR B 355 15.78 -63.09 9.09
N ALA B 366 18.91 -49.65 10.93
CA ALA B 366 17.75 -50.44 10.55
C ALA B 366 17.40 -50.25 9.08
N GLY B 367 17.86 -49.12 8.52
CA GLY B 367 17.74 -48.88 7.10
C GLY B 367 19.08 -49.11 6.42
N GLN B 368 19.91 -49.95 7.02
CA GLN B 368 21.26 -50.13 6.52
C GLN B 368 21.23 -50.81 5.16
N PRO B 369 22.26 -50.60 4.34
CA PRO B 369 22.32 -51.28 3.04
C PRO B 369 22.90 -52.68 3.16
N LEU B 370 22.84 -53.39 2.04
CA LEU B 370 23.40 -54.74 1.96
C LEU B 370 24.45 -54.83 0.86
N GLN B 376 25.30 -51.36 -3.42
CA GLN B 376 24.19 -51.88 -2.63
C GLN B 376 23.34 -52.84 -3.45
N VAL B 377 22.80 -53.86 -2.78
CA VAL B 377 21.98 -54.86 -3.43
C VAL B 377 20.71 -55.12 -2.61
N GLY B 378 20.46 -54.28 -1.63
CA GLY B 378 19.34 -54.48 -0.74
C GLY B 378 19.49 -53.60 0.49
N GLN B 379 18.46 -53.64 1.33
CA GLN B 379 18.40 -52.77 2.49
C GLN B 379 17.77 -53.52 3.65
N VAL B 380 18.17 -53.13 4.86
CA VAL B 380 17.55 -53.65 6.06
C VAL B 380 16.17 -53.04 6.23
N ILE B 381 15.22 -53.87 6.64
CA ILE B 381 13.84 -53.40 6.83
C ILE B 381 13.59 -53.04 8.29
N ASP B 382 13.95 -53.91 9.22
CA ASP B 382 13.69 -53.62 10.63
C ASP B 382 14.56 -54.49 11.52
N ARG B 383 14.62 -54.11 12.79
CA ARG B 383 15.31 -54.81 13.84
C ARG B 383 14.31 -55.25 14.91
N LYS B 384 14.81 -55.91 15.94
CA LYS B 384 14.00 -56.23 17.10
C LYS B 384 14.90 -56.48 18.32
N THR B 391 15.87 -59.65 16.24
CA THR B 391 15.66 -60.23 14.93
C THR B 391 15.79 -59.18 13.84
N PHE B 392 16.46 -59.52 12.77
CA PHE B 392 16.65 -58.64 11.62
C PHE B 392 15.74 -59.09 10.49
N THR B 393 14.94 -58.17 9.97
CA THR B 393 14.18 -58.37 8.75
C THR B 393 14.77 -57.49 7.66
N VAL B 394 15.01 -58.09 6.49
CA VAL B 394 15.71 -57.45 5.40
C VAL B 394 14.99 -57.74 4.10
N ALA B 395 15.35 -56.99 3.07
CA ALA B 395 14.75 -57.14 1.74
C ALA B 395 15.81 -57.01 0.67
N ILE B 396 15.63 -57.75 -0.41
CA ILE B 396 16.45 -57.64 -1.61
C ILE B 396 15.55 -57.31 -2.79
N GLU B 397 16.09 -56.53 -3.71
CA GLU B 397 15.36 -56.11 -4.89
C GLU B 397 15.00 -57.30 -5.77
N PRO B 398 13.93 -57.20 -6.56
CA PRO B 398 13.59 -58.32 -7.46
C PRO B 398 14.59 -58.55 -8.57
N GLN B 399 15.21 -57.48 -9.10
CA GLN B 399 16.18 -57.65 -10.16
C GLN B 399 17.46 -58.33 -9.67
N HIS B 400 17.88 -58.04 -8.45
CA HIS B 400 19.00 -58.71 -7.82
C HIS B 400 18.60 -60.05 -7.21
N ARG B 401 17.34 -60.45 -7.33
CA ARG B 401 16.86 -61.70 -6.77
C ARG B 401 17.52 -62.88 -7.46
N GLY C 5 -51.46 27.37 15.82
CA GLY C 5 -50.11 27.75 16.16
C GLY C 5 -49.89 27.82 17.66
N ASN C 6 -48.69 27.44 18.09
CA ASN C 6 -48.33 27.45 19.50
C ASN C 6 -47.03 28.21 19.71
N THR C 7 -46.46 28.12 20.91
CA THR C 7 -45.21 28.78 21.24
C THR C 7 -44.41 27.87 22.15
N VAL C 8 -43.16 27.61 21.77
CA VAL C 8 -42.25 26.84 22.63
C VAL C 8 -40.89 27.51 22.61
N THR C 9 -40.33 27.73 23.80
CA THR C 9 -39.00 28.32 23.96
C THR C 9 -38.00 27.21 24.21
N ILE C 10 -37.01 27.11 23.34
CA ILE C 10 -35.98 26.09 23.44
C ILE C 10 -34.64 26.80 23.64
N ASP C 11 -33.84 26.28 24.56
CA ASP C 11 -32.52 26.82 24.83
C ASP C 11 -31.49 26.09 23.98
N PHE C 12 -30.72 26.87 23.22
CA PHE C 12 -29.64 26.36 22.39
C PHE C 12 -28.33 26.96 22.85
N MET C 13 -27.31 26.11 22.99
CA MET C 13 -25.96 26.61 23.18
C MET C 13 -25.50 27.39 21.97
N SER C 14 -25.81 26.89 20.77
CA SER C 14 -25.49 27.55 19.53
C SER C 14 -26.61 27.29 18.54
N ALA C 15 -26.78 28.22 17.59
CA ALA C 15 -27.83 28.16 16.57
C ALA C 15 -27.21 28.65 15.27
N ASP C 16 -26.60 27.73 14.53
CA ASP C 16 -25.64 28.11 13.50
C ASP C 16 -26.33 28.61 12.23
N GLY C 17 -27.03 27.71 11.54
CA GLY C 17 -27.58 28.01 10.23
C GLY C 17 -29.09 28.10 10.25
N ILE C 18 -29.63 28.75 11.27
CA ILE C 18 -31.06 28.80 11.52
C ILE C 18 -31.56 30.20 11.21
N VAL C 19 -32.71 30.28 10.55
CA VAL C 19 -33.37 31.55 10.25
C VAL C 19 -34.79 31.43 10.80
N PRO C 20 -35.36 32.48 11.42
CA PRO C 20 -36.74 32.35 11.93
C PRO C 20 -37.76 32.02 10.86
N GLY C 21 -37.57 32.49 9.64
CA GLY C 21 -38.53 32.27 8.58
C GLY C 21 -38.79 30.82 8.27
N ARG C 22 -37.78 30.10 7.80
CA ARG C 22 -37.91 28.71 7.36
C ARG C 22 -36.89 27.85 8.11
N THR C 23 -37.32 27.32 9.26
CA THR C 23 -36.59 26.27 9.96
C THR C 23 -37.62 25.23 10.38
N PRO C 24 -38.14 24.47 9.41
CA PRO C 24 -39.31 23.61 9.69
C PRO C 24 -38.96 22.49 10.64
N VAL C 25 -39.71 22.41 11.73
CA VAL C 25 -39.49 21.38 12.74
C VAL C 25 -40.05 20.06 12.23
N ARG C 26 -39.22 19.01 12.26
CA ARG C 26 -39.56 17.72 11.72
C ARG C 26 -39.54 16.65 12.80
N TYR C 27 -40.44 15.68 12.66
CA TYR C 27 -40.50 14.49 13.51
C TYR C 27 -40.50 13.29 12.59
N GLN C 28 -39.30 12.75 12.33
CA GLN C 28 -39.09 11.78 11.26
C GLN C 28 -39.41 12.37 9.90
N GLY C 29 -39.33 13.70 9.80
CA GLY C 29 -39.44 14.40 8.54
C GLY C 29 -40.77 15.11 8.33
N VAL C 30 -41.81 14.70 9.04
CA VAL C 30 -43.10 15.37 8.94
C VAL C 30 -43.01 16.71 9.66
N GLU C 31 -43.43 17.78 8.99
CA GLU C 31 -43.28 19.10 9.57
C GLU C 31 -44.26 19.28 10.71
N VAL C 32 -43.71 19.55 11.91
CA VAL C 32 -44.53 19.84 13.08
C VAL C 32 -44.84 21.32 13.22
N GLY C 33 -44.12 22.18 12.50
CA GLY C 33 -44.29 23.61 12.63
C GLY C 33 -43.05 24.30 12.12
N THR C 34 -42.89 25.56 12.53
CA THR C 34 -41.73 26.35 12.12
C THR C 34 -41.28 27.21 13.29
N VAL C 35 -40.00 27.55 13.26
CA VAL C 35 -39.46 28.48 14.25
C VAL C 35 -40.12 29.83 14.08
N GLN C 36 -40.54 30.42 15.20
CA GLN C 36 -41.08 31.76 15.20
C GLN C 36 -40.01 32.82 15.30
N ASP C 37 -39.01 32.58 16.16
CA ASP C 37 -37.99 33.60 16.42
C ASP C 37 -36.77 32.94 17.02
N ILE C 38 -35.63 33.60 16.85
CA ILE C 38 -34.38 33.24 17.49
C ILE C 38 -33.85 34.48 18.17
N SER C 39 -33.47 34.36 19.44
CA SER C 39 -32.94 35.48 20.19
C SER C 39 -32.05 34.93 21.31
N LEU C 40 -31.54 35.84 22.14
CA LEU C 40 -30.67 35.47 23.25
C LEU C 40 -31.05 36.30 24.47
N SER C 41 -30.66 35.79 25.64
CA SER C 41 -30.95 36.43 26.91
C SER C 41 -29.64 36.70 27.65
N ASP C 42 -29.47 37.95 28.07
CA ASP C 42 -28.32 38.43 28.87
C ASP C 42 -26.98 37.89 28.35
N ASP C 43 -26.89 37.67 27.03
CA ASP C 43 -25.63 37.41 26.35
C ASP C 43 -24.87 36.23 26.97
N LEU C 44 -25.59 35.21 27.41
CA LEU C 44 -25.02 34.08 28.11
C LEU C 44 -25.28 32.77 27.36
N ARG C 45 -25.35 32.85 26.03
CA ARG C 45 -25.46 31.68 25.16
C ARG C 45 -26.75 30.90 25.38
N LYS C 46 -27.73 31.49 26.08
CA LYS C 46 -29.03 30.87 26.27
C LYS C 46 -29.92 31.24 25.09
N ILE C 47 -29.57 30.69 23.93
CA ILE C 47 -30.25 31.09 22.70
C ILE C 47 -31.67 30.57 22.76
N GLU C 48 -32.61 31.47 23.00
CA GLU C 48 -34.02 31.13 23.10
C GLU C 48 -34.62 31.14 21.70
N VAL C 49 -35.14 30.00 21.29
CA VAL C 49 -35.82 29.86 20.01
C VAL C 49 -37.30 29.65 20.31
N LYS C 50 -38.12 30.59 19.84
CA LYS C 50 -39.56 30.47 19.89
C LYS C 50 -40.04 29.74 18.65
N VAL C 51 -40.86 28.72 18.86
CA VAL C 51 -41.27 27.81 17.80
C VAL C 51 -42.78 27.69 17.79
N SER C 52 -43.34 27.72 16.58
CA SER C 52 -44.75 27.43 16.37
C SER C 52 -44.93 25.94 16.14
N ILE C 53 -46.03 25.41 16.64
CA ILE C 53 -46.32 23.99 16.58
C ILE C 53 -47.77 23.79 16.16
N LYS C 54 -48.01 22.80 15.32
CA LYS C 54 -49.38 22.42 15.00
C LYS C 54 -50.04 21.79 16.21
N SER C 55 -51.29 22.19 16.46
CA SER C 55 -51.98 21.80 17.69
C SER C 55 -52.16 20.29 17.80
N ASP C 56 -52.10 19.56 16.69
CA ASP C 56 -52.23 18.10 16.75
C ASP C 56 -51.11 17.50 17.59
N MET C 57 -49.89 17.99 17.43
CA MET C 57 -48.76 17.51 18.21
C MET C 57 -48.69 18.18 19.59
N LYS C 58 -49.47 19.23 19.82
CA LYS C 58 -49.37 19.98 21.07
C LYS C 58 -49.67 19.09 22.28
N ASP C 59 -50.58 18.13 22.13
CA ASP C 59 -50.95 17.28 23.26
C ASP C 59 -49.77 16.46 23.75
N ALA C 60 -49.03 15.86 22.82
CA ALA C 60 -47.89 15.02 23.18
C ALA C 60 -46.71 15.84 23.65
N LEU C 61 -46.72 17.15 23.43
CA LEU C 61 -45.64 18.01 23.90
C LEU C 61 -45.59 18.00 25.41
N ARG C 62 -44.54 17.40 25.97
CA ARG C 62 -44.48 17.18 27.41
C ARG C 62 -43.03 17.39 27.87
N GLU C 63 -42.78 17.07 29.13
CA GLU C 63 -41.49 17.37 29.74
C GLU C 63 -40.37 16.64 29.04
N GLU C 64 -40.57 15.36 28.73
CA GLU C 64 -39.52 14.53 28.16
C GLU C 64 -39.37 14.72 26.66
N THR C 65 -40.10 15.67 26.06
CA THR C 65 -39.96 15.93 24.64
C THR C 65 -38.56 16.50 24.39
N GLN C 66 -37.76 15.78 23.61
CA GLN C 66 -36.40 16.16 23.30
C GLN C 66 -36.33 16.87 21.96
N PHE C 67 -35.36 17.77 21.83
CA PHE C 67 -35.12 18.52 20.60
C PHE C 67 -33.64 18.56 20.31
N TRP C 68 -33.32 18.74 19.02
CA TRP C 68 -31.94 18.89 18.62
C TRP C 68 -31.89 19.53 17.25
N LEU C 69 -30.72 20.09 16.92
CA LEU C 69 -30.46 20.68 15.62
C LEU C 69 -29.71 19.68 14.76
N VAL C 70 -30.31 19.31 13.63
CA VAL C 70 -29.57 18.57 12.63
C VAL C 70 -28.71 19.53 11.82
N THR C 71 -27.65 19.00 11.22
CA THR C 71 -26.70 19.83 10.50
C THR C 71 -25.98 18.97 9.46
N PRO C 72 -25.59 19.54 8.33
CA PRO C 72 -24.69 18.79 7.43
C PRO C 72 -23.38 18.50 8.12
N LYS C 73 -22.85 17.31 7.87
CA LYS C 73 -21.63 16.84 8.52
C LYS C 73 -20.73 16.20 7.45
N ALA C 74 -19.87 17.02 6.86
CA ALA C 74 -18.85 16.56 5.91
C ALA C 74 -17.51 16.33 6.59
N SER C 75 -17.50 16.07 7.88
CA SER C 75 -16.27 15.93 8.65
C SER C 75 -15.64 14.57 8.35
N LEU C 76 -14.58 14.24 9.11
CA LEU C 76 -13.89 12.98 8.89
C LEU C 76 -14.80 11.80 9.16
N ALA C 77 -15.60 11.87 10.22
CA ALA C 77 -16.54 10.83 10.60
C ALA C 77 -17.94 11.46 10.58
N GLY C 78 -18.53 11.53 9.39
CA GLY C 78 -19.89 12.00 9.27
C GLY C 78 -20.31 12.17 7.82
N VAL C 79 -21.52 11.69 7.51
CA VAL C 79 -22.12 11.84 6.18
C VAL C 79 -23.56 12.30 6.34
N SER C 80 -23.99 12.63 7.57
CA SER C 80 -25.39 12.93 7.86
C SER C 80 -25.74 14.36 7.47
N GLY C 81 -25.59 14.65 6.18
CA GLY C 81 -26.06 15.89 5.60
C GLY C 81 -26.90 15.61 4.37
N LEU C 82 -27.52 14.43 4.36
CA LEU C 82 -28.28 13.99 3.18
C LEU C 82 -29.46 14.91 2.93
N ASP C 83 -30.16 15.31 3.99
CA ASP C 83 -31.36 16.13 3.87
C ASP C 83 -31.10 17.61 4.17
N ALA C 84 -30.16 17.90 5.08
CA ALA C 84 -29.92 19.29 5.45
C ALA C 84 -29.35 20.09 4.29
N LEU C 85 -28.59 19.43 3.40
CA LEU C 85 -28.09 20.13 2.23
C LEU C 85 -29.20 20.52 1.27
N VAL C 86 -30.24 19.69 1.18
CA VAL C 86 -31.33 19.92 0.24
C VAL C 86 -32.41 20.75 0.93
N GLY C 87 -32.95 20.23 2.03
CA GLY C 87 -34.01 20.89 2.75
C GLY C 87 -33.57 21.96 3.73
N GLY C 88 -32.27 22.18 3.87
CA GLY C 88 -31.77 23.16 4.81
C GLY C 88 -31.73 22.63 6.23
N ASN C 89 -31.12 23.42 7.11
CA ASN C 89 -30.96 23.03 8.51
C ASN C 89 -32.32 23.06 9.18
N TYR C 90 -32.94 21.90 9.34
CA TYR C 90 -34.13 21.77 10.15
C TYR C 90 -33.72 21.33 11.55
N ILE C 91 -34.71 21.03 12.38
CA ILE C 91 -34.47 20.51 13.71
C ILE C 91 -35.34 19.28 13.92
N GLY C 92 -34.82 18.33 14.69
CA GLY C 92 -35.54 17.10 14.98
C GLY C 92 -36.02 17.09 16.41
N MET C 93 -37.12 16.37 16.64
CA MET C 93 -37.72 16.27 17.95
C MET C 93 -38.16 14.84 18.19
N MET C 94 -38.31 14.50 19.47
CA MET C 94 -38.88 13.23 19.90
C MET C 94 -39.90 13.53 20.98
N PRO C 95 -41.15 13.07 20.86
CA PRO C 95 -42.11 13.30 21.94
C PRO C 95 -41.74 12.52 23.18
N GLY C 96 -42.20 13.03 24.32
CA GLY C 96 -42.00 12.37 25.59
C GLY C 96 -43.31 12.22 26.33
N LYS C 97 -43.31 11.29 27.28
CA LYS C 97 -44.48 11.01 28.12
C LYS C 97 -44.33 11.68 29.48
N GLY C 98 -43.77 12.89 29.49
CA GLY C 98 -43.68 13.67 30.70
C GLY C 98 -45.03 14.15 31.16
N LYS C 99 -45.06 15.25 31.92
CA LYS C 99 -46.31 15.88 32.27
C LYS C 99 -46.62 17.03 31.34
N GLU C 100 -45.76 18.04 31.34
CA GLU C 100 -45.91 19.21 30.50
C GLU C 100 -44.69 20.10 30.71
N GLN C 101 -44.31 20.81 29.65
CA GLN C 101 -43.27 21.83 29.76
C GLN C 101 -43.35 22.72 28.54
N ASP C 102 -42.93 23.97 28.71
CA ASP C 102 -42.89 24.96 27.65
C ASP C 102 -41.49 25.50 27.39
N HIS C 103 -40.64 25.51 28.41
CA HIS C 103 -39.26 25.94 28.28
C HIS C 103 -38.36 24.71 28.23
N PHE C 104 -37.55 24.62 27.19
CA PHE C 104 -36.80 23.41 26.90
C PHE C 104 -35.34 23.74 26.61
N VAL C 105 -34.52 22.71 26.63
CA VAL C 105 -33.12 22.77 26.26
C VAL C 105 -32.89 21.80 25.13
N ALA C 106 -32.33 22.29 24.03
CA ALA C 106 -32.06 21.43 22.88
C ALA C 106 -30.92 20.49 23.19
N LEU C 107 -31.10 19.22 22.86
CA LEU C 107 -30.01 18.27 22.97
C LEU C 107 -28.94 18.61 21.95
N ASP C 108 -27.68 18.34 22.33
CA ASP C 108 -26.56 18.78 21.52
C ASP C 108 -26.56 18.12 20.14
N THR C 109 -26.90 16.84 20.09
CA THR C 109 -26.91 16.08 18.86
C THR C 109 -28.21 15.30 18.74
N GLN C 110 -28.33 14.54 17.66
CA GLN C 110 -29.50 13.70 17.46
C GLN C 110 -29.38 12.45 18.32
N PRO C 111 -30.30 12.20 19.25
CA PRO C 111 -30.16 11.01 20.10
C PRO C 111 -30.61 9.75 19.39
N LYS C 112 -30.19 8.62 19.94
CA LYS C 112 -30.54 7.33 19.38
C LYS C 112 -31.98 6.98 19.72
N TYR C 113 -32.73 6.53 18.72
CA TYR C 113 -34.14 6.23 18.85
C TYR C 113 -34.40 4.75 18.60
N ARG C 114 -35.40 4.21 19.27
CA ARG C 114 -35.75 2.80 19.19
C ARG C 114 -37.01 2.62 18.35
N LEU C 115 -36.91 1.78 17.32
CA LEU C 115 -38.08 1.45 16.52
C LEU C 115 -39.03 0.59 17.35
N ASP C 116 -40.32 0.90 17.26
CA ASP C 116 -41.32 0.19 18.05
C ASP C 116 -41.58 -1.21 17.54
N ASN C 117 -41.16 -1.54 16.33
CA ASN C 117 -41.50 -2.82 15.73
C ASN C 117 -40.87 -3.97 16.51
N GLY C 118 -41.15 -5.18 16.05
CA GLY C 118 -40.61 -6.36 16.70
C GLY C 118 -39.25 -6.73 16.15
N ASP C 119 -38.22 -6.29 16.83
CA ASP C 119 -36.83 -6.63 16.56
C ASP C 119 -36.26 -7.25 17.82
N LEU C 120 -34.96 -7.49 17.82
CA LEU C 120 -34.29 -8.01 19.00
C LEU C 120 -33.17 -7.08 19.40
N MET C 121 -33.04 -6.87 20.71
CA MET C 121 -32.02 -6.02 21.30
C MET C 121 -31.24 -6.88 22.26
N ILE C 122 -29.91 -6.88 22.15
CA ILE C 122 -29.09 -7.70 23.04
C ILE C 122 -27.82 -6.97 23.43
N HIS C 123 -27.23 -7.43 24.52
CA HIS C 123 -26.09 -6.79 25.15
C HIS C 123 -24.85 -7.66 25.02
N LEU C 124 -23.76 -7.04 24.60
CA LEU C 124 -22.45 -7.66 24.53
C LEU C 124 -21.53 -7.02 25.55
N GLN C 125 -20.87 -7.84 26.35
CA GLN C 125 -19.84 -7.38 27.26
C GLN C 125 -18.49 -7.50 26.57
N ALA C 126 -17.68 -6.45 26.67
CA ALA C 126 -16.37 -6.47 26.05
C ALA C 126 -15.43 -5.62 26.89
N PRO C 127 -14.21 -6.09 27.19
CA PRO C 127 -13.27 -5.25 27.92
C PRO C 127 -12.88 -3.99 27.18
N ASP C 128 -13.00 -3.98 25.86
CA ASP C 128 -12.71 -2.82 25.04
C ASP C 128 -13.64 -2.79 23.85
N LEU C 129 -13.77 -1.62 23.24
CA LEU C 129 -14.69 -1.46 22.13
C LEU C 129 -14.15 -2.09 20.85
N GLY C 130 -12.84 -1.99 20.65
CA GLY C 130 -12.32 -2.29 19.34
C GLY C 130 -12.67 -1.15 18.40
N SER C 131 -12.53 -1.43 17.11
CA SER C 131 -12.84 -0.44 16.07
C SER C 131 -14.29 -0.54 15.64
N LEU C 132 -15.20 -0.50 16.61
CA LEU C 132 -16.64 -0.64 16.37
C LEU C 132 -17.28 0.72 16.60
N ASN C 133 -17.36 1.51 15.54
CA ASN C 133 -18.12 2.74 15.58
C ASN C 133 -19.60 2.45 15.42
N SER C 134 -20.41 3.34 15.99
CA SER C 134 -21.86 3.22 15.87
C SER C 134 -22.26 3.16 14.41
N GLY C 135 -22.91 2.07 14.03
CA GLY C 135 -23.21 1.75 12.65
C GLY C 135 -22.46 0.54 12.14
N SER C 136 -21.46 0.06 12.87
CA SER C 136 -20.77 -1.15 12.49
C SER C 136 -21.74 -2.31 12.41
N LEU C 137 -21.43 -3.27 11.56
CA LEU C 137 -22.40 -4.19 11.00
C LEU C 137 -22.23 -5.60 11.55
N VAL C 138 -23.36 -6.28 11.73
CA VAL C 138 -23.40 -7.62 12.31
C VAL C 138 -23.69 -8.63 11.20
N TYR C 139 -22.89 -9.69 11.16
CA TYR C 139 -22.95 -10.68 10.11
C TYR C 139 -23.27 -12.06 10.67
N PHE C 140 -24.01 -12.80 9.86
CA PHE C 140 -24.15 -14.24 9.96
C PHE C 140 -23.68 -14.80 8.63
N ARG C 141 -22.52 -15.46 8.62
CA ARG C 141 -21.94 -16.00 7.41
C ARG C 141 -21.71 -14.89 6.38
N LYS C 142 -21.28 -13.72 6.87
CA LYS C 142 -21.03 -12.51 6.10
C LYS C 142 -22.29 -11.93 5.50
N ILE C 143 -23.47 -12.40 5.90
CA ILE C 143 -24.73 -11.78 5.53
C ILE C 143 -25.09 -10.78 6.62
N PRO C 144 -25.24 -9.49 6.32
CA PRO C 144 -25.67 -8.56 7.36
C PRO C 144 -27.07 -8.89 7.84
N VAL C 145 -27.23 -8.93 9.17
CA VAL C 145 -28.50 -9.29 9.78
C VAL C 145 -28.83 -8.34 10.93
N GLY C 146 -28.12 -7.23 11.02
CA GLY C 146 -28.28 -6.32 12.12
C GLY C 146 -27.05 -5.47 12.28
N LYS C 147 -27.18 -4.45 13.13
CA LYS C 147 -26.12 -3.46 13.28
C LYS C 147 -25.96 -3.11 14.74
N VAL C 148 -24.93 -2.32 15.01
CA VAL C 148 -24.68 -1.80 16.34
C VAL C 148 -25.61 -0.62 16.59
N TYR C 149 -26.30 -0.65 17.73
CA TYR C 149 -27.17 0.44 18.12
C TYR C 149 -26.44 1.47 18.95
N ASP C 150 -25.82 1.05 20.06
CA ASP C 150 -25.12 1.99 20.92
C ASP C 150 -24.09 1.25 21.76
N TYR C 151 -23.23 2.02 22.40
CA TYR C 151 -22.23 1.50 23.32
C TYR C 151 -22.16 2.43 24.53
N ALA C 152 -21.76 1.86 25.66
CA ALA C 152 -21.65 2.61 26.89
C ALA C 152 -20.72 1.86 27.83
N ILE C 153 -20.49 2.47 29.00
CA ILE C 153 -19.58 1.94 30.00
C ILE C 153 -20.39 1.48 31.19
N ASN C 154 -20.13 0.25 31.63
CA ASN C 154 -20.78 -0.26 32.81
C ASN C 154 -20.37 0.57 34.02
N PRO C 155 -21.16 0.54 35.09
CA PRO C 155 -20.82 1.35 36.28
C PRO C 155 -19.42 1.08 36.79
N ASN C 156 -18.99 -0.18 36.77
CA ASN C 156 -17.59 -0.46 37.03
C ASN C 156 -16.77 -0.02 35.83
N LYS C 157 -15.55 0.43 36.10
CA LYS C 157 -14.69 0.94 35.05
C LYS C 157 -13.86 -0.15 34.40
N GLN C 158 -14.27 -1.41 34.57
CA GLN C 158 -13.52 -2.56 34.09
C GLN C 158 -14.21 -3.25 32.93
N GLY C 159 -14.94 -2.51 32.12
CA GLY C 159 -15.61 -3.15 31.00
C GLY C 159 -16.42 -2.16 30.20
N VAL C 160 -17.02 -2.70 29.14
CA VAL C 160 -17.82 -1.94 28.19
C VAL C 160 -19.04 -2.78 27.84
N VAL C 161 -20.20 -2.13 27.77
CA VAL C 161 -21.44 -2.78 27.41
C VAL C 161 -21.93 -2.17 26.11
N ILE C 162 -21.99 -2.98 25.08
CA ILE C 162 -22.58 -2.61 23.80
C ILE C 162 -23.99 -3.17 23.78
N ASP C 163 -24.92 -2.43 23.17
CA ASP C 163 -26.25 -2.92 22.93
C ASP C 163 -26.54 -2.81 21.44
N VAL C 164 -27.00 -3.91 20.86
CA VAL C 164 -27.07 -4.06 19.42
C VAL C 164 -28.45 -4.55 19.01
N LEU C 165 -28.73 -4.34 17.73
CA LEU C 165 -30.03 -4.54 17.13
C LEU C 165 -29.96 -5.69 16.14
N ILE C 166 -31.02 -6.48 16.09
CA ILE C 166 -31.15 -7.58 15.14
C ILE C 166 -32.54 -7.51 14.52
N GLU C 167 -32.59 -7.66 13.20
CA GLU C 167 -33.83 -7.52 12.47
C GLU C 167 -34.81 -8.62 12.86
N ARG C 168 -36.08 -8.37 12.56
CA ARG C 168 -37.13 -9.32 12.91
C ARG C 168 -36.91 -10.66 12.23
N ARG C 169 -36.67 -10.65 10.92
CA ARG C 169 -36.63 -11.89 10.14
C ARG C 169 -35.48 -12.80 10.51
N PHE C 170 -34.58 -12.37 11.40
CA PHE C 170 -33.48 -13.21 11.86
C PHE C 170 -33.49 -13.40 13.37
N THR C 171 -34.58 -13.04 14.06
CA THR C 171 -34.61 -13.19 15.51
C THR C 171 -34.46 -14.64 15.95
N ASP C 172 -34.74 -15.59 15.07
CA ASP C 172 -34.57 -17.00 15.41
C ASP C 172 -33.12 -17.45 15.40
N LEU C 173 -32.23 -16.69 14.75
CA LEU C 173 -30.84 -17.13 14.63
C LEU C 173 -30.06 -16.98 15.91
N VAL C 174 -30.50 -16.17 16.86
CA VAL C 174 -29.75 -15.88 18.06
C VAL C 174 -30.18 -16.87 19.12
N LYS C 175 -29.24 -17.70 19.56
CA LYS C 175 -29.47 -18.70 20.58
C LYS C 175 -28.69 -18.38 21.83
N LYS C 176 -29.00 -19.10 22.90
CA LYS C 176 -28.29 -18.91 24.15
C LYS C 176 -26.82 -19.27 23.99
N GLY C 177 -26.54 -20.36 23.30
CA GLY C 177 -25.18 -20.80 23.07
C GLY C 177 -24.47 -20.11 21.94
N SER C 178 -25.15 -19.19 21.27
CA SER C 178 -24.55 -18.50 20.12
C SER C 178 -23.37 -17.67 20.58
N ARG C 179 -22.34 -17.65 19.75
CA ARG C 179 -21.09 -16.96 20.06
C ARG C 179 -20.87 -15.80 19.10
N PHE C 180 -20.48 -14.66 19.65
CA PHE C 180 -20.17 -13.47 18.90
C PHE C 180 -18.67 -13.24 18.93
N TRP C 181 -18.11 -12.81 17.79
CA TRP C 181 -16.71 -12.44 17.74
C TRP C 181 -16.52 -11.24 16.84
N ASN C 182 -15.53 -10.44 17.20
CA ASN C 182 -15.21 -9.22 16.47
C ASN C 182 -14.50 -9.58 15.18
N VAL C 183 -14.83 -8.85 14.13
CA VAL C 183 -14.14 -8.92 12.85
C VAL C 183 -13.94 -7.47 12.41
N SER C 184 -12.71 -6.98 12.55
CA SER C 184 -12.41 -5.58 12.32
C SER C 184 -10.90 -5.41 12.29
N GLY C 185 -10.45 -4.36 11.61
CA GLY C 185 -9.03 -4.16 11.43
C GLY C 185 -8.47 -5.21 10.48
N VAL C 186 -7.24 -4.93 10.03
CA VAL C 186 -6.57 -5.80 9.05
C VAL C 186 -5.13 -5.97 9.48
N ASP C 187 -4.64 -7.21 9.36
CA ASP C 187 -3.25 -7.52 9.67
C ASP C 187 -2.58 -8.25 8.52
N ALA C 188 -1.34 -8.68 8.76
CA ALA C 188 -0.62 -9.57 7.86
C ALA C 188 -0.58 -10.96 8.47
N ASN C 189 -0.68 -11.97 7.62
CA ASN C 189 -0.64 -13.37 8.02
C ASN C 189 0.58 -13.98 7.35
N VAL C 190 1.72 -13.86 8.02
CA VAL C 190 2.97 -14.39 7.50
C VAL C 190 3.14 -15.81 7.98
N SER C 191 3.39 -16.73 7.05
CA SER C 191 3.65 -18.13 7.34
C SER C 191 4.99 -18.51 6.76
N ILE C 192 5.56 -19.59 7.30
CA ILE C 192 6.86 -20.06 6.83
C ILE C 192 6.70 -20.71 5.47
N SER C 193 7.71 -20.52 4.61
CA SER C 193 7.74 -21.12 3.28
C SER C 193 6.55 -20.69 2.44
N GLY C 194 6.18 -19.42 2.55
CA GLY C 194 5.06 -18.87 1.81
C GLY C 194 4.06 -18.20 2.72
N ALA C 195 3.35 -17.19 2.21
CA ALA C 195 2.45 -16.40 3.04
C ALA C 195 1.36 -15.81 2.16
N LYS C 196 0.21 -15.56 2.77
CA LYS C 196 -0.91 -14.90 2.11
C LYS C 196 -1.63 -14.05 3.14
N VAL C 197 -2.22 -12.95 2.67
CA VAL C 197 -2.77 -11.92 3.54
C VAL C 197 -4.20 -11.64 3.08
N LYS C 198 -5.16 -12.34 3.69
CA LYS C 198 -6.58 -12.06 3.50
C LYS C 198 -7.25 -12.16 4.86
N LEU C 199 -7.81 -11.05 5.33
CA LEU C 199 -8.51 -11.05 6.61
C LEU C 199 -9.99 -10.70 6.47
N GLU C 200 -10.33 -9.54 5.91
CA GLU C 200 -11.69 -9.02 6.06
C GLU C 200 -12.08 -8.19 4.85
N SER C 201 -13.36 -7.82 4.81
CA SER C 201 -13.92 -7.03 3.73
C SER C 201 -13.69 -5.55 3.95
N LEU C 202 -13.85 -4.77 2.87
CA LEU C 202 -13.54 -3.35 2.93
C LEU C 202 -14.40 -2.63 3.96
N ALA C 203 -15.70 -2.89 3.95
CA ALA C 203 -16.57 -2.27 4.93
C ALA C 203 -16.21 -2.71 6.35
N ALA C 204 -15.84 -3.98 6.51
CA ALA C 204 -15.45 -4.48 7.82
C ALA C 204 -14.26 -3.71 8.38
N LEU C 205 -13.40 -3.18 7.50
CA LEU C 205 -12.24 -2.41 7.91
C LEU C 205 -12.54 -0.94 8.08
N VAL C 206 -13.37 -0.38 7.21
CA VAL C 206 -13.70 1.03 7.32
C VAL C 206 -14.53 1.29 8.57
N ASN C 207 -15.43 0.37 8.90
CA ASN C 207 -16.41 0.57 9.95
C ASN C 207 -16.24 -0.36 11.14
N GLY C 208 -15.54 -1.47 10.97
CA GLY C 208 -15.56 -2.53 11.95
C GLY C 208 -16.81 -3.38 11.80
N ALA C 209 -16.76 -4.58 12.39
CA ALA C 209 -17.89 -5.47 12.23
C ALA C 209 -17.86 -6.55 13.29
N ILE C 210 -18.99 -7.22 13.43
CA ILE C 210 -19.14 -8.37 14.29
C ILE C 210 -19.68 -9.51 13.44
N ALA C 211 -19.34 -10.73 13.83
CA ALA C 211 -19.92 -11.91 13.24
C ALA C 211 -20.40 -12.79 14.37
N PHE C 212 -21.36 -13.65 14.08
CA PHE C 212 -21.83 -14.55 15.12
C PHE C 212 -22.27 -15.88 14.54
N ASP C 213 -22.13 -16.91 15.36
CA ASP C 213 -22.52 -18.27 15.03
C ASP C 213 -23.56 -18.75 16.03
N SER C 214 -24.43 -19.62 15.55
CA SER C 214 -25.56 -20.12 16.31
C SER C 214 -25.50 -21.64 16.38
N PRO C 215 -25.40 -22.26 17.56
CA PRO C 215 -25.52 -23.72 17.60
C PRO C 215 -26.91 -24.17 17.20
N GLU C 216 -26.97 -25.36 16.61
CA GLU C 216 -28.22 -25.86 16.07
C GLU C 216 -29.23 -26.15 17.17
N GLU C 217 -28.77 -26.66 18.31
CA GLU C 217 -29.66 -27.24 19.31
C GLU C 217 -30.09 -26.26 20.39
N SER C 218 -29.36 -25.18 20.61
CA SER C 218 -29.66 -24.29 21.71
C SER C 218 -31.04 -23.64 21.52
N LYS C 219 -31.50 -22.98 22.58
CA LYS C 219 -32.75 -22.27 22.57
C LYS C 219 -32.53 -20.82 22.14
N PRO C 220 -33.57 -20.16 21.61
CA PRO C 220 -33.40 -18.78 21.16
C PRO C 220 -33.29 -17.83 22.34
N ALA C 221 -32.31 -16.94 22.27
CA ALA C 221 -32.14 -15.92 23.29
C ALA C 221 -33.15 -14.80 23.07
N GLU C 222 -33.35 -14.00 24.11
CA GLU C 222 -34.38 -12.96 24.06
C GLU C 222 -34.13 -11.94 25.15
N ALA C 223 -34.75 -10.77 24.97
CA ALA C 223 -34.98 -9.80 26.05
C ALA C 223 -33.66 -9.35 26.68
N GLU C 224 -32.87 -8.65 25.86
CA GLU C 224 -31.64 -7.99 26.33
C GLU C 224 -30.69 -8.97 27.00
N ASP C 225 -30.70 -10.22 26.55
CA ASP C 225 -29.81 -11.21 27.13
C ASP C 225 -28.37 -10.83 26.85
N THR C 226 -27.54 -10.90 27.89
CA THR C 226 -26.14 -10.56 27.75
C THR C 226 -25.40 -11.65 26.99
N PHE C 227 -24.28 -11.24 26.39
CA PHE C 227 -23.41 -12.17 25.69
C PHE C 227 -21.98 -11.68 25.83
N GLY C 228 -21.05 -12.58 25.57
CA GLY C 228 -19.62 -12.26 25.64
C GLY C 228 -19.05 -12.16 24.24
N LEU C 229 -18.26 -11.11 24.03
CA LEU C 229 -17.59 -10.89 22.76
C LEU C 229 -16.18 -11.46 22.83
N TYR C 230 -15.79 -12.15 21.78
CA TYR C 230 -14.44 -12.69 21.66
C TYR C 230 -13.67 -11.87 20.64
N GLU C 231 -12.43 -11.52 21.01
CA GLU C 231 -11.65 -10.59 20.21
C GLU C 231 -11.42 -11.10 18.80
N ASP C 232 -11.45 -12.42 18.61
CA ASP C 232 -11.17 -12.99 17.30
C ASP C 232 -11.90 -14.31 17.16
N LEU C 233 -12.04 -14.74 15.92
CA LEU C 233 -12.68 -16.02 15.63
C LEU C 233 -11.98 -17.16 16.35
N ALA C 234 -10.65 -17.09 16.43
CA ALA C 234 -9.90 -18.15 17.08
C ALA C 234 -10.27 -18.27 18.55
N HIS C 235 -10.33 -17.14 19.25
CA HIS C 235 -10.69 -17.15 20.66
C HIS C 235 -12.13 -17.58 20.87
N SER C 236 -12.96 -17.53 19.85
CA SER C 236 -14.35 -17.96 19.93
C SER C 236 -14.52 -19.44 19.69
N GLN C 237 -13.43 -20.16 19.40
CA GLN C 237 -13.53 -21.57 19.07
C GLN C 237 -14.13 -22.36 20.23
N ARG C 238 -15.01 -23.30 19.88
CA ARG C 238 -15.70 -24.11 20.87
C ARG C 238 -14.86 -25.35 21.12
N GLY C 239 -13.99 -25.26 22.13
CA GLY C 239 -13.19 -26.39 22.55
C GLY C 239 -13.16 -26.48 24.06
N VAL C 240 -12.73 -27.61 24.54
CA VAL C 240 -12.71 -27.87 25.97
C VAL C 240 -11.44 -27.31 26.57
N ILE C 241 -11.54 -26.89 27.83
CA ILE C 241 -10.46 -26.23 28.55
C ILE C 241 -9.74 -27.25 29.42
N ILE C 242 -8.42 -27.11 29.50
CA ILE C 242 -7.57 -27.99 30.29
C ILE C 242 -6.57 -27.15 31.05
N LYS C 243 -6.45 -27.41 32.35
CA LYS C 243 -5.47 -26.74 33.19
C LYS C 243 -4.17 -27.53 33.23
N LEU C 244 -3.05 -26.81 33.15
CA LEU C 244 -1.74 -27.41 33.07
C LEU C 244 -0.81 -26.76 34.07
N GLU C 245 -0.11 -27.59 34.84
CA GLU C 245 1.00 -27.15 35.68
C GLU C 245 2.28 -27.42 34.91
N LEU C 246 3.10 -26.39 34.70
CA LEU C 246 4.23 -26.49 33.82
C LEU C 246 5.54 -26.42 34.58
N PRO C 247 6.63 -27.01 34.05
CA PRO C 247 7.95 -26.77 34.65
C PRO C 247 8.41 -25.34 34.44
N SER C 248 8.43 -24.88 33.19
CA SER C 248 8.83 -23.53 32.86
C SER C 248 8.46 -23.21 31.41
N GLY C 249 7.88 -22.04 31.18
CA GLY C 249 7.46 -21.66 29.85
C GLY C 249 8.55 -20.93 29.09
N ALA C 250 9.69 -21.59 28.94
CA ALA C 250 10.84 -20.95 28.29
C ALA C 250 10.51 -20.58 26.85
N GLY C 251 10.03 -21.55 26.08
CA GLY C 251 9.72 -21.33 24.68
C GLY C 251 8.23 -21.26 24.40
N LEU C 252 7.42 -21.43 25.44
CA LEU C 252 5.98 -21.49 25.25
C LEU C 252 5.40 -20.10 24.99
N THR C 253 4.37 -20.07 24.15
CA THR C 253 3.68 -18.83 23.80
C THR C 253 2.19 -19.04 23.97
N ALA C 254 1.51 -17.98 24.41
CA ALA C 254 0.17 -18.13 24.97
C ALA C 254 -0.86 -18.54 23.92
N ASP C 255 -0.63 -18.23 22.65
CA ASP C 255 -1.60 -18.54 21.60
C ASP C 255 -0.93 -19.02 20.32
N SER C 256 0.28 -19.55 20.41
CA SER C 256 0.99 -20.06 19.25
C SER C 256 1.45 -21.50 19.48
N THR C 257 1.63 -21.89 20.73
CA THR C 257 2.05 -23.24 21.03
C THR C 257 0.90 -24.20 20.76
N PRO C 258 1.05 -25.18 19.86
CA PRO C 258 -0.03 -26.11 19.60
C PRO C 258 0.10 -27.40 20.40
N LEU C 259 -0.93 -28.23 20.27
CA LEU C 259 -0.92 -29.58 20.81
C LEU C 259 -0.91 -30.56 19.63
N MET C 260 0.02 -31.49 19.65
CA MET C 260 0.17 -32.47 18.60
C MET C 260 -0.46 -33.79 18.99
N TYR C 261 -0.96 -34.49 17.98
CA TYR C 261 -1.37 -35.88 18.14
C TYR C 261 -1.40 -36.51 16.77
N GLN C 262 -0.66 -37.62 16.61
CA GLN C 262 -0.56 -38.32 15.35
C GLN C 262 -0.05 -37.40 14.24
N GLY C 263 0.75 -36.40 14.61
CA GLY C 263 1.30 -35.46 13.67
C GLY C 263 0.44 -34.25 13.38
N LEU C 264 -0.74 -34.16 13.98
CA LEU C 264 -1.70 -33.11 13.66
C LEU C 264 -1.97 -32.21 14.84
N GLU C 265 -2.24 -30.95 14.55
CA GLU C 265 -2.64 -30.00 15.57
C GLU C 265 -4.08 -30.27 15.98
N VAL C 266 -4.29 -30.44 17.28
CA VAL C 266 -5.62 -30.69 17.83
C VAL C 266 -5.97 -29.62 18.84
N GLY C 267 -4.96 -29.08 19.52
CA GLY C 267 -5.18 -28.12 20.57
C GLY C 267 -4.22 -26.96 20.45
N GLN C 268 -4.51 -25.94 21.23
CA GLN C 268 -3.74 -24.69 21.19
C GLN C 268 -3.70 -24.16 22.61
N LEU C 269 -2.50 -23.94 23.12
CA LEU C 269 -2.35 -23.25 24.39
C LEU C 269 -3.02 -21.89 24.29
N THR C 270 -3.72 -21.49 25.35
CA THR C 270 -4.47 -20.25 25.38
C THR C 270 -3.93 -19.26 26.39
N LYS C 271 -3.71 -19.70 27.63
CA LYS C 271 -3.25 -18.83 28.69
C LYS C 271 -1.97 -19.38 29.30
N LEU C 272 -1.08 -18.46 29.67
CA LEU C 272 0.22 -18.80 30.23
C LEU C 272 0.53 -17.76 31.29
N ASP C 273 0.59 -18.18 32.56
CA ASP C 273 0.70 -17.25 33.66
C ASP C 273 1.67 -17.79 34.70
N LEU C 274 2.23 -16.86 35.46
CA LEU C 274 3.11 -17.16 36.58
C LEU C 274 2.31 -17.08 37.87
N ASN C 275 2.31 -18.14 38.62
CA ASN C 275 1.69 -18.14 39.93
C ASN C 275 2.72 -17.76 40.99
N PRO C 276 2.27 -17.25 42.14
CA PRO C 276 3.22 -16.97 43.23
C PRO C 276 3.90 -18.26 43.68
N GLY C 277 5.13 -18.11 44.16
CA GLY C 277 5.97 -19.23 44.50
C GLY C 277 6.80 -19.76 43.36
N GLY C 278 6.77 -19.11 42.20
CA GLY C 278 7.55 -19.52 41.06
C GLY C 278 6.90 -20.56 40.18
N LYS C 279 5.73 -21.07 40.57
CA LYS C 279 5.04 -22.05 39.75
C LYS C 279 4.42 -21.39 38.53
N VAL C 280 4.46 -22.09 37.41
CA VAL C 280 3.91 -21.62 36.15
C VAL C 280 2.72 -22.49 35.80
N THR C 281 1.62 -21.86 35.44
CA THR C 281 0.40 -22.57 35.07
C THR C 281 -0.18 -21.98 33.80
N GLY C 282 -0.76 -22.86 32.99
CA GLY C 282 -1.39 -22.45 31.76
C GLY C 282 -2.72 -23.16 31.58
N GLU C 283 -3.43 -22.75 30.55
CA GLU C 283 -4.67 -23.41 30.18
C GLU C 283 -4.75 -23.48 28.67
N MET C 284 -5.33 -24.57 28.19
CA MET C 284 -5.29 -24.96 26.80
C MET C 284 -6.69 -25.30 26.32
N THR C 285 -6.93 -25.05 25.03
CA THR C 285 -8.15 -25.47 24.36
C THR C 285 -7.87 -26.70 23.52
N VAL C 286 -8.84 -27.60 23.47
CA VAL C 286 -8.75 -28.82 22.68
C VAL C 286 -10.01 -28.99 21.86
N ASP C 287 -9.86 -29.55 20.66
CA ASP C 287 -11.01 -29.90 19.87
C ASP C 287 -11.81 -30.99 20.58
N PRO C 288 -13.14 -30.95 20.53
CA PRO C 288 -13.94 -32.02 21.15
C PRO C 288 -13.62 -33.41 20.62
N SER C 289 -13.22 -33.51 19.36
CA SER C 289 -13.05 -34.81 18.72
C SER C 289 -12.05 -35.70 19.44
N VAL C 290 -11.17 -35.10 20.24
CA VAL C 290 -10.13 -35.83 20.95
C VAL C 290 -10.40 -35.90 22.45
N VAL C 291 -11.42 -35.20 22.95
CA VAL C 291 -11.59 -35.08 24.39
C VAL C 291 -11.84 -36.42 25.05
N THR C 292 -12.43 -37.37 24.32
CA THR C 292 -12.68 -38.68 24.91
C THR C 292 -11.40 -39.39 25.30
N LEU C 293 -10.29 -39.05 24.65
CA LEU C 293 -9.00 -39.63 24.97
C LEU C 293 -8.41 -39.07 26.25
N LEU C 294 -8.87 -37.88 26.66
CA LEU C 294 -8.39 -37.30 27.91
C LEU C 294 -8.94 -38.07 29.08
N ARG C 295 -8.10 -38.89 29.69
CA ARG C 295 -8.49 -39.74 30.80
C ARG C 295 -7.36 -39.79 31.80
N GLU C 296 -7.57 -40.54 32.87
CA GLU C 296 -6.48 -40.80 33.80
C GLU C 296 -5.38 -41.58 33.10
N ASN C 297 -4.19 -41.53 33.68
CA ASN C 297 -2.94 -42.03 33.09
C ASN C 297 -2.77 -41.59 31.64
N THR C 298 -3.34 -40.45 31.28
CA THR C 298 -3.03 -39.78 30.03
C THR C 298 -2.01 -38.70 30.32
N ARG C 299 -0.83 -38.85 29.77
CA ARG C 299 0.28 -37.96 30.05
C ARG C 299 0.46 -36.99 28.90
N ILE C 300 0.90 -35.79 29.22
CA ILE C 300 1.22 -34.77 28.24
C ILE C 300 2.67 -34.35 28.46
N GLU C 301 3.45 -34.38 27.40
CA GLU C 301 4.87 -34.09 27.47
C GLU C 301 5.23 -32.98 26.48
N LEU C 302 6.11 -32.09 26.92
CA LEU C 302 6.67 -31.07 26.04
C LEU C 302 7.77 -31.74 25.23
N ARG C 303 7.58 -31.75 23.91
CA ARG C 303 8.61 -32.20 23.01
C ARG C 303 9.46 -31.00 22.58
N ASN C 304 10.61 -31.30 22.00
CA ASN C 304 11.53 -30.27 21.54
C ASN C 304 11.89 -30.55 20.08
N PRO C 305 12.11 -29.51 19.28
CA PRO C 305 12.46 -29.75 17.87
C PRO C 305 13.86 -30.33 17.77
N LYS C 306 13.94 -31.57 17.33
CA LYS C 306 15.19 -32.32 17.30
C LYS C 306 15.93 -32.07 16.00
N LEU C 307 17.26 -32.13 16.09
CA LEU C 307 18.13 -31.96 14.93
C LEU C 307 18.28 -33.33 14.26
N SER C 308 17.33 -33.66 13.40
CA SER C 308 17.35 -34.95 12.73
C SER C 308 18.48 -35.01 11.70
N LEU C 309 19.28 -36.07 11.78
CA LEU C 309 20.36 -36.25 10.81
C LEU C 309 19.80 -36.58 9.44
N SER C 310 18.75 -37.39 9.38
CA SER C 310 18.23 -37.88 8.12
C SER C 310 17.33 -36.85 7.43
N ASP C 311 16.22 -36.49 8.08
CA ASP C 311 15.23 -35.57 7.53
C ASP C 311 15.40 -34.23 8.23
N ALA C 312 16.23 -33.37 7.64
CA ALA C 312 16.45 -32.04 8.22
C ALA C 312 15.17 -31.24 8.06
N ASN C 313 14.39 -31.18 9.13
CA ASN C 313 13.05 -30.60 9.12
C ASN C 313 13.14 -29.16 9.59
N LEU C 314 13.09 -28.22 8.64
CA LEU C 314 13.24 -26.81 8.96
C LEU C 314 12.06 -26.28 9.74
N SER C 315 10.85 -26.68 9.34
CA SER C 315 9.64 -26.16 9.99
C SER C 315 9.62 -26.50 11.47
N ALA C 316 10.08 -27.70 11.81
CA ALA C 316 10.13 -28.08 13.22
C ALA C 316 11.06 -27.16 13.99
N LEU C 317 12.23 -26.86 13.43
CA LEU C 317 13.17 -25.96 14.09
C LEU C 317 12.57 -24.58 14.25
N LEU C 318 11.90 -24.08 13.22
CA LEU C 318 11.33 -22.74 13.28
C LEU C 318 10.22 -22.66 14.32
N THR C 319 9.40 -23.71 14.40
CA THR C 319 8.27 -23.70 15.33
C THR C 319 8.73 -23.66 16.78
N GLY C 320 9.87 -24.26 17.08
CA GLY C 320 10.32 -24.32 18.45
C GLY C 320 9.66 -25.46 19.21
N LYS C 321 9.40 -25.20 20.48
CA LYS C 321 8.85 -26.22 21.35
C LYS C 321 7.42 -26.59 20.94
N THR C 322 7.04 -27.81 21.27
CA THR C 322 5.70 -28.29 20.98
C THR C 322 5.34 -29.38 21.97
N PHE C 323 4.06 -29.45 22.31
CA PHE C 323 3.56 -30.46 23.20
C PHE C 323 3.27 -31.74 22.43
N GLU C 324 2.73 -32.72 23.13
CA GLU C 324 2.40 -33.99 22.52
C GLU C 324 1.32 -34.65 23.35
N LEU C 325 0.42 -35.34 22.66
CA LEU C 325 -0.62 -36.12 23.30
C LEU C 325 -0.29 -37.59 23.16
N VAL C 326 -0.52 -38.34 24.23
CA VAL C 326 -0.30 -39.78 24.22
C VAL C 326 -1.42 -40.40 25.05
N PRO C 327 -2.46 -40.93 24.44
CA PRO C 327 -3.66 -41.27 25.21
C PRO C 327 -3.40 -42.37 26.22
N GLY C 328 -4.28 -42.40 27.22
CA GLY C 328 -4.27 -43.43 28.23
C GLY C 328 -5.66 -43.99 28.42
N ASP C 329 -5.91 -44.62 29.56
CA ASP C 329 -7.21 -45.20 29.86
C ASP C 329 -7.54 -44.96 31.31
N GLY C 330 -8.78 -44.61 31.58
CA GLY C 330 -9.23 -44.39 32.93
C GLY C 330 -10.36 -43.38 32.95
N GLU C 331 -10.58 -42.82 34.14
CA GLU C 331 -11.61 -41.83 34.28
C GLU C 331 -11.22 -40.54 33.55
N PRO C 332 -12.19 -39.79 33.01
CA PRO C 332 -11.86 -38.48 32.46
C PRO C 332 -11.31 -37.56 33.53
N ARG C 333 -10.37 -36.72 33.12
CA ARG C 333 -9.80 -35.71 34.00
C ARG C 333 -9.45 -34.48 33.17
N LYS C 334 -9.32 -33.35 33.86
CA LYS C 334 -9.12 -32.06 33.21
C LYS C 334 -7.91 -31.31 33.73
N GLU C 335 -7.33 -31.71 34.84
CA GLU C 335 -6.08 -31.15 35.32
C GLU C 335 -4.94 -32.11 35.00
N PHE C 336 -3.84 -31.55 34.50
CA PHE C 336 -2.70 -32.34 34.07
C PHE C 336 -1.42 -31.67 34.52
N VAL C 337 -0.38 -32.47 34.66
CA VAL C 337 0.97 -32.00 34.95
C VAL C 337 1.82 -32.35 33.75
N VAL C 338 2.44 -31.34 33.15
CA VAL C 338 3.27 -31.56 31.98
C VAL C 338 4.60 -32.11 32.42
N VAL C 339 5.10 -33.10 31.68
CA VAL C 339 6.38 -33.75 31.98
C VAL C 339 7.41 -33.28 30.96
N PRO C 340 8.68 -33.11 31.33
CA PRO C 340 9.70 -32.87 30.31
C PRO C 340 9.82 -34.04 29.36
N GLY C 341 10.22 -33.73 28.12
CA GLY C 341 10.39 -34.79 27.13
C GLY C 341 11.41 -35.82 27.54
N GLU C 342 12.42 -35.41 28.30
CA GLU C 342 13.43 -36.34 28.78
C GLU C 342 12.83 -37.36 29.73
N LYS C 343 11.95 -36.91 30.62
CA LYS C 343 11.37 -37.75 31.66
C LYS C 343 10.06 -38.39 31.23
N ALA C 344 9.78 -38.42 29.92
CA ALA C 344 8.53 -39.02 29.45
C ALA C 344 8.47 -40.50 29.81
N LEU C 345 9.59 -41.21 29.65
CA LEU C 345 9.62 -42.62 29.96
C LEU C 345 9.33 -42.86 31.44
N LEU C 346 9.74 -41.91 32.30
CA LEU C 346 9.57 -42.10 33.73
C LEU C 346 8.10 -42.10 34.12
N HIS C 347 7.33 -41.11 33.65
CA HIS C 347 5.93 -40.96 34.03
C HIS C 347 5.09 -41.80 33.08
N GLU C 348 5.08 -43.11 33.35
CA GLU C 348 4.33 -44.06 32.56
C GLU C 348 3.56 -44.99 33.49
N PRO C 349 2.45 -45.57 33.02
CA PRO C 349 1.76 -46.57 33.85
C PRO C 349 2.63 -47.75 34.23
N ASP C 350 3.47 -48.20 33.31
CA ASP C 350 4.36 -49.34 33.54
C ASP C 350 5.75 -48.97 33.06
N VAL C 351 6.72 -49.04 33.96
CA VAL C 351 8.10 -48.70 33.66
C VAL C 351 8.96 -49.28 34.76
N LEU C 352 10.14 -49.76 34.38
CA LEU C 352 11.03 -50.43 35.32
C LEU C 352 12.07 -49.42 35.78
N THR C 353 11.87 -48.89 36.98
CA THR C 353 12.74 -47.85 37.53
C THR C 353 13.79 -48.46 38.44
N LEU C 354 15.05 -48.09 38.19
CA LEU C 354 16.19 -48.64 38.93
C LEU C 354 17.08 -47.51 39.41
N THR C 355 17.85 -47.81 40.45
CA THR C 355 18.80 -46.87 41.01
C THR C 355 20.21 -47.43 40.94
N ALA C 366 23.33 -38.12 31.08
CA ALA C 366 22.23 -38.38 32.00
C ALA C 366 21.01 -38.88 31.25
N GLY C 367 20.93 -38.57 29.96
CA GLY C 367 19.92 -39.11 29.09
C GLY C 367 20.47 -40.22 28.24
N GLN C 368 21.53 -40.87 28.73
CA GLN C 368 22.22 -41.86 27.93
C GLN C 368 21.33 -43.07 27.68
N PRO C 369 21.56 -43.81 26.61
CA PRO C 369 20.78 -45.02 26.35
C PRO C 369 21.34 -46.22 27.10
N LEU C 370 20.59 -47.32 27.04
CA LEU C 370 20.99 -48.57 27.65
C LEU C 370 21.06 -49.69 26.62
N GLN C 376 18.78 -49.86 21.53
CA GLN C 376 18.48 -49.31 22.85
C GLN C 376 17.33 -50.08 23.50
N VAL C 377 17.41 -50.23 24.82
CA VAL C 377 16.40 -50.94 25.59
C VAL C 377 15.97 -50.13 26.81
N GLY C 378 16.41 -48.88 26.88
CA GLY C 378 16.16 -48.06 28.03
C GLY C 378 17.04 -46.84 28.00
N GLN C 379 16.81 -45.96 28.98
CA GLN C 379 17.50 -44.69 29.03
C GLN C 379 17.82 -44.33 30.47
N VAL C 380 18.90 -43.56 30.63
CA VAL C 380 19.24 -43.03 31.94
C VAL C 380 18.29 -41.89 32.28
N ILE C 381 17.87 -41.85 33.54
CA ILE C 381 16.95 -40.81 33.99
C ILE C 381 17.69 -39.66 34.63
N ASP C 382 18.62 -39.95 35.55
CA ASP C 382 19.33 -38.87 36.22
C ASP C 382 20.60 -39.40 36.88
N ARG C 383 21.46 -38.46 37.25
CA ARG C 383 22.71 -38.70 37.96
C ARG C 383 22.65 -38.01 39.32
N LYS C 384 23.74 -38.15 40.08
CA LYS C 384 23.91 -37.40 41.32
C LYS C 384 25.38 -37.32 41.69
N THR C 391 24.86 -41.14 42.31
CA THR C 391 23.86 -42.19 42.11
C THR C 391 23.20 -42.05 40.75
N PHE C 392 23.02 -43.19 40.08
CA PHE C 392 22.38 -43.24 38.77
C PHE C 392 20.97 -43.78 38.94
N THR C 393 20.00 -43.05 38.41
CA THR C 393 18.63 -43.52 38.29
C THR C 393 18.32 -43.72 36.81
N VAL C 394 17.76 -44.89 36.49
CA VAL C 394 17.55 -45.32 35.12
C VAL C 394 16.16 -45.92 34.99
N ALA C 395 15.73 -46.09 33.75
CA ALA C 395 14.42 -46.65 33.45
C ALA C 395 14.51 -47.59 32.26
N ILE C 396 13.67 -48.62 32.29
CA ILE C 396 13.51 -49.55 31.18
C ILE C 396 12.05 -49.55 30.77
N GLU C 397 11.83 -49.72 29.47
CA GLU C 397 10.48 -49.73 28.92
C GLU C 397 9.68 -50.91 29.47
N PRO C 398 8.35 -50.80 29.49
CA PRO C 398 7.54 -51.93 29.97
C PRO C 398 7.57 -53.13 29.03
N GLN C 399 7.65 -52.92 27.72
CA GLN C 399 7.70 -54.03 26.79
C GLN C 399 9.00 -54.81 26.89
N HIS C 400 10.11 -54.13 27.14
CA HIS C 400 11.39 -54.78 27.38
C HIS C 400 11.53 -55.23 28.83
N ARG C 401 10.52 -55.03 29.66
CA ARG C 401 10.56 -55.42 31.06
C ARG C 401 10.65 -56.94 31.19
N GLY D 5 -29.51 50.97 14.72
CA GLY D 5 -28.28 50.83 13.96
C GLY D 5 -27.13 51.60 14.59
N ASN D 6 -25.93 51.04 14.49
CA ASN D 6 -24.72 51.65 15.03
C ASN D 6 -23.64 51.74 13.97
N THR D 7 -22.42 52.08 14.37
CA THR D 7 -21.29 52.17 13.46
C THR D 7 -20.06 51.67 14.18
N VAL D 8 -19.35 50.73 13.54
CA VAL D 8 -18.08 50.26 14.07
C VAL D 8 -17.09 50.12 12.93
N THR D 9 -15.90 50.68 13.12
CA THR D 9 -14.83 50.62 12.14
C THR D 9 -13.87 49.52 12.55
N ILE D 10 -13.69 48.53 11.67
CA ILE D 10 -12.80 47.40 11.91
C ILE D 10 -11.70 47.44 10.87
N ASP D 11 -10.46 47.22 11.31
CA ASP D 11 -9.32 47.17 10.42
C ASP D 11 -9.08 45.74 9.97
N PHE D 12 -9.03 45.54 8.66
CA PHE D 12 -8.75 44.25 8.06
C PHE D 12 -7.49 44.37 7.23
N MET D 13 -6.59 43.39 7.38
CA MET D 13 -5.47 43.25 6.47
C MET D 13 -5.96 42.97 5.06
N SER D 14 -6.95 42.09 4.95
CA SER D 14 -7.57 41.75 3.67
C SER D 14 -9.05 41.51 3.89
N ALA D 15 -9.83 41.74 2.84
CA ALA D 15 -11.29 41.60 2.88
C ALA D 15 -11.71 40.98 1.55
N ASP D 16 -11.71 39.65 1.49
CA ASP D 16 -11.68 38.94 0.22
C ASP D 16 -13.04 38.91 -0.44
N GLY D 17 -13.99 38.20 0.17
CA GLY D 17 -15.28 37.94 -0.45
C GLY D 17 -16.40 38.68 0.24
N ILE D 18 -16.16 39.94 0.59
CA ILE D 18 -17.07 40.74 1.39
C ILE D 18 -17.71 41.78 0.50
N VAL D 19 -19.01 41.98 0.66
CA VAL D 19 -19.77 43.02 -0.03
C VAL D 19 -20.47 43.86 1.04
N PRO D 20 -20.53 45.20 0.91
CA PRO D 20 -21.22 45.99 1.94
C PRO D 20 -22.67 45.61 2.14
N GLY D 21 -23.35 45.21 1.07
CA GLY D 21 -24.77 44.89 1.14
C GLY D 21 -25.10 43.80 2.12
N ARG D 22 -24.63 42.58 1.87
CA ARG D 22 -24.95 41.40 2.68
C ARG D 22 -23.66 40.75 3.17
N THR D 23 -23.21 41.17 4.34
CA THR D 23 -22.16 40.49 5.08
C THR D 23 -22.62 40.41 6.53
N PRO D 24 -23.62 39.58 6.81
CA PRO D 24 -24.27 39.63 8.13
C PRO D 24 -23.32 39.19 9.24
N VAL D 25 -23.17 40.04 10.23
CA VAL D 25 -22.30 39.76 11.37
C VAL D 25 -22.99 38.78 12.29
N ARG D 26 -22.31 37.68 12.62
CA ARG D 26 -22.88 36.61 13.42
C ARG D 26 -22.10 36.43 14.71
N TYR D 27 -22.83 36.05 15.76
CA TYR D 27 -22.26 35.69 17.05
C TYR D 27 -22.82 34.32 17.42
N GLN D 28 -22.07 33.27 17.07
CA GLN D 28 -22.58 31.90 17.08
C GLN D 28 -23.74 31.73 16.11
N GLY D 29 -23.80 32.59 15.09
CA GLY D 29 -24.74 32.46 14.01
C GLY D 29 -25.90 33.43 14.07
N VAL D 30 -26.21 33.98 15.23
CA VAL D 30 -27.28 34.97 15.35
C VAL D 30 -26.78 36.28 14.75
N GLU D 31 -27.58 36.86 13.87
CA GLU D 31 -27.14 38.06 13.17
C GLU D 31 -27.12 39.24 14.13
N VAL D 32 -25.94 39.84 14.29
CA VAL D 32 -25.79 41.05 15.10
C VAL D 32 -26.00 42.32 14.29
N GLY D 33 -25.97 42.23 12.97
CA GLY D 33 -26.07 43.40 12.13
C GLY D 33 -25.50 43.08 10.76
N THR D 34 -25.17 44.13 10.03
CA THR D 34 -24.60 43.98 8.69
C THR D 34 -23.52 45.02 8.48
N VAL D 35 -22.59 44.69 7.59
CA VAL D 35 -21.58 45.66 7.20
C VAL D 35 -22.24 46.83 6.49
N GLN D 36 -21.83 48.03 6.87
CA GLN D 36 -22.30 49.23 6.21
C GLN D 36 -21.47 49.58 4.99
N ASP D 37 -20.15 49.44 5.10
CA ASP D 37 -19.26 49.87 4.04
C ASP D 37 -17.91 49.19 4.20
N ILE D 38 -17.20 49.07 3.08
CA ILE D 38 -15.81 48.61 3.06
C ILE D 38 -15.01 49.64 2.28
N SER D 39 -13.89 50.07 2.84
CA SER D 39 -13.04 51.05 2.19
C SER D 39 -11.62 50.88 2.71
N LEU D 40 -10.73 51.75 2.26
CA LEU D 40 -9.33 51.71 2.67
C LEU D 40 -8.85 53.13 2.91
N SER D 41 -7.76 53.23 3.68
CA SER D 41 -7.16 54.50 4.04
C SER D 41 -5.71 54.53 3.58
N ASP D 42 -5.35 55.59 2.85
CA ASP D 42 -3.98 55.85 2.37
C ASP D 42 -3.29 54.60 1.81
N ASP D 43 -4.08 53.69 1.23
CA ASP D 43 -3.57 52.58 0.43
C ASP D 43 -2.55 51.74 1.20
N LEU D 44 -2.77 51.56 2.50
CA LEU D 44 -1.82 50.88 3.37
C LEU D 44 -2.45 49.65 4.02
N ARG D 45 -3.39 49.01 3.31
CA ARG D 45 -4.01 47.75 3.72
C ARG D 45 -4.80 47.87 5.02
N LYS D 46 -5.09 49.10 5.45
CA LYS D 46 -5.92 49.32 6.63
C LYS D 46 -7.38 49.35 6.19
N ILE D 47 -7.86 48.17 5.80
CA ILE D 47 -9.19 48.09 5.22
C ILE D 47 -10.20 48.38 6.32
N GLU D 48 -10.78 49.56 6.28
CA GLU D 48 -11.76 49.98 7.26
C GLU D 48 -13.13 49.50 6.83
N VAL D 49 -13.76 48.68 7.67
CA VAL D 49 -15.10 48.18 7.44
C VAL D 49 -16.01 48.84 8.47
N LYS D 50 -16.97 49.61 7.97
CA LYS D 50 -18.01 50.20 8.80
C LYS D 50 -19.16 49.21 8.90
N VAL D 51 -19.60 48.94 10.12
CA VAL D 51 -20.56 47.89 10.40
C VAL D 51 -21.70 48.46 11.23
N SER D 52 -22.92 48.08 10.86
CA SER D 52 -24.11 48.37 11.64
C SER D 52 -24.33 47.26 12.65
N ILE D 53 -24.81 47.63 13.83
CA ILE D 53 -25.00 46.70 14.93
C ILE D 53 -26.37 46.97 15.56
N LYS D 54 -27.06 45.91 15.94
CA LYS D 54 -28.28 46.06 16.71
C LYS D 54 -27.96 46.56 18.10
N SER D 55 -28.74 47.52 18.57
CA SER D 55 -28.43 48.21 19.83
C SER D 55 -28.42 47.27 21.02
N ASP D 56 -29.09 46.11 20.92
CA ASP D 56 -29.08 45.16 22.03
C ASP D 56 -27.67 44.70 22.34
N MET D 57 -26.88 44.42 21.31
CA MET D 57 -25.49 44.02 21.48
C MET D 57 -24.56 45.20 21.70
N LYS D 58 -25.04 46.43 21.49
CA LYS D 58 -24.17 47.60 21.57
C LYS D 58 -23.56 47.75 22.95
N ASP D 59 -24.31 47.39 24.00
CA ASP D 59 -23.80 47.55 25.36
C ASP D 59 -22.56 46.71 25.60
N ALA D 60 -22.60 45.44 25.18
CA ALA D 60 -21.47 44.54 25.38
C ALA D 60 -20.30 44.88 24.47
N LEU D 61 -20.51 45.70 23.44
CA LEU D 61 -19.42 46.09 22.56
C LEU D 61 -18.39 46.88 23.33
N ARG D 62 -17.21 46.31 23.52
CA ARG D 62 -16.21 46.90 24.39
C ARG D 62 -14.83 46.67 23.77
N GLU D 63 -13.79 47.02 24.52
CA GLU D 63 -12.44 47.00 23.99
C GLU D 63 -12.02 45.59 23.58
N GLU D 64 -12.33 44.60 24.41
CA GLU D 64 -11.88 43.23 24.17
C GLU D 64 -12.77 42.49 23.18
N THR D 65 -13.74 43.16 22.57
CA THR D 65 -14.58 42.52 21.58
C THR D 65 -13.72 42.18 20.36
N GLN D 66 -13.61 40.88 20.07
CA GLN D 66 -12.81 40.40 18.95
C GLN D 66 -13.67 40.16 17.74
N PHE D 67 -13.06 40.29 16.57
CA PHE D 67 -13.72 40.07 15.29
C PHE D 67 -12.81 39.29 14.37
N TRP D 68 -13.41 38.58 13.42
CA TRP D 68 -12.65 37.87 12.41
C TRP D 68 -13.54 37.56 11.23
N LEU D 69 -12.90 37.27 10.10
CA LEU D 69 -13.59 36.88 8.88
C LEU D 69 -13.55 35.37 8.75
N VAL D 70 -14.72 34.75 8.73
CA VAL D 70 -14.80 33.34 8.36
C VAL D 70 -14.73 33.21 6.84
N THR D 71 -14.31 32.04 6.37
CA THR D 71 -14.10 31.84 4.95
C THR D 71 -14.21 30.35 4.65
N PRO D 72 -14.70 29.96 3.47
CA PRO D 72 -14.58 28.55 3.08
C PRO D 72 -13.12 28.15 3.00
N LYS D 73 -12.85 26.92 3.43
CA LYS D 73 -11.48 26.40 3.48
C LYS D 73 -11.49 24.98 2.93
N ALA D 74 -11.26 24.86 1.63
CA ALA D 74 -11.11 23.57 0.96
C ALA D 74 -9.64 23.19 0.80
N SER D 75 -8.77 23.70 1.65
CA SER D 75 -7.33 23.48 1.53
C SER D 75 -7.00 22.07 2.02
N LEU D 76 -5.71 21.78 2.12
CA LEU D 76 -5.27 20.45 2.54
C LEU D 76 -5.73 20.14 3.96
N ALA D 77 -5.63 21.13 4.85
CA ALA D 77 -6.04 21.00 6.25
C ALA D 77 -7.13 22.05 6.48
N GLY D 78 -8.36 21.71 6.11
CA GLY D 78 -9.49 22.57 6.38
C GLY D 78 -10.76 22.10 5.74
N VAL D 79 -11.86 22.12 6.50
CA VAL D 79 -13.18 21.77 6.00
C VAL D 79 -14.19 22.81 6.48
N SER D 80 -13.71 23.90 7.09
CA SER D 80 -14.59 24.88 7.72
C SER D 80 -15.16 25.86 6.70
N GLY D 81 -15.91 25.30 5.75
CA GLY D 81 -16.70 26.07 4.82
C GLY D 81 -18.13 25.57 4.80
N LEU D 82 -18.55 24.99 5.92
CA LEU D 82 -19.88 24.37 5.99
C LEU D 82 -20.97 25.40 5.80
N ASP D 83 -20.82 26.57 6.42
CA ASP D 83 -21.82 27.63 6.37
C ASP D 83 -21.49 28.73 5.37
N ALA D 84 -20.20 29.03 5.19
CA ALA D 84 -19.83 30.11 4.29
C ALA D 84 -20.20 29.81 2.85
N LEU D 85 -20.19 28.53 2.46
CA LEU D 85 -20.61 28.17 1.11
C LEU D 85 -22.09 28.42 0.90
N VAL D 86 -22.90 28.22 1.94
CA VAL D 86 -24.35 28.36 1.84
C VAL D 86 -24.73 29.81 2.15
N GLY D 87 -24.40 30.26 3.36
CA GLY D 87 -24.74 31.60 3.80
C GLY D 87 -23.82 32.69 3.35
N GLY D 88 -22.75 32.37 2.62
CA GLY D 88 -21.80 33.36 2.18
C GLY D 88 -20.82 33.72 3.27
N ASN D 89 -19.81 34.51 2.87
CA ASN D 89 -18.75 34.91 3.79
C ASN D 89 -19.33 35.90 4.80
N TYR D 90 -19.63 35.42 5.99
CA TYR D 90 -20.00 36.29 7.09
C TYR D 90 -18.75 36.56 7.92
N ILE D 91 -18.93 37.22 9.06
CA ILE D 91 -17.84 37.47 10.00
C ILE D 91 -18.32 37.08 11.38
N GLY D 92 -17.39 36.59 12.20
CA GLY D 92 -17.68 36.18 13.54
C GLY D 92 -17.10 37.16 14.54
N MET D 93 -17.74 37.25 15.70
CA MET D 93 -17.32 38.15 16.76
C MET D 93 -17.44 37.44 18.11
N MET D 94 -16.69 37.96 19.07
CA MET D 94 -16.79 37.54 20.46
C MET D 94 -16.85 38.79 21.32
N PRO D 95 -17.85 38.94 22.19
CA PRO D 95 -17.87 40.11 23.07
C PRO D 95 -16.74 40.06 24.08
N GLY D 96 -16.36 41.25 24.54
CA GLY D 96 -15.35 41.37 25.57
C GLY D 96 -15.84 42.25 26.70
N LYS D 97 -15.18 42.10 27.84
CA LYS D 97 -15.49 42.85 29.04
C LYS D 97 -14.50 44.01 29.22
N GLY D 98 -14.14 44.64 28.11
CA GLY D 98 -13.28 45.81 28.15
C GLY D 98 -14.02 47.00 28.72
N LYS D 99 -13.59 48.21 28.37
CA LYS D 99 -14.33 49.41 28.73
C LYS D 99 -15.22 49.85 27.60
N GLU D 100 -14.60 50.21 26.47
CA GLU D 100 -15.33 50.65 25.28
C GLU D 100 -14.31 50.88 24.18
N GLN D 101 -14.75 50.64 22.95
CA GLN D 101 -13.94 50.98 21.79
C GLN D 101 -14.84 50.99 20.56
N ASP D 102 -14.46 51.79 19.58
CA ASP D 102 -15.18 51.90 18.31
C ASP D 102 -14.32 51.54 17.12
N HIS D 103 -13.00 51.74 17.21
CA HIS D 103 -12.07 51.37 16.16
C HIS D 103 -11.38 50.07 16.56
N PHE D 104 -11.45 49.08 15.68
CA PHE D 104 -11.02 47.73 15.99
C PHE D 104 -10.15 47.17 14.89
N VAL D 105 -9.46 46.07 15.21
CA VAL D 105 -8.66 45.31 14.28
C VAL D 105 -9.19 43.89 14.26
N ALA D 106 -9.52 43.41 13.06
CA ALA D 106 -10.05 42.05 12.94
C ALA D 106 -8.94 41.05 13.18
N LEU D 107 -9.24 40.04 13.99
CA LEU D 107 -8.32 38.94 14.16
C LEU D 107 -8.19 38.16 12.86
N ASP D 108 -6.98 37.63 12.62
CA ASP D 108 -6.69 37.00 11.34
C ASP D 108 -7.59 35.80 11.09
N THR D 109 -7.81 34.99 12.12
CA THR D 109 -8.60 33.77 12.01
C THR D 109 -9.62 33.73 13.15
N GLN D 110 -10.40 32.65 13.17
CA GLN D 110 -11.37 32.45 14.22
C GLN D 110 -10.66 31.97 15.48
N PRO D 111 -10.73 32.70 16.60
CA PRO D 111 -10.02 32.25 17.79
C PRO D 111 -10.77 31.14 18.52
N LYS D 112 -10.05 30.45 19.39
CA LYS D 112 -10.63 29.38 20.17
C LYS D 112 -11.47 29.94 21.31
N TYR D 113 -12.67 29.40 21.46
CA TYR D 113 -13.64 29.88 22.44
C TYR D 113 -13.94 28.79 23.47
N ARG D 114 -14.22 29.21 24.70
CA ARG D 114 -14.48 28.30 25.80
C ARG D 114 -15.96 28.27 26.11
N LEU D 115 -16.55 27.07 26.10
CA LEU D 115 -17.94 26.91 26.50
C LEU D 115 -18.07 27.16 28.00
N ASP D 116 -19.11 27.90 28.38
CA ASP D 116 -19.31 28.26 29.78
C ASP D 116 -19.79 27.09 30.62
N ASN D 117 -20.26 26.01 30.01
CA ASN D 117 -20.85 24.91 30.75
C ASN D 117 -19.81 24.24 31.65
N GLY D 118 -20.28 23.24 32.39
CA GLY D 118 -19.40 22.52 33.29
C GLY D 118 -18.73 21.36 32.59
N ASP D 119 -17.52 21.59 32.12
CA ASP D 119 -16.65 20.59 31.53
C ASP D 119 -15.35 20.59 32.33
N LEU D 120 -14.37 19.83 31.87
CA LEU D 120 -13.07 19.80 32.51
C LEU D 120 -12.00 20.21 31.50
N MET D 121 -11.06 21.01 31.97
CA MET D 121 -9.93 21.49 31.19
C MET D 121 -8.67 21.06 31.91
N ILE D 122 -7.75 20.41 31.19
CA ILE D 122 -6.52 19.96 31.82
C ILE D 122 -5.33 20.14 30.88
N HIS D 123 -4.15 20.13 31.48
CA HIS D 123 -2.90 20.44 30.80
C HIS D 123 -2.03 19.21 30.72
N LEU D 124 -1.50 18.94 29.53
CA LEU D 124 -0.54 17.89 29.28
C LEU D 124 0.79 18.51 28.91
N GLN D 125 1.85 18.05 29.58
CA GLN D 125 3.21 18.42 29.22
C GLN D 125 3.77 17.37 28.27
N ALA D 126 4.40 17.83 27.18
CA ALA D 126 4.97 16.91 26.24
C ALA D 126 6.21 17.56 25.62
N PRO D 127 7.33 16.85 25.49
CA PRO D 127 8.49 17.45 24.83
C PRO D 127 8.24 17.77 23.38
N ASP D 128 7.27 17.11 22.74
CA ASP D 128 6.91 17.39 21.36
C ASP D 128 5.42 17.15 21.18
N LEU D 129 4.88 17.72 20.11
CA LEU D 129 3.44 17.64 19.88
C LEU D 129 3.04 16.25 19.39
N GLY D 130 3.88 15.64 18.57
CA GLY D 130 3.42 14.49 17.83
C GLY D 130 2.49 14.95 16.72
N SER D 131 1.76 13.99 16.18
CA SER D 131 0.81 14.26 15.09
C SER D 131 -0.57 14.60 15.66
N LEU D 132 -0.61 15.55 16.59
CA LEU D 132 -1.84 15.95 17.27
C LEU D 132 -2.23 17.34 16.76
N ASN D 133 -3.02 17.35 15.70
CA ASN D 133 -3.61 18.59 15.24
C ASN D 133 -4.81 18.95 16.09
N SER D 134 -5.09 20.25 16.17
CA SER D 134 -6.26 20.72 16.91
C SER D 134 -7.51 20.07 16.39
N GLY D 135 -8.21 19.36 17.28
CA GLY D 135 -9.33 18.51 16.92
C GLY D 135 -9.05 17.04 17.12
N SER D 136 -7.80 16.67 17.35
CA SER D 136 -7.48 15.28 17.65
C SER D 136 -8.23 14.84 18.90
N LEU D 137 -8.51 13.55 18.96
CA LEU D 137 -9.57 13.01 19.80
C LEU D 137 -9.02 12.22 20.98
N VAL D 138 -9.73 12.32 22.10
CA VAL D 138 -9.32 11.70 23.36
C VAL D 138 -10.21 10.50 23.63
N TYR D 139 -9.60 9.37 23.95
CA TYR D 139 -10.30 8.11 24.13
C TYR D 139 -10.12 7.56 25.53
N PHE D 140 -11.18 6.92 26.00
CA PHE D 140 -11.15 6.00 27.12
C PHE D 140 -11.65 4.67 26.58
N ARG D 141 -10.76 3.70 26.47
CA ARG D 141 -11.10 2.39 25.91
C ARG D 141 -11.65 2.54 24.50
N LYS D 142 -11.05 3.45 23.73
CA LYS D 142 -11.43 3.78 22.37
C LYS D 142 -12.80 4.43 22.27
N ILE D 143 -13.39 4.82 23.39
CA ILE D 143 -14.62 5.62 23.38
C ILE D 143 -14.21 7.09 23.44
N PRO D 144 -14.57 7.91 22.45
CA PRO D 144 -14.24 9.34 22.56
C PRO D 144 -14.96 9.98 23.74
N VAL D 145 -14.20 10.72 24.53
CA VAL D 145 -14.74 11.37 25.73
C VAL D 145 -14.27 12.81 25.84
N GLY D 146 -13.72 13.34 24.76
CA GLY D 146 -13.16 14.68 24.78
C GLY D 146 -12.16 14.83 23.66
N LYS D 147 -11.74 16.06 23.45
CA LYS D 147 -10.89 16.41 22.33
C LYS D 147 -9.82 17.38 22.76
N VAL D 148 -8.90 17.63 21.83
CA VAL D 148 -7.86 18.62 22.03
C VAL D 148 -8.43 20.01 21.81
N TYR D 149 -8.20 20.90 22.76
CA TYR D 149 -8.65 22.28 22.64
C TYR D 149 -7.59 23.15 22.00
N ASP D 150 -6.38 23.18 22.56
CA ASP D 150 -5.33 24.02 22.01
C ASP D 150 -3.96 23.48 22.45
N TYR D 151 -2.93 24.02 21.81
CA TYR D 151 -1.55 23.72 22.16
C TYR D 151 -0.74 24.99 22.12
N ALA D 152 0.34 25.02 22.91
CA ALA D 152 1.19 26.19 22.97
C ALA D 152 2.54 25.75 23.52
N ILE D 153 3.46 26.71 23.59
CA ILE D 153 4.83 26.48 24.02
C ILE D 153 5.02 27.15 25.37
N ASN D 154 5.55 26.39 26.32
CA ASN D 154 5.86 26.96 27.61
C ASN D 154 6.94 28.03 27.46
N PRO D 155 7.05 28.94 28.44
CA PRO D 155 8.05 30.01 28.32
C PRO D 155 9.45 29.49 28.09
N ASN D 156 9.82 28.39 28.74
CA ASN D 156 11.05 27.71 28.37
C ASN D 156 10.86 27.02 27.04
N LYS D 157 11.93 26.95 26.26
CA LYS D 157 11.87 26.37 24.93
C LYS D 157 12.11 24.87 24.94
N GLN D 158 11.96 24.24 26.11
CA GLN D 158 12.26 22.82 26.30
C GLN D 158 11.00 22.00 26.51
N GLY D 159 9.88 22.42 25.93
CA GLY D 159 8.67 21.65 26.12
C GLY D 159 7.49 22.27 25.42
N VAL D 160 6.36 21.58 25.54
CA VAL D 160 5.11 21.95 24.92
C VAL D 160 4.00 21.70 25.92
N VAL D 161 3.06 22.63 26.00
CA VAL D 161 1.91 22.51 26.88
C VAL D 161 0.66 22.46 26.02
N ILE D 162 -0.03 21.33 26.09
CA ILE D 162 -1.33 21.18 25.45
C ILE D 162 -2.38 21.38 26.51
N ASP D 163 -3.51 21.98 26.14
CA ASP D 163 -4.66 22.08 27.03
C ASP D 163 -5.85 21.48 26.32
N VAL D 164 -6.53 20.58 27.01
CA VAL D 164 -7.54 19.71 26.40
C VAL D 164 -8.81 19.74 27.21
N LEU D 165 -9.88 19.32 26.54
CA LEU D 165 -11.25 19.41 27.00
C LEU D 165 -11.80 18.02 27.26
N ILE D 166 -12.60 17.90 28.31
CA ILE D 166 -13.27 16.66 28.65
C ILE D 166 -14.73 16.98 28.95
N GLU D 167 -15.63 16.18 28.40
CA GLU D 167 -17.05 16.42 28.54
C GLU D 167 -17.48 16.27 29.98
N ARG D 168 -18.64 16.84 30.28
CA ARG D 168 -19.16 16.81 31.64
C ARG D 168 -19.39 15.39 32.13
N ARG D 169 -20.07 14.58 31.32
CA ARG D 169 -20.51 13.26 31.75
C ARG D 169 -19.36 12.29 32.00
N PHE D 170 -18.12 12.68 31.73
CA PHE D 170 -16.95 11.87 32.01
C PHE D 170 -15.96 12.55 32.94
N THR D 171 -16.33 13.65 33.58
CA THR D 171 -15.40 14.34 34.45
C THR D 171 -14.93 13.48 35.61
N ASP D 172 -15.68 12.44 35.96
CA ASP D 172 -15.28 11.54 37.03
C ASP D 172 -14.17 10.58 36.61
N LEU D 173 -13.96 10.38 35.32
CA LEU D 173 -12.99 9.40 34.87
C LEU D 173 -11.55 9.85 35.05
N VAL D 174 -11.31 11.14 35.19
CA VAL D 174 -9.95 11.67 35.24
C VAL D 174 -9.54 11.74 36.70
N LYS D 175 -8.51 10.97 37.04
CA LYS D 175 -7.97 10.89 38.38
C LYS D 175 -6.56 11.47 38.42
N LYS D 176 -6.07 11.68 39.64
CA LYS D 176 -4.71 12.17 39.80
C LYS D 176 -3.70 11.18 39.24
N GLY D 177 -3.91 9.90 39.50
CA GLY D 177 -3.01 8.87 39.02
C GLY D 177 -3.26 8.45 37.59
N SER D 178 -4.26 9.03 36.94
CA SER D 178 -4.59 8.65 35.58
C SER D 178 -3.43 8.97 34.64
N ARG D 179 -3.20 8.08 33.68
CA ARG D 179 -2.10 8.20 32.75
C ARG D 179 -2.61 8.41 31.34
N PHE D 180 -1.99 9.35 30.64
CA PHE D 180 -2.31 9.67 29.26
C PHE D 180 -1.17 9.20 28.37
N TRP D 181 -1.52 8.64 27.22
CA TRP D 181 -0.51 8.27 26.24
C TRP D 181 -1.01 8.56 24.83
N ASN D 182 -0.06 8.89 23.97
CA ASN D 182 -0.35 9.23 22.59
C ASN D 182 -0.66 7.96 21.81
N VAL D 183 -1.63 8.06 20.92
CA VAL D 183 -1.95 7.01 19.96
C VAL D 183 -2.15 7.73 18.63
N SER D 184 -1.15 7.61 17.76
CA SER D 184 -1.15 8.36 16.51
C SER D 184 -0.04 7.80 15.63
N GLY D 185 -0.19 7.99 14.33
CA GLY D 185 0.75 7.41 13.39
C GLY D 185 0.59 5.90 13.34
N VAL D 186 1.20 5.31 12.32
CA VAL D 186 1.10 3.88 12.08
C VAL D 186 2.48 3.35 11.71
N ASP D 187 2.82 2.18 12.26
CA ASP D 187 4.08 1.52 11.95
C ASP D 187 3.86 0.08 11.53
N ALA D 188 4.95 -0.65 11.33
CA ALA D 188 4.94 -2.08 11.13
C ALA D 188 5.43 -2.76 12.40
N ASN D 189 4.83 -3.90 12.71
CA ASN D 189 5.19 -4.71 13.88
C ASN D 189 5.69 -6.04 13.35
N VAL D 190 6.98 -6.09 13.04
CA VAL D 190 7.59 -7.31 12.52
C VAL D 190 8.10 -8.14 13.69
N SER D 191 7.70 -9.41 13.71
CA SER D 191 8.15 -10.36 14.71
C SER D 191 8.80 -11.55 14.00
N ILE D 192 9.63 -12.27 14.76
CA ILE D 192 10.31 -13.43 14.20
C ILE D 192 9.31 -14.57 14.02
N SER D 193 9.51 -15.33 12.94
CA SER D 193 8.68 -16.50 12.65
C SER D 193 7.21 -16.13 12.50
N GLY D 194 6.95 -15.00 11.86
CA GLY D 194 5.60 -14.51 11.65
C GLY D 194 5.43 -13.10 12.15
N ALA D 195 4.51 -12.35 11.53
CA ALA D 195 4.34 -10.94 11.86
C ALA D 195 2.92 -10.52 11.54
N LYS D 196 2.45 -9.49 12.25
CA LYS D 196 1.15 -8.89 12.00
C LYS D 196 1.25 -7.41 12.29
N VAL D 197 0.45 -6.62 11.58
CA VAL D 197 0.58 -5.16 11.58
C VAL D 197 -0.81 -4.59 11.85
N LYS D 198 -1.11 -4.34 13.13
CA LYS D 198 -2.31 -3.62 13.55
C LYS D 198 -1.90 -2.67 14.65
N LEU D 199 -2.07 -1.37 14.40
CA LEU D 199 -1.75 -0.36 15.41
C LEU D 199 -2.96 0.46 15.84
N GLU D 200 -3.64 1.13 14.91
CA GLU D 200 -4.58 2.18 15.29
C GLU D 200 -5.72 2.28 14.27
N SER D 201 -6.71 3.09 14.63
CA SER D 201 -7.89 3.32 13.81
C SER D 201 -7.61 4.40 12.77
N LEU D 202 -8.47 4.44 11.74
CA LEU D 202 -8.26 5.36 10.63
C LEU D 202 -8.26 6.80 11.09
N ALA D 203 -9.23 7.18 11.92
CA ALA D 203 -9.27 8.55 12.42
C ALA D 203 -8.04 8.84 13.28
N ALA D 204 -7.61 7.86 14.07
CA ALA D 204 -6.44 8.03 14.91
C ALA D 204 -5.20 8.36 14.07
N LEU D 205 -5.16 7.89 12.83
CA LEU D 205 -4.04 8.17 11.93
C LEU D 205 -4.22 9.44 11.13
N VAL D 206 -5.44 9.74 10.71
CA VAL D 206 -5.68 10.95 9.95
C VAL D 206 -5.48 12.18 10.82
N ASN D 207 -5.91 12.08 12.09
CA ASN D 207 -5.96 13.24 12.98
C ASN D 207 -5.01 13.14 14.16
N GLY D 208 -4.55 11.94 14.50
CA GLY D 208 -3.87 11.73 15.76
C GLY D 208 -4.88 11.58 16.89
N ALA D 209 -4.40 11.03 18.00
CA ALA D 209 -5.32 10.78 19.10
C ALA D 209 -4.54 10.58 20.39
N ILE D 210 -5.29 10.67 21.47
CA ILE D 210 -4.78 10.37 22.81
C ILE D 210 -5.70 9.33 23.42
N ALA D 211 -5.14 8.52 24.30
CA ALA D 211 -5.91 7.59 25.11
C ALA D 211 -5.48 7.79 26.55
N PHE D 212 -6.37 7.44 27.47
CA PHE D 212 -6.00 7.57 28.86
C PHE D 212 -6.65 6.49 29.71
N ASP D 213 -5.96 6.14 30.79
CA ASP D 213 -6.43 5.16 31.75
C ASP D 213 -6.53 5.81 33.12
N SER D 214 -7.47 5.31 33.91
CA SER D 214 -7.78 5.86 35.22
C SER D 214 -7.63 4.78 36.28
N PRO D 215 -6.76 4.92 37.27
CA PRO D 215 -6.76 3.96 38.37
C PRO D 215 -8.05 4.03 39.16
N GLU D 216 -8.43 2.87 39.71
CA GLU D 216 -9.71 2.78 40.40
C GLU D 216 -9.74 3.61 41.67
N GLU D 217 -8.62 3.66 42.39
CA GLU D 217 -8.60 4.17 43.75
C GLU D 217 -8.25 5.66 43.86
N SER D 218 -7.60 6.23 42.85
CA SER D 218 -7.14 7.59 42.96
C SER D 218 -8.32 8.55 43.07
N LYS D 219 -8.00 9.80 43.41
CA LYS D 219 -8.98 10.86 43.52
C LYS D 219 -9.16 11.58 42.19
N PRO D 220 -10.31 12.20 41.97
CA PRO D 220 -10.53 12.88 40.68
C PRO D 220 -9.71 14.15 40.58
N ALA D 221 -9.06 14.33 39.43
CA ALA D 221 -8.31 15.54 39.17
C ALA D 221 -9.25 16.67 38.79
N GLU D 222 -8.75 17.88 38.86
CA GLU D 222 -9.59 19.05 38.62
C GLU D 222 -8.74 20.27 38.36
N ALA D 223 -9.36 21.28 37.76
CA ALA D 223 -8.87 22.66 37.75
C ALA D 223 -7.47 22.75 37.12
N GLU D 224 -7.45 22.45 35.82
CA GLU D 224 -6.25 22.65 35.00
C GLU D 224 -5.06 21.89 35.55
N ASP D 225 -5.31 20.76 36.20
CA ASP D 225 -4.21 19.97 36.75
C ASP D 225 -3.33 19.46 35.62
N THR D 226 -2.02 19.62 35.80
CA THR D 226 -1.08 19.17 34.79
C THR D 226 -0.97 17.66 34.79
N PHE D 227 -0.55 17.13 33.65
CA PHE D 227 -0.31 15.71 33.50
C PHE D 227 0.83 15.51 32.52
N GLY D 228 1.41 14.32 32.56
CA GLY D 228 2.49 13.96 31.67
C GLY D 228 2.01 13.02 30.59
N LEU D 229 2.41 13.31 29.35
CA LEU D 229 2.07 12.50 28.20
C LEU D 229 3.20 11.51 27.95
N TYR D 230 2.82 10.26 27.68
CA TYR D 230 3.78 9.22 27.33
C TYR D 230 3.66 8.91 25.84
N GLU D 231 4.81 8.84 25.18
CA GLU D 231 4.84 8.72 23.73
C GLU D 231 4.09 7.49 23.24
N ASP D 232 4.01 6.44 24.07
CA ASP D 232 3.38 5.20 23.64
C ASP D 232 2.79 4.50 24.86
N LEU D 233 1.88 3.57 24.58
CA LEU D 233 1.26 2.79 25.63
C LEU D 233 2.31 2.06 26.45
N ALA D 234 3.37 1.57 25.79
CA ALA D 234 4.41 0.83 26.50
C ALA D 234 5.09 1.71 27.53
N HIS D 235 5.47 2.93 27.13
CA HIS D 235 6.13 3.83 28.05
C HIS D 235 5.20 4.28 29.19
N SER D 236 3.90 4.12 29.01
CA SER D 236 2.93 4.47 30.04
C SER D 236 2.70 3.34 31.03
N GLN D 237 3.36 2.20 30.85
CA GLN D 237 3.12 1.05 31.72
C GLN D 237 3.47 1.38 33.16
N ARG D 238 2.62 0.90 34.06
CA ARG D 238 2.79 1.16 35.49
C ARG D 238 3.64 0.04 36.07
N GLY D 239 4.95 0.27 36.10
CA GLY D 239 5.87 -0.66 36.71
C GLY D 239 6.89 0.08 37.53
N VAL D 240 7.58 -0.65 38.36
CA VAL D 240 8.54 -0.08 39.27
C VAL D 240 9.88 0.10 38.57
N ILE D 241 10.61 1.12 38.99
CA ILE D 241 11.87 1.51 38.36
C ILE D 241 13.02 0.95 39.17
N ILE D 242 14.07 0.51 38.47
CA ILE D 242 15.25 -0.06 39.07
C ILE D 242 16.48 0.51 38.38
N LYS D 243 17.44 0.97 39.18
CA LYS D 243 18.70 1.48 38.67
C LYS D 243 19.73 0.38 38.59
N LEU D 244 20.48 0.35 37.49
CA LEU D 244 21.45 -0.70 37.23
C LEU D 244 22.78 -0.08 36.83
N GLU D 245 23.84 -0.56 37.47
CA GLU D 245 25.21 -0.29 37.05
C GLU D 245 25.68 -1.46 36.21
N LEU D 246 26.11 -1.19 34.97
CA LEU D 246 26.38 -2.24 34.01
C LEU D 246 27.88 -2.35 33.72
N PRO D 247 28.35 -3.53 33.32
CA PRO D 247 29.73 -3.61 32.81
C PRO D 247 29.88 -2.90 31.47
N SER D 248 29.05 -3.27 30.51
CA SER D 248 29.08 -2.65 29.18
C SER D 248 27.84 -3.05 28.38
N GLY D 249 27.20 -2.07 27.75
CA GLY D 249 26.00 -2.34 26.99
C GLY D 249 26.29 -2.70 25.56
N ALA D 250 27.07 -3.77 25.37
CA ALA D 250 27.47 -4.16 24.02
C ALA D 250 26.27 -4.54 23.18
N GLY D 251 25.44 -5.44 23.69
CA GLY D 251 24.27 -5.90 22.96
C GLY D 251 22.96 -5.34 23.50
N LEU D 252 23.04 -4.55 24.56
CA LEU D 252 21.84 -4.06 25.21
C LEU D 252 21.18 -2.97 24.39
N THR D 253 19.85 -2.95 24.44
CA THR D 253 19.06 -1.94 23.75
C THR D 253 18.04 -1.35 24.72
N ALA D 254 17.79 -0.05 24.55
CA ALA D 254 17.15 0.73 25.61
C ALA D 254 15.71 0.32 25.86
N ASP D 255 15.03 -0.27 24.87
CA ASP D 255 13.63 -0.62 25.02
C ASP D 255 13.29 -1.95 24.35
N SER D 256 14.30 -2.82 24.17
CA SER D 256 14.08 -4.12 23.56
C SER D 256 14.64 -5.24 24.45
N THR D 257 15.61 -4.91 25.29
CA THR D 257 16.18 -5.90 26.19
C THR D 257 15.19 -6.24 27.28
N PRO D 258 14.75 -7.48 27.41
CA PRO D 258 13.79 -7.82 28.47
C PRO D 258 14.47 -8.36 29.71
N LEU D 259 13.65 -8.58 30.74
CA LEU D 259 14.06 -9.27 31.95
C LEU D 259 13.33 -10.60 32.02
N MET D 260 14.10 -11.67 32.22
CA MET D 260 13.55 -13.01 32.27
C MET D 260 13.38 -13.46 33.71
N TYR D 261 12.38 -14.31 33.92
CA TYR D 261 12.22 -15.03 35.17
C TYR D 261 11.33 -16.22 34.90
N GLN D 262 11.83 -17.41 35.22
CA GLN D 262 11.09 -18.65 35.00
C GLN D 262 10.71 -18.81 33.54
N GLY D 263 11.51 -18.24 32.65
CA GLY D 263 11.27 -18.32 31.23
C GLY D 263 10.38 -17.24 30.66
N LEU D 264 9.89 -16.32 31.49
CA LEU D 264 8.91 -15.34 31.07
C LEU D 264 9.46 -13.93 31.19
N GLU D 265 9.01 -13.07 30.29
CA GLU D 265 9.35 -11.65 30.37
C GLU D 265 8.55 -11.00 31.48
N VAL D 266 9.25 -10.32 32.39
CA VAL D 266 8.62 -9.62 33.50
C VAL D 266 8.98 -8.14 33.44
N GLY D 267 10.16 -7.83 32.92
CA GLY D 267 10.66 -6.49 32.92
C GLY D 267 11.24 -6.14 31.57
N GLN D 268 11.51 -4.84 31.40
CA GLN D 268 12.01 -4.31 30.15
C GLN D 268 12.95 -3.18 30.48
N LEU D 269 14.18 -3.28 30.00
CA LEU D 269 15.09 -2.15 30.12
C LEU D 269 14.46 -0.94 29.44
N THR D 270 14.62 0.22 30.06
CA THR D 270 14.04 1.46 29.58
C THR D 270 15.07 2.48 29.16
N LYS D 271 16.06 2.74 30.00
CA LYS D 271 17.08 3.74 29.72
C LYS D 271 18.45 3.12 29.79
N LEU D 272 19.32 3.58 28.90
CA LEU D 272 20.69 3.08 28.79
C LEU D 272 21.58 4.27 28.46
N ASP D 273 22.47 4.63 29.38
CA ASP D 273 23.25 5.84 29.25
C ASP D 273 24.69 5.60 29.69
N LEU D 274 25.57 6.44 29.17
CA LEU D 274 26.98 6.44 29.53
C LEU D 274 27.22 7.55 30.53
N ASN D 275 27.76 7.19 31.66
CA ASN D 275 28.17 8.18 32.64
C ASN D 275 29.62 8.58 32.42
N PRO D 276 30.02 9.76 32.90
CA PRO D 276 31.43 10.13 32.80
C PRO D 276 32.30 9.17 33.59
N GLY D 277 33.54 8.99 33.12
CA GLY D 277 34.43 8.00 33.67
C GLY D 277 34.32 6.64 33.03
N GLY D 278 33.51 6.49 31.99
CA GLY D 278 33.36 5.24 31.30
C GLY D 278 32.33 4.30 31.88
N LYS D 279 31.74 4.65 33.02
CA LYS D 279 30.72 3.81 33.62
C LYS D 279 29.43 3.90 32.83
N VAL D 280 28.74 2.76 32.72
CA VAL D 280 27.48 2.65 32.00
C VAL D 280 26.40 2.36 33.02
N THR D 281 25.29 3.10 32.93
CA THR D 281 24.18 2.93 33.84
C THR D 281 22.87 2.91 33.06
N GLY D 282 21.93 2.10 33.53
CA GLY D 282 20.64 2.00 32.91
C GLY D 282 19.56 1.98 33.98
N GLU D 283 18.32 2.02 33.50
CA GLU D 283 17.17 1.89 34.38
C GLU D 283 16.13 1.05 33.69
N MET D 284 15.42 0.27 34.49
CA MET D 284 14.54 -0.79 34.01
C MET D 284 13.18 -0.68 34.70
N THR D 285 12.15 -1.09 33.97
CA THR D 285 10.81 -1.22 34.51
C THR D 285 10.51 -2.69 34.80
N VAL D 286 9.79 -2.93 35.88
CA VAL D 286 9.39 -4.28 36.27
C VAL D 286 7.90 -4.29 36.59
N ASP D 287 7.27 -5.42 36.28
CA ASP D 287 5.88 -5.60 36.68
C ASP D 287 5.79 -5.64 38.20
N PRO D 288 4.75 -5.05 38.81
CA PRO D 288 4.62 -5.13 40.26
C PRO D 288 4.55 -6.55 40.80
N SER D 289 4.03 -7.49 40.01
CA SER D 289 3.79 -8.85 40.50
C SER D 289 5.05 -9.52 41.00
N VAL D 290 6.22 -9.05 40.56
CA VAL D 290 7.50 -9.64 40.93
C VAL D 290 8.29 -8.76 41.88
N VAL D 291 7.82 -7.55 42.16
CA VAL D 291 8.64 -6.59 42.91
C VAL D 291 8.94 -7.10 44.32
N THR D 292 8.06 -7.91 44.89
CA THR D 292 8.30 -8.42 46.23
C THR D 292 9.56 -9.27 46.29
N LEU D 293 9.94 -9.87 45.17
CA LEU D 293 11.15 -10.68 45.10
C LEU D 293 12.41 -9.83 45.08
N LEU D 294 12.30 -8.56 44.71
CA LEU D 294 13.44 -7.67 44.71
C LEU D 294 13.84 -7.35 46.14
N ARG D 295 14.91 -7.97 46.61
CA ARG D 295 15.38 -7.82 47.97
C ARG D 295 16.90 -7.80 47.96
N GLU D 296 17.47 -7.66 49.15
CA GLU D 296 18.91 -7.82 49.27
C GLU D 296 19.31 -9.24 48.90
N ASN D 297 20.59 -9.41 48.57
CA ASN D 297 21.15 -10.64 48.02
C ASN D 297 20.31 -11.19 46.86
N THR D 298 19.59 -10.32 46.17
CA THR D 298 18.98 -10.66 44.89
C THR D 298 19.89 -10.16 43.79
N ARG D 299 20.42 -11.08 43.01
CA ARG D 299 21.41 -10.78 41.99
C ARG D 299 20.74 -10.79 40.64
N ILE D 300 21.24 -9.94 39.74
CA ILE D 300 20.78 -9.88 38.36
C ILE D 300 22.00 -10.10 37.48
N GLU D 301 21.89 -11.04 36.56
CA GLU D 301 22.99 -11.41 35.69
C GLU D 301 22.57 -11.31 34.24
N LEU D 302 23.48 -10.83 33.40
CA LEU D 302 23.29 -10.81 31.95
C LEU D 302 23.59 -12.22 31.46
N ARG D 303 22.58 -12.85 30.88
CA ARG D 303 22.79 -14.11 30.20
C ARG D 303 23.09 -13.86 28.73
N ASN D 304 23.58 -14.89 28.06
CA ASN D 304 23.93 -14.82 26.65
C ASN D 304 23.25 -15.95 25.91
N PRO D 305 22.84 -15.75 24.66
CA PRO D 305 22.19 -16.83 23.92
C PRO D 305 23.20 -17.91 23.58
N LYS D 306 23.01 -19.09 24.17
CA LYS D 306 23.96 -20.18 24.06
C LYS D 306 23.65 -21.04 22.85
N LEU D 307 24.70 -21.60 22.27
CA LEU D 307 24.60 -22.50 21.12
C LEU D 307 24.33 -23.91 21.65
N SER D 308 23.05 -24.20 21.91
CA SER D 308 22.68 -25.50 22.45
C SER D 308 22.85 -26.58 21.39
N LEU D 309 23.55 -27.66 21.77
CA LEU D 309 23.73 -28.78 20.86
C LEU D 309 22.42 -29.52 20.65
N SER D 310 21.62 -29.67 21.71
CA SER D 310 20.42 -30.49 21.64
C SER D 310 19.26 -29.71 21.01
N ASP D 311 18.84 -28.63 21.66
CA ASP D 311 17.69 -27.83 21.22
C ASP D 311 18.23 -26.57 20.57
N ALA D 312 18.42 -26.62 19.25
CA ALA D 312 18.91 -25.46 18.51
C ALA D 312 17.81 -24.41 18.51
N ASN D 313 17.94 -23.44 19.42
CA ASN D 313 16.89 -22.46 19.66
C ASN D 313 17.22 -21.20 18.86
N LEU D 314 16.51 -21.02 17.74
CA LEU D 314 16.78 -19.91 16.85
C LEU D 314 16.38 -18.58 17.48
N SER D 315 15.23 -18.55 18.14
CA SER D 315 14.72 -17.30 18.70
C SER D 315 15.70 -16.73 19.72
N ALA D 316 16.32 -17.60 20.51
CA ALA D 316 17.31 -17.14 21.49
C ALA D 316 18.48 -16.46 20.78
N LEU D 317 18.97 -17.08 19.71
CA LEU D 317 20.07 -16.49 18.96
C LEU D 317 19.67 -15.14 18.38
N LEU D 318 18.46 -15.05 17.83
CA LEU D 318 18.02 -13.80 17.21
C LEU D 318 17.87 -12.70 18.25
N THR D 319 17.35 -13.05 19.43
CA THR D 319 17.11 -12.05 20.46
C THR D 319 18.41 -11.43 20.95
N GLY D 320 19.49 -12.19 20.96
CA GLY D 320 20.74 -11.70 21.50
C GLY D 320 20.79 -11.80 23.01
N LYS D 321 21.43 -10.81 23.63
CA LYS D 321 21.62 -10.83 25.06
C LYS D 321 20.30 -10.71 25.80
N THR D 322 20.28 -11.23 27.02
CA THR D 322 19.10 -11.14 27.86
C THR D 322 19.53 -11.23 29.31
N PHE D 323 18.79 -10.52 30.17
CA PHE D 323 19.05 -10.56 31.59
C PHE D 323 18.37 -11.77 32.22
N GLU D 324 18.47 -11.86 33.53
CA GLU D 324 17.87 -12.95 34.27
C GLU D 324 17.63 -12.50 35.70
N LEU D 325 16.53 -12.97 36.26
CA LEU D 325 16.20 -12.72 37.65
C LEU D 325 16.42 -14.00 38.44
N VAL D 326 16.98 -13.86 39.63
CA VAL D 326 17.20 -15.00 40.51
C VAL D 326 16.93 -14.49 41.93
N PRO D 327 15.76 -14.76 42.51
CA PRO D 327 15.39 -14.06 43.74
C PRO D 327 16.29 -14.41 44.90
N GLY D 328 16.30 -13.51 45.87
CA GLY D 328 17.01 -13.69 47.11
C GLY D 328 16.11 -13.39 48.28
N ASP D 329 16.70 -13.11 49.44
CA ASP D 329 15.95 -12.80 50.65
C ASP D 329 16.65 -11.69 51.40
N GLY D 330 15.88 -10.75 51.91
CA GLY D 330 16.42 -9.66 52.68
C GLY D 330 15.55 -8.44 52.54
N GLU D 331 16.13 -7.29 52.88
CA GLU D 331 15.42 -6.04 52.77
C GLU D 331 15.18 -5.70 51.31
N PRO D 332 14.07 -5.04 50.99
CA PRO D 332 13.89 -4.53 49.62
C PRO D 332 14.97 -3.53 49.26
N ARG D 333 15.38 -3.56 48.00
CA ARG D 333 16.34 -2.61 47.47
C ARG D 333 16.01 -2.34 46.02
N LYS D 334 16.52 -1.20 45.52
CA LYS D 334 16.19 -0.72 44.19
C LYS D 334 17.40 -0.43 43.33
N GLU D 335 18.59 -0.37 43.90
CA GLU D 335 19.83 -0.25 43.15
C GLU D 335 20.49 -1.61 43.09
N PHE D 336 20.97 -1.97 41.89
CA PHE D 336 21.58 -3.27 41.67
C PHE D 336 22.82 -3.10 40.79
N VAL D 337 23.72 -4.06 40.91
CA VAL D 337 24.90 -4.14 40.06
C VAL D 337 24.77 -5.43 39.26
N VAL D 338 24.80 -5.29 37.94
CA VAL D 338 24.65 -6.45 37.07
C VAL D 338 25.98 -7.19 37.01
N VAL D 339 25.90 -8.52 37.07
CA VAL D 339 27.08 -9.37 37.06
C VAL D 339 27.17 -10.05 35.69
N PRO D 340 28.35 -10.28 35.14
CA PRO D 340 28.43 -11.10 33.93
C PRO D 340 27.95 -12.52 34.19
N GLY D 341 27.42 -13.14 33.14
CA GLY D 341 26.94 -14.51 33.27
C GLY D 341 28.02 -15.47 33.70
N GLU D 342 29.27 -15.21 33.31
CA GLU D 342 30.37 -16.06 33.71
C GLU D 342 30.59 -16.01 35.21
N LYS D 343 30.49 -14.82 35.80
CA LYS D 343 30.78 -14.60 37.21
C LYS D 343 29.54 -14.72 38.07
N ALA D 344 28.47 -15.33 37.55
CA ALA D 344 27.25 -15.47 38.35
C ALA D 344 27.50 -16.31 39.58
N LEU D 345 28.26 -17.40 39.44
CA LEU D 345 28.54 -18.25 40.58
C LEU D 345 29.31 -17.49 41.66
N LEU D 346 30.14 -16.53 41.24
CA LEU D 346 30.97 -15.81 42.19
C LEU D 346 30.12 -14.95 43.12
N HIS D 347 29.20 -14.17 42.57
CA HIS D 347 28.40 -13.24 43.36
C HIS D 347 27.17 -13.99 43.88
N GLU D 348 27.39 -14.79 44.92
CA GLU D 348 26.35 -15.57 45.55
C GLU D 348 26.41 -15.39 47.06
N PRO D 349 25.30 -15.57 47.77
CA PRO D 349 25.36 -15.53 49.24
C PRO D 349 26.32 -16.55 49.83
N ASP D 350 26.37 -17.75 49.24
CA ASP D 350 27.23 -18.84 49.71
C ASP D 350 27.94 -19.43 48.52
N VAL D 351 29.27 -19.42 48.56
CA VAL D 351 30.09 -19.93 47.48
C VAL D 351 31.49 -20.13 48.03
N LEU D 352 32.14 -21.20 47.58
CA LEU D 352 33.46 -21.57 48.10
C LEU D 352 34.50 -21.04 47.12
N THR D 353 35.13 -19.92 47.48
CA THR D 353 36.08 -19.26 46.61
C THR D 353 37.50 -19.67 46.98
N LEU D 354 38.27 -20.09 45.98
CA LEU D 354 39.62 -20.57 46.18
C LEU D 354 40.57 -19.89 45.21
N THR D 355 41.84 -19.89 45.58
CA THR D 355 42.90 -19.32 44.74
C THR D 355 43.94 -20.38 44.40
N ALA D 366 39.39 -20.41 31.25
CA ALA D 366 39.18 -19.63 32.46
C ALA D 366 37.79 -19.85 33.02
N GLY D 367 36.88 -20.29 32.15
CA GLY D 367 35.56 -20.71 32.58
C GLY D 367 35.46 -22.21 32.64
N GLN D 368 36.61 -22.88 32.82
CA GLN D 368 36.63 -24.32 32.75
C GLN D 368 35.86 -24.94 33.91
N PRO D 369 35.35 -26.16 33.75
CA PRO D 369 34.64 -26.82 34.84
C PRO D 369 35.61 -27.51 35.80
N LEU D 370 35.04 -28.00 36.89
CA LEU D 370 35.81 -28.75 37.89
C LEU D 370 35.23 -30.14 38.09
N GLN D 376 30.17 -32.02 36.69
CA GLN D 376 30.79 -30.79 37.15
C GLN D 376 30.39 -30.48 38.58
N VAL D 377 31.32 -29.90 39.34
CA VAL D 377 31.09 -29.55 40.74
C VAL D 377 31.55 -28.12 41.01
N GLY D 378 31.87 -27.39 39.96
CA GLY D 378 32.41 -26.05 40.13
C GLY D 378 33.00 -25.58 38.82
N GLN D 379 33.44 -24.33 38.83
CA GLN D 379 33.94 -23.69 37.62
C GLN D 379 35.11 -22.78 37.97
N VAL D 380 36.00 -22.63 36.98
CA VAL D 380 37.09 -21.68 37.12
C VAL D 380 36.56 -20.26 36.98
N ILE D 381 37.07 -19.37 37.82
CA ILE D 381 36.63 -17.97 37.79
C ILE D 381 37.57 -17.13 36.95
N ASP D 382 38.88 -17.24 37.17
CA ASP D 382 39.81 -16.42 36.42
C ASP D 382 41.22 -16.99 36.50
N ARG D 383 42.08 -16.50 35.62
CA ARG D 383 43.48 -16.82 35.54
C ARG D 383 44.32 -15.57 35.79
N LYS D 384 45.63 -15.74 35.75
CA LYS D 384 46.54 -14.60 35.79
C LYS D 384 47.89 -14.98 35.18
N THR D 391 48.06 -17.15 38.43
CA THR D 391 47.23 -17.57 39.55
C THR D 391 45.83 -17.94 39.07
N PHE D 392 45.30 -19.03 39.60
CA PHE D 392 43.97 -19.50 39.28
C PHE D 392 43.03 -19.17 40.44
N THR D 393 41.92 -18.51 40.13
CA THR D 393 40.83 -18.31 41.08
C THR D 393 39.65 -19.13 40.61
N VAL D 394 39.05 -19.89 41.52
CA VAL D 394 38.01 -20.86 41.21
C VAL D 394 36.91 -20.74 42.26
N ALA D 395 35.77 -21.35 41.93
CA ALA D 395 34.61 -21.35 42.82
C ALA D 395 33.94 -22.70 42.81
N ILE D 396 33.38 -23.06 43.96
CA ILE D 396 32.55 -24.26 44.11
C ILE D 396 31.18 -23.84 44.61
N GLU D 397 30.17 -24.57 44.17
CA GLU D 397 28.80 -24.29 44.55
C GLU D 397 28.60 -24.49 46.05
N PRO D 398 27.62 -23.82 46.65
CA PRO D 398 27.37 -24.02 48.08
C PRO D 398 26.83 -25.39 48.42
N GLN D 399 26.02 -25.99 47.55
CA GLN D 399 25.48 -27.32 47.81
C GLN D 399 26.56 -28.39 47.77
N HIS D 400 27.53 -28.25 46.87
CA HIS D 400 28.68 -29.14 46.82
C HIS D 400 29.76 -28.75 47.82
N ARG D 401 29.52 -27.71 48.61
CA ARG D 401 30.50 -27.26 49.59
C ARG D 401 30.71 -28.31 50.66
N GLY E 5 -15.13 57.17 -12.96
CA GLY E 5 -14.69 56.13 -13.87
C GLY E 5 -13.44 56.52 -14.64
N ASN E 6 -12.59 55.53 -14.90
CA ASN E 6 -11.35 55.74 -15.63
C ASN E 6 -11.25 54.75 -16.78
N THR E 7 -10.07 54.69 -17.40
CA THR E 7 -9.83 53.77 -18.51
C THR E 7 -8.41 53.26 -18.40
N VAL E 8 -8.25 51.93 -18.42
CA VAL E 8 -6.93 51.32 -18.44
C VAL E 8 -6.93 50.18 -19.43
N THR E 9 -5.93 50.16 -20.31
CA THR E 9 -5.77 49.11 -21.30
C THR E 9 -4.73 48.12 -20.80
N ILE E 10 -5.13 46.86 -20.67
CA ILE E 10 -4.26 45.81 -20.19
C ILE E 10 -4.12 44.77 -21.30
N ASP E 11 -2.89 44.32 -21.52
CA ASP E 11 -2.61 43.30 -22.52
C ASP E 11 -2.65 41.93 -21.88
N PHE E 12 -3.49 41.05 -22.44
CA PHE E 12 -3.62 39.67 -22.00
C PHE E 12 -3.22 38.75 -23.14
N MET E 13 -2.40 37.75 -22.81
CA MET E 13 -2.15 36.67 -23.75
C MET E 13 -3.43 35.90 -24.03
N SER E 14 -4.22 35.65 -23.00
CA SER E 14 -5.50 34.98 -23.12
C SER E 14 -6.46 35.58 -22.10
N ALA E 15 -7.75 35.50 -22.41
CA ALA E 15 -8.82 36.06 -21.58
C ALA E 15 -9.98 35.08 -21.64
N ASP E 16 -9.95 34.09 -20.73
CA ASP E 16 -10.74 32.88 -20.91
C ASP E 16 -12.21 33.09 -20.57
N GLY E 17 -12.49 33.32 -19.29
CA GLY E 17 -13.85 33.37 -18.79
C GLY E 17 -14.27 34.76 -18.39
N ILE E 18 -13.91 35.75 -19.20
CA ILE E 18 -14.10 37.15 -18.89
C ILE E 18 -15.22 37.70 -19.77
N VAL E 19 -16.10 38.50 -19.18
CA VAL E 19 -17.16 39.19 -19.89
C VAL E 19 -17.02 40.69 -19.58
N PRO E 20 -17.22 41.59 -20.54
CA PRO E 20 -17.09 43.02 -20.22
C PRO E 20 -18.04 43.49 -19.13
N GLY E 21 -19.24 42.91 -19.07
CA GLY E 21 -20.23 43.35 -18.11
C GLY E 21 -19.79 43.25 -16.67
N ARG E 22 -19.55 42.03 -16.20
CA ARG E 22 -19.21 41.77 -14.80
C ARG E 22 -17.89 41.01 -14.73
N THR E 23 -16.80 41.76 -14.63
CA THR E 23 -15.49 41.21 -14.29
C THR E 23 -14.88 42.15 -13.26
N PRO E 24 -15.40 42.14 -12.03
CA PRO E 24 -15.04 43.17 -11.06
C PRO E 24 -13.58 43.06 -10.65
N VAL E 25 -12.84 44.14 -10.80
CA VAL E 25 -11.43 44.17 -10.45
C VAL E 25 -11.30 44.29 -8.94
N ARG E 26 -10.53 43.39 -8.35
CA ARG E 26 -10.39 43.30 -6.90
C ARG E 26 -8.94 43.54 -6.48
N TYR E 27 -8.78 44.14 -5.32
CA TYR E 27 -7.49 44.35 -4.67
C TYR E 27 -7.61 43.81 -3.26
N GLN E 28 -7.24 42.54 -3.08
CA GLN E 28 -7.55 41.79 -1.86
C GLN E 28 -9.05 41.64 -1.68
N GLY E 29 -9.80 41.73 -2.77
CA GLY E 29 -11.21 41.46 -2.78
C GLY E 29 -12.09 42.69 -2.86
N VAL E 30 -11.58 43.86 -2.48
CA VAL E 30 -12.35 45.09 -2.58
C VAL E 30 -12.42 45.49 -4.05
N GLU E 31 -13.63 45.77 -4.52
CA GLU E 31 -13.82 46.06 -5.93
C GLU E 31 -13.22 47.42 -6.27
N VAL E 32 -12.26 47.42 -7.18
CA VAL E 32 -11.65 48.65 -7.68
C VAL E 32 -12.39 49.22 -8.88
N GLY E 33 -13.24 48.42 -9.52
CA GLY E 33 -13.91 48.84 -10.72
C GLY E 33 -14.37 47.61 -11.50
N THR E 34 -14.66 47.83 -12.77
CA THR E 34 -15.10 46.74 -13.64
C THR E 34 -14.47 46.90 -15.01
N VAL E 35 -14.34 45.78 -15.70
CA VAL E 35 -13.89 45.81 -17.09
C VAL E 35 -14.89 46.55 -17.94
N GLN E 36 -14.39 47.44 -18.79
CA GLN E 36 -15.24 48.15 -19.73
C GLN E 36 -15.42 47.36 -21.02
N ASP E 37 -14.35 46.75 -21.52
CA ASP E 37 -14.40 46.08 -22.80
C ASP E 37 -13.24 45.10 -22.91
N ILE E 38 -13.45 44.09 -23.75
CA ILE E 38 -12.40 43.15 -24.14
C ILE E 38 -12.36 43.11 -25.66
N SER E 39 -11.16 43.24 -26.22
CA SER E 39 -10.99 43.22 -27.66
C SER E 39 -9.57 42.75 -27.97
N LEU E 40 -9.24 42.74 -29.26
CA LEU E 40 -7.92 42.32 -29.70
C LEU E 40 -7.45 43.26 -30.81
N SER E 41 -6.14 43.27 -31.02
CA SER E 41 -5.50 44.12 -32.01
C SER E 41 -4.71 43.26 -32.99
N ASP E 42 -4.96 43.46 -34.28
CA ASP E 42 -4.27 42.78 -35.40
C ASP E 42 -4.06 41.29 -35.15
N ASP E 43 -5.00 40.66 -34.43
CA ASP E 43 -5.09 39.21 -34.31
C ASP E 43 -3.79 38.58 -33.84
N LEU E 44 -3.09 39.26 -32.94
CA LEU E 44 -1.77 38.84 -32.47
C LEU E 44 -1.77 38.59 -30.97
N ARG E 45 -2.91 38.15 -30.43
CA ARG E 45 -3.05 37.74 -29.03
C ARG E 45 -2.79 38.88 -28.06
N LYS E 46 -2.79 40.12 -28.54
CA LYS E 46 -2.64 41.29 -27.68
C LYS E 46 -4.03 41.70 -27.20
N ILE E 47 -4.60 40.85 -26.34
CA ILE E 47 -5.98 41.06 -25.92
C ILE E 47 -6.02 42.31 -25.05
N GLU E 48 -6.54 43.39 -25.61
CA GLU E 48 -6.65 44.65 -24.91
C GLU E 48 -7.94 44.66 -24.12
N VAL E 49 -7.83 44.82 -22.81
CA VAL E 49 -8.96 44.92 -21.91
C VAL E 49 -9.00 46.34 -21.39
N LYS E 50 -10.08 47.04 -21.72
CA LYS E 50 -10.34 48.36 -21.18
C LYS E 50 -11.09 48.21 -19.87
N VAL E 51 -10.61 48.89 -18.84
CA VAL E 51 -11.11 48.72 -17.48
C VAL E 51 -11.45 50.07 -16.88
N SER E 52 -12.58 50.12 -16.20
CA SER E 52 -12.99 51.27 -15.41
C SER E 52 -12.44 51.13 -14.00
N ILE E 53 -12.03 52.25 -13.42
CA ILE E 53 -11.42 52.27 -12.09
C ILE E 53 -12.03 53.40 -11.29
N LYS E 54 -12.26 53.15 -10.01
CA LYS E 54 -12.68 54.20 -9.11
C LYS E 54 -11.54 55.18 -8.89
N SER E 55 -11.86 56.48 -8.93
CA SER E 55 -10.84 57.51 -8.91
C SER E 55 -10.01 57.49 -7.64
N ASP E 56 -10.52 56.90 -6.56
CA ASP E 56 -9.75 56.82 -5.32
C ASP E 56 -8.46 56.04 -5.54
N MET E 57 -8.53 54.94 -6.27
CA MET E 57 -7.35 54.14 -6.58
C MET E 57 -6.56 54.70 -7.75
N LYS E 58 -7.12 55.66 -8.49
CA LYS E 58 -6.46 56.17 -9.69
C LYS E 58 -5.10 56.76 -9.37
N ASP E 59 -4.95 57.40 -8.21
CA ASP E 59 -3.69 58.05 -7.87
C ASP E 59 -2.56 57.03 -7.77
N ALA E 60 -2.82 55.90 -7.09
CA ALA E 60 -1.80 54.88 -6.92
C ALA E 60 -1.53 54.10 -8.19
N LEU E 61 -2.40 54.23 -9.20
CA LEU E 61 -2.18 53.55 -10.47
C LEU E 61 -0.93 54.09 -11.14
N ARG E 62 0.11 53.27 -11.21
CA ARG E 62 1.42 53.72 -11.66
C ARG E 62 2.04 52.62 -12.52
N GLU E 63 3.31 52.84 -12.87
CA GLU E 63 3.98 51.93 -13.81
C GLU E 63 4.09 50.53 -13.25
N GLU E 64 4.44 50.40 -11.97
CA GLU E 64 4.68 49.10 -11.36
C GLU E 64 3.39 48.41 -10.92
N THR E 65 2.23 48.99 -11.23
CA THR E 65 0.98 48.34 -10.88
C THR E 65 0.84 47.07 -11.69
N GLN E 66 0.78 45.94 -11.01
CA GLN E 66 0.67 44.63 -11.65
C GLN E 66 -0.77 44.16 -11.68
N PHE E 67 -1.09 43.36 -12.69
CA PHE E 67 -2.41 42.79 -12.87
C PHE E 67 -2.30 41.33 -13.26
N TRP E 68 -3.35 40.58 -12.95
CA TRP E 68 -3.40 39.18 -13.35
C TRP E 68 -4.84 38.71 -13.31
N LEU E 69 -5.09 37.61 -14.01
CA LEU E 69 -6.39 36.96 -14.03
C LEU E 69 -6.38 35.79 -13.06
N VAL E 70 -7.27 35.84 -12.07
CA VAL E 70 -7.50 34.66 -11.25
C VAL E 70 -8.44 33.72 -11.98
N THR E 71 -8.38 32.45 -11.61
CA THR E 71 -9.15 31.43 -12.31
C THR E 71 -9.37 30.25 -11.37
N PRO E 72 -10.49 29.54 -11.48
CA PRO E 72 -10.61 28.27 -10.75
C PRO E 72 -9.55 27.29 -11.23
N LYS E 73 -9.00 26.54 -10.30
CA LYS E 73 -7.92 25.60 -10.58
C LYS E 73 -8.22 24.28 -9.86
N ALA E 74 -8.90 23.38 -10.57
CA ALA E 74 -9.17 22.03 -10.10
C ALA E 74 -8.16 21.03 -10.64
N SER E 75 -6.96 21.49 -10.98
CA SER E 75 -5.95 20.63 -11.60
C SER E 75 -5.33 19.74 -10.53
N LEU E 76 -4.27 19.03 -10.91
CA LEU E 76 -3.61 18.11 -9.99
C LEU E 76 -3.01 18.87 -8.81
N ALA E 77 -2.39 20.02 -9.08
CA ALA E 77 -1.78 20.86 -8.07
C ALA E 77 -2.49 22.21 -8.14
N GLY E 78 -3.63 22.30 -7.49
CA GLY E 78 -4.34 23.57 -7.39
C GLY E 78 -5.71 23.43 -6.76
N VAL E 79 -6.03 24.34 -5.84
CA VAL E 79 -7.34 24.40 -5.20
C VAL E 79 -7.83 25.84 -5.18
N SER E 80 -7.11 26.74 -5.86
CA SER E 80 -7.39 28.18 -5.77
C SER E 80 -8.54 28.57 -6.71
N GLY E 81 -9.70 27.98 -6.44
CA GLY E 81 -10.94 28.37 -7.07
C GLY E 81 -12.01 28.62 -6.03
N LEU E 82 -11.56 29.01 -4.83
CA LEU E 82 -12.48 29.17 -3.71
C LEU E 82 -13.48 30.29 -3.99
N ASP E 83 -13.00 31.40 -4.56
CA ASP E 83 -13.84 32.56 -4.82
C ASP E 83 -14.29 32.67 -6.27
N ALA E 84 -13.46 32.20 -7.22
CA ALA E 84 -13.82 32.34 -8.62
C ALA E 84 -15.03 31.48 -8.97
N LEU E 85 -15.23 30.36 -8.29
CA LEU E 85 -16.41 29.55 -8.53
C LEU E 85 -17.68 30.27 -8.08
N VAL E 86 -17.59 31.05 -7.01
CA VAL E 86 -18.75 31.72 -6.44
C VAL E 86 -18.90 33.08 -7.09
N GLY E 87 -17.88 33.93 -6.95
CA GLY E 87 -17.91 35.27 -7.48
C GLY E 87 -17.54 35.41 -8.94
N GLY E 88 -17.21 34.32 -9.61
CA GLY E 88 -16.83 34.37 -11.00
C GLY E 88 -15.38 34.79 -11.19
N ASN E 89 -14.92 34.70 -12.43
CA ASN E 89 -13.54 35.03 -12.75
C ASN E 89 -13.36 36.53 -12.63
N TYR E 90 -12.78 36.98 -11.53
CA TYR E 90 -12.37 38.36 -11.39
C TYR E 90 -10.89 38.46 -11.76
N ILE E 91 -10.31 39.63 -11.54
CA ILE E 91 -8.89 39.84 -11.76
C ILE E 91 -8.31 40.53 -10.54
N GLY E 92 -7.06 40.22 -10.25
CA GLY E 92 -6.37 40.79 -9.10
C GLY E 92 -5.32 41.77 -9.55
N MET E 93 -5.05 42.75 -8.70
CA MET E 93 -4.07 43.79 -8.98
C MET E 93 -3.25 44.07 -7.74
N MET E 94 -2.07 44.65 -7.97
CA MET E 94 -1.21 45.13 -6.90
C MET E 94 -0.74 46.53 -7.29
N PRO E 95 -0.93 47.55 -6.45
CA PRO E 95 -0.42 48.88 -6.80
C PRO E 95 1.09 48.90 -6.79
N GLY E 96 1.64 49.83 -7.57
CA GLY E 96 3.07 50.04 -7.64
C GLY E 96 3.41 51.50 -7.41
N LYS E 97 4.66 51.72 -7.03
CA LYS E 97 5.19 53.06 -6.79
C LYS E 97 5.99 53.55 -7.99
N GLY E 98 5.51 53.23 -9.19
CA GLY E 98 6.13 53.73 -10.40
C GLY E 98 5.90 55.21 -10.57
N LYS E 99 5.94 55.69 -11.82
CA LYS E 99 5.58 57.07 -12.09
C LYS E 99 4.14 57.16 -12.55
N GLU E 100 3.84 56.54 -13.69
CA GLU E 100 2.51 56.52 -14.26
C GLU E 100 2.53 55.64 -15.50
N GLN E 101 1.40 54.99 -15.75
CA GLN E 101 1.23 54.24 -16.99
C GLN E 101 -0.25 53.97 -17.18
N ASP E 102 -0.65 53.84 -18.45
CA ASP E 102 -2.03 53.55 -18.82
C ASP E 102 -2.15 52.27 -19.62
N HIS E 103 -1.11 51.88 -20.36
CA HIS E 103 -1.08 50.64 -21.11
C HIS E 103 -0.25 49.62 -20.34
N PHE E 104 -0.83 48.46 -20.07
CA PHE E 104 -0.25 47.48 -19.18
C PHE E 104 -0.29 46.09 -19.79
N VAL E 105 0.48 45.20 -19.20
CA VAL E 105 0.50 43.78 -19.55
C VAL E 105 0.14 42.99 -18.30
N ALA E 106 -0.87 42.14 -18.43
CA ALA E 106 -1.28 41.33 -17.29
C ALA E 106 -0.26 40.25 -17.01
N LEU E 107 0.09 40.10 -15.73
CA LEU E 107 0.95 39.01 -15.33
C LEU E 107 0.23 37.68 -15.52
N ASP E 108 1.00 36.65 -15.88
CA ASP E 108 0.40 35.38 -16.25
C ASP E 108 -0.38 34.77 -15.10
N THR E 109 0.16 34.85 -13.89
CA THR E 109 -0.45 34.26 -12.70
C THR E 109 -0.47 35.30 -11.59
N GLN E 110 -0.99 34.88 -10.44
CA GLN E 110 -1.02 35.74 -9.27
C GLN E 110 0.35 35.76 -8.63
N PRO E 111 1.02 36.92 -8.52
CA PRO E 111 2.35 36.95 -7.94
C PRO E 111 2.31 36.88 -6.42
N LYS E 112 3.45 36.54 -5.85
CA LYS E 112 3.58 36.45 -4.41
C LYS E 112 3.67 37.84 -3.79
N TYR E 113 2.89 38.07 -2.74
CA TYR E 113 2.80 39.36 -2.09
C TYR E 113 3.29 39.27 -0.65
N ARG E 114 3.86 40.36 -0.16
CA ARG E 114 4.44 40.44 1.17
C ARG E 114 3.52 41.23 2.09
N LEU E 115 3.13 40.62 3.20
CA LEU E 115 2.36 41.33 4.22
C LEU E 115 3.23 42.38 4.88
N ASP E 116 2.67 43.57 5.07
CA ASP E 116 3.43 44.68 5.65
C ASP E 116 3.68 44.51 7.15
N ASN E 117 2.96 43.61 7.81
CA ASN E 117 3.06 43.49 9.25
C ASN E 117 4.45 43.04 9.68
N GLY E 118 4.63 42.94 10.99
CA GLY E 118 5.91 42.52 11.53
C GLY E 118 6.01 41.02 11.64
N ASP E 119 6.60 40.40 10.63
CA ASP E 119 6.90 38.98 10.60
C ASP E 119 8.40 38.85 10.38
N LEU E 120 8.87 37.63 10.17
CA LEU E 120 10.27 37.40 9.87
C LEU E 120 10.40 36.67 8.54
N MET E 121 11.39 37.10 7.76
CA MET E 121 11.69 36.51 6.47
C MET E 121 13.14 36.05 6.52
N ILE E 122 13.38 34.79 6.14
CA ILE E 122 14.74 34.26 6.18
C ILE E 122 15.00 33.37 4.99
N HIS E 123 16.29 33.18 4.71
CA HIS E 123 16.76 32.48 3.53
C HIS E 123 17.43 31.17 3.91
N LEU E 124 17.04 30.11 3.22
CA LEU E 124 17.65 28.80 3.35
C LEU E 124 18.39 28.46 2.07
N GLN E 125 19.64 28.03 2.21
CA GLN E 125 20.39 27.51 1.09
C GLN E 125 20.25 26.00 1.05
N ALA E 126 19.98 25.46 -0.13
CA ALA E 126 19.84 24.03 -0.27
C ALA E 126 20.32 23.62 -1.66
N PRO E 127 21.12 22.55 -1.78
CA PRO E 127 21.53 22.11 -3.11
C PRO E 127 20.36 21.66 -3.97
N ASP E 128 19.25 21.26 -3.36
CA ASP E 128 18.06 20.86 -4.10
C ASP E 128 16.83 21.25 -3.29
N LEU E 129 15.70 21.32 -3.98
CA LEU E 129 14.46 21.75 -3.32
C LEU E 129 13.89 20.67 -2.42
N GLY E 130 14.02 19.41 -2.83
CA GLY E 130 13.24 18.39 -2.19
C GLY E 130 11.79 18.52 -2.62
N SER E 131 10.92 17.85 -1.88
CA SER E 131 9.49 17.88 -2.15
C SER E 131 8.81 19.03 -1.42
N LEU E 132 9.34 20.23 -1.57
CA LEU E 132 8.85 21.42 -0.89
C LEU E 132 8.17 22.31 -1.92
N ASN E 133 6.87 22.09 -2.10
CA ASN E 133 6.08 22.98 -2.92
C ASN E 133 5.71 24.23 -2.13
N SER E 134 5.51 25.33 -2.86
CA SER E 134 5.10 26.58 -2.23
C SER E 134 3.83 26.37 -1.42
N GLY E 135 3.92 26.65 -0.12
CA GLY E 135 2.88 26.34 0.84
C GLY E 135 3.29 25.28 1.83
N SER E 136 4.40 24.58 1.60
CA SER E 136 4.89 23.62 2.56
C SER E 136 5.17 24.31 3.89
N LEU E 137 5.06 23.54 4.96
CA LEU E 137 4.83 24.08 6.28
C LEU E 137 6.06 23.92 7.17
N VAL E 138 6.26 24.91 8.04
CA VAL E 138 7.42 24.97 8.93
C VAL E 138 6.97 24.66 10.34
N TYR E 139 7.69 23.74 11.00
CA TYR E 139 7.34 23.25 12.31
C TYR E 139 8.43 23.54 13.33
N PHE E 140 7.95 23.79 14.54
CA PHE E 140 8.76 23.75 15.76
C PHE E 140 8.08 22.72 16.66
N ARG E 141 8.73 21.57 16.84
CA ARG E 141 8.15 20.48 17.63
C ARG E 141 6.81 20.05 17.06
N LYS E 142 6.71 20.02 15.74
CA LYS E 142 5.52 19.68 14.97
C LYS E 142 4.40 20.69 15.15
N ILE E 143 4.67 21.83 15.75
CA ILE E 143 3.71 22.94 15.79
C ILE E 143 4.00 23.84 14.60
N PRO E 144 3.04 24.05 13.70
CA PRO E 144 3.29 24.99 12.59
C PRO E 144 3.49 26.40 13.11
N VAL E 145 4.56 27.05 12.63
CA VAL E 145 4.92 28.39 13.07
C VAL E 145 5.28 29.27 11.88
N GLY E 146 4.95 28.83 10.69
CA GLY E 146 5.33 29.54 9.49
C GLY E 146 5.35 28.61 8.31
N LYS E 147 5.47 29.20 7.12
CA LYS E 147 5.35 28.45 5.89
C LYS E 147 6.40 28.91 4.90
N VAL E 148 6.48 28.20 3.79
CA VAL E 148 7.36 28.56 2.70
C VAL E 148 6.71 29.69 1.90
N TYR E 149 7.48 30.74 1.64
CA TYR E 149 7.00 31.85 0.85
C TYR E 149 7.33 31.67 -0.62
N ASP E 150 8.61 31.47 -0.94
CA ASP E 150 9.00 31.30 -2.34
C ASP E 150 10.34 30.57 -2.40
N TYR E 151 10.69 30.15 -3.62
CA TYR E 151 11.96 29.52 -3.90
C TYR E 151 12.49 30.06 -5.23
N ALA E 152 13.80 30.04 -5.37
CA ALA E 152 14.44 30.54 -6.57
C ALA E 152 15.84 29.93 -6.65
N ILE E 153 16.54 30.27 -7.74
CA ILE E 153 17.86 29.73 -8.02
C ILE E 153 18.87 30.86 -7.88
N ASN E 154 19.91 30.60 -7.13
CA ASN E 154 20.98 31.58 -7.00
C ASN E 154 21.64 31.80 -8.36
N PRO E 155 22.33 32.93 -8.54
CA PRO E 155 22.96 33.19 -9.84
C PRO E 155 23.88 32.08 -10.30
N ASN E 156 24.63 31.49 -9.38
CA ASN E 156 25.34 30.27 -9.69
C ASN E 156 24.35 29.13 -9.81
N LYS E 157 24.64 28.19 -10.70
CA LYS E 157 23.75 27.07 -10.96
C LYS E 157 24.01 25.90 -10.02
N GLN E 158 24.70 26.15 -8.90
CA GLN E 158 25.10 25.11 -7.96
C GLN E 158 24.33 25.20 -6.66
N GLY E 159 23.09 25.66 -6.69
CA GLY E 159 22.33 25.74 -5.46
C GLY E 159 20.96 26.32 -5.68
N VAL E 160 20.22 26.39 -4.58
CA VAL E 160 18.85 26.86 -4.54
C VAL E 160 18.69 27.71 -3.29
N VAL E 161 17.99 28.83 -3.43
CA VAL E 161 17.72 29.73 -2.32
C VAL E 161 16.22 29.76 -2.11
N ILE E 162 15.78 29.30 -0.96
CA ILE E 162 14.40 29.39 -0.55
C ILE E 162 14.30 30.59 0.39
N ASP E 163 13.18 31.30 0.34
CA ASP E 163 12.90 32.37 1.29
C ASP E 163 11.56 32.07 1.94
N VAL E 164 11.54 32.10 3.26
CA VAL E 164 10.42 31.58 4.04
C VAL E 164 9.99 32.60 5.07
N LEU E 165 8.77 32.41 5.55
CA LEU E 165 8.04 33.31 6.39
C LEU E 165 7.86 32.70 7.77
N ILE E 166 7.95 33.53 8.80
CA ILE E 166 7.71 33.12 10.17
C ILE E 166 6.81 34.15 10.82
N GLU E 167 5.80 33.68 11.54
CA GLU E 167 4.82 34.54 12.15
C GLU E 167 5.45 35.41 13.22
N ARG E 168 4.75 36.49 13.55
CA ARG E 168 5.25 37.44 14.54
C ARG E 168 5.46 36.78 15.88
N ARG E 169 4.46 36.06 16.37
CA ARG E 169 4.46 35.54 17.73
C ARG E 169 5.54 34.49 17.97
N PHE E 170 6.28 34.08 16.94
CA PHE E 170 7.37 33.13 17.08
C PHE E 170 8.70 33.68 16.59
N THR E 171 8.79 35.00 16.35
CA THR E 171 10.03 35.56 15.85
C THR E 171 11.18 35.38 16.82
N ASP E 172 10.89 35.14 18.10
CA ASP E 172 11.94 34.90 19.09
C ASP E 172 12.54 33.52 18.99
N LEU E 173 11.85 32.58 18.35
CA LEU E 173 12.33 31.20 18.32
C LEU E 173 13.50 31.00 17.39
N VAL E 174 13.74 31.88 16.44
CA VAL E 174 14.76 31.71 15.44
C VAL E 174 16.04 32.36 15.94
N LYS E 175 17.07 31.55 16.14
CA LYS E 175 18.35 32.00 16.63
C LYS E 175 19.40 31.82 15.54
N LYS E 176 20.57 32.41 15.80
CA LYS E 176 21.69 32.26 14.86
C LYS E 176 22.12 30.81 14.76
N GLY E 177 22.19 30.12 15.89
CA GLY E 177 22.59 28.73 15.91
C GLY E 177 21.47 27.76 15.59
N SER E 178 20.27 28.26 15.34
CA SER E 178 19.15 27.39 15.07
C SER E 178 19.39 26.60 13.78
N ARG E 179 18.97 25.34 13.79
CA ARG E 179 19.19 24.43 12.67
C ARG E 179 17.86 24.04 12.04
N PHE E 180 17.82 24.07 10.72
CA PHE E 180 16.66 23.68 9.94
C PHE E 180 16.95 22.35 9.25
N TRP E 181 15.95 21.48 9.21
CA TRP E 181 16.08 20.24 8.46
C TRP E 181 14.77 19.90 7.78
N ASN E 182 14.91 19.26 6.64
CA ASN E 182 13.76 18.87 5.82
C ASN E 182 13.07 17.67 6.44
N VAL E 183 11.75 17.67 6.41
CA VAL E 183 10.92 16.54 6.79
C VAL E 183 9.87 16.42 5.70
N SER E 184 10.04 15.43 4.83
CA SER E 184 9.21 15.27 3.67
C SER E 184 9.48 13.91 3.04
N GLY E 185 8.50 13.41 2.30
CA GLY E 185 8.61 12.08 1.76
C GLY E 185 8.53 11.03 2.87
N VAL E 186 8.34 9.79 2.44
CA VAL E 186 8.17 8.67 3.37
C VAL E 186 8.97 7.49 2.87
N ASP E 187 9.64 6.80 3.80
CA ASP E 187 10.42 5.62 3.47
C ASP E 187 10.04 4.45 4.37
N ALA E 188 10.76 3.35 4.23
CA ALA E 188 10.68 2.22 5.14
C ALA E 188 11.92 2.21 6.02
N ASN E 189 11.72 1.83 7.29
CA ASN E 189 12.79 1.72 8.27
C ASN E 189 12.87 0.26 8.68
N VAL E 190 13.64 -0.50 7.92
CA VAL E 190 13.81 -1.93 8.19
C VAL E 190 15.00 -2.11 9.13
N SER E 191 14.77 -2.83 10.22
CA SER E 191 15.80 -3.16 11.18
C SER E 191 15.88 -4.67 11.32
N ILE E 192 17.03 -5.14 11.81
CA ILE E 192 17.23 -6.57 11.99
C ILE E 192 16.41 -7.06 13.18
N SER E 193 15.87 -8.27 13.06
CA SER E 193 15.12 -8.90 14.13
C SER E 193 13.89 -8.08 14.53
N GLY E 194 13.23 -7.51 13.53
CA GLY E 194 12.05 -6.69 13.75
C GLY E 194 12.19 -5.33 13.11
N ALA E 195 11.07 -4.72 12.72
CA ALA E 195 11.09 -3.47 11.99
C ALA E 195 9.79 -2.72 12.22
N LYS E 196 9.87 -1.40 12.11
CA LYS E 196 8.70 -0.54 12.21
C LYS E 196 8.91 0.65 11.29
N VAL E 197 7.80 1.16 10.75
CA VAL E 197 7.83 2.16 9.68
C VAL E 197 6.94 3.32 10.11
N LYS E 198 7.55 4.33 10.74
CA LYS E 198 6.90 5.59 11.05
C LYS E 198 7.88 6.71 10.75
N LEU E 199 7.54 7.57 9.81
CA LEU E 199 8.40 8.70 9.48
C LEU E 199 7.72 10.04 9.72
N GLU E 200 6.58 10.32 9.09
CA GLU E 200 6.08 11.69 9.03
C GLU E 200 4.56 11.70 8.99
N SER E 201 4.01 12.91 9.11
CA SER E 201 2.57 13.13 9.10
C SER E 201 2.04 13.23 7.66
N LEU E 202 0.72 13.07 7.54
CA LEU E 202 0.11 13.02 6.22
C LEU E 202 0.35 14.31 5.44
N ALA E 203 0.15 15.45 6.09
CA ALA E 203 0.40 16.73 5.42
C ALA E 203 1.86 16.87 5.06
N ALA E 204 2.76 16.41 5.94
CA ALA E 204 4.18 16.47 5.66
C ALA E 204 4.55 15.72 4.40
N LEU E 205 3.78 14.69 4.05
CA LEU E 205 4.02 13.91 2.85
C LEU E 205 3.30 14.46 1.63
N VAL E 206 2.10 14.97 1.82
CA VAL E 206 1.36 15.53 0.68
C VAL E 206 2.03 16.80 0.18
N ASN E 207 2.56 17.61 1.11
CA ASN E 207 3.05 18.94 0.80
C ASN E 207 4.54 19.10 1.02
N GLY E 208 5.16 18.23 1.80
CA GLY E 208 6.51 18.47 2.27
C GLY E 208 6.51 19.42 3.45
N ALA E 209 7.62 19.42 4.19
CA ALA E 209 7.66 20.25 5.37
C ALA E 209 9.10 20.47 5.81
N ILE E 210 9.26 21.45 6.68
CA ILE E 210 10.53 21.74 7.33
C ILE E 210 10.28 21.73 8.82
N ALA E 211 11.31 21.38 9.57
CA ALA E 211 11.30 21.50 11.00
C ALA E 211 12.56 22.24 11.41
N PHE E 212 12.52 22.88 12.57
CA PHE E 212 13.72 23.57 13.03
C PHE E 212 13.82 23.54 14.54
N ASP E 213 15.06 23.57 15.01
CA ASP E 213 15.39 23.60 16.42
C ASP E 213 16.20 24.85 16.72
N SER E 214 16.03 25.34 17.94
CA SER E 214 16.63 26.59 18.40
C SER E 214 17.49 26.33 19.63
N PRO E 215 18.80 26.59 19.62
CA PRO E 215 19.55 26.49 20.86
C PRO E 215 19.10 27.54 21.86
N GLU E 216 19.21 27.18 23.13
CA GLU E 216 18.72 28.04 24.20
C GLU E 216 19.51 29.34 24.29
N GLU E 217 20.81 29.28 24.07
CA GLU E 217 21.70 30.39 24.42
C GLU E 217 21.96 31.35 23.26
N SER E 218 21.77 30.93 22.02
CA SER E 218 22.13 31.77 20.89
C SER E 218 21.29 33.04 20.87
N LYS E 219 21.68 33.97 20.01
CA LYS E 219 20.98 35.21 19.81
C LYS E 219 19.94 35.07 18.72
N PRO E 220 18.89 35.90 18.74
CA PRO E 220 17.85 35.79 17.70
C PRO E 220 18.34 36.29 16.36
N ALA E 221 18.08 35.50 15.32
CA ALA E 221 18.43 35.90 13.97
C ALA E 221 17.41 36.90 13.45
N GLU E 222 17.79 37.61 12.39
CA GLU E 222 16.94 38.68 11.87
C GLU E 222 17.37 39.02 10.45
N ALA E 223 16.45 39.69 9.75
CA ALA E 223 16.76 40.46 8.54
C ALA E 223 17.38 39.57 7.47
N GLU E 224 16.57 38.64 6.98
CA GLU E 224 16.91 37.82 5.83
C GLU E 224 18.20 37.05 6.05
N ASP E 225 18.50 36.70 7.30
CA ASP E 225 19.71 35.97 7.59
C ASP E 225 19.66 34.60 6.93
N THR E 226 20.76 34.24 6.27
CA THR E 226 20.81 32.96 5.58
C THR E 226 20.96 31.82 6.59
N PHE E 227 20.55 30.64 6.15
CA PHE E 227 20.69 29.44 6.95
C PHE E 227 20.91 28.26 6.02
N GLY E 228 21.41 27.17 6.58
CA GLY E 228 21.67 25.95 5.83
C GLY E 228 20.63 24.91 6.16
N LEU E 229 20.11 24.28 5.12
CA LEU E 229 19.14 23.20 5.27
C LEU E 229 19.86 21.87 5.26
N TYR E 230 19.45 20.99 6.17
CA TYR E 230 19.98 19.64 6.25
C TYR E 230 18.93 18.66 5.75
N GLU E 231 19.37 17.74 4.89
CA GLU E 231 18.43 16.86 4.21
C GLU E 231 17.61 16.04 5.18
N ASP E 232 18.14 15.78 6.37
CA ASP E 232 17.44 14.94 7.33
C ASP E 232 17.82 15.35 8.74
N LEU E 233 16.99 14.94 9.69
CA LEU E 233 17.25 15.21 11.09
C LEU E 233 18.61 14.67 11.51
N ALA E 234 18.98 13.51 10.98
CA ALA E 234 20.27 12.91 11.35
C ALA E 234 21.43 13.80 10.93
N HIS E 235 21.39 14.30 9.69
CA HIS E 235 22.46 15.16 9.22
C HIS E 235 22.48 16.50 9.95
N SER E 236 21.41 16.87 10.62
CA SER E 236 21.34 18.10 11.38
C SER E 236 21.87 17.93 12.80
N GLN E 237 22.29 16.72 13.18
CA GLN E 237 22.72 16.47 14.53
C GLN E 237 23.91 17.35 14.90
N ARG E 238 23.90 17.87 16.11
CA ARG E 238 24.95 18.75 16.60
C ARG E 238 26.02 17.90 17.26
N GLY E 239 27.01 17.52 16.46
CA GLY E 239 28.15 16.77 16.97
C GLY E 239 29.43 17.31 16.38
N VAL E 240 30.52 16.93 16.98
CA VAL E 240 31.83 17.43 16.58
C VAL E 240 32.36 16.59 15.43
N ILE E 241 33.14 17.22 14.57
CA ILE E 241 33.66 16.61 13.35
C ILE E 241 35.08 16.14 13.60
N ILE E 242 35.41 14.99 13.02
CA ILE E 242 36.74 14.39 13.15
C ILE E 242 37.18 13.89 11.78
N LYS E 243 38.40 14.24 11.40
CA LYS E 243 38.99 13.78 10.15
C LYS E 243 39.77 12.49 10.38
N LEU E 244 39.61 11.55 9.45
CA LEU E 244 40.20 10.23 9.57
C LEU E 244 40.92 9.87 8.28
N GLU E 245 42.15 9.40 8.42
CA GLU E 245 42.90 8.79 7.33
C GLU E 245 42.75 7.28 7.48
N LEU E 246 42.24 6.62 6.44
CA LEU E 246 41.87 5.22 6.54
C LEU E 246 42.80 4.33 5.72
N PRO E 247 42.95 3.06 6.09
CA PRO E 247 43.64 2.12 5.21
C PRO E 247 42.86 1.84 3.95
N SER E 248 41.61 1.41 4.11
CA SER E 248 40.73 1.12 2.98
C SER E 248 39.29 0.94 3.46
N GLY E 249 38.35 1.56 2.76
CA GLY E 249 36.96 1.49 3.15
C GLY E 249 36.25 0.32 2.52
N ALA E 250 36.77 -0.88 2.77
CA ALA E 250 36.19 -2.08 2.14
C ALA E 250 34.75 -2.28 2.57
N GLY E 251 34.49 -2.29 3.87
CA GLY E 251 33.16 -2.50 4.39
C GLY E 251 32.51 -1.25 4.92
N LEU E 252 33.23 -0.13 4.89
CA LEU E 252 32.74 1.10 5.49
C LEU E 252 31.66 1.72 4.62
N THR E 253 30.69 2.35 5.29
CA THR E 253 29.59 3.03 4.61
C THR E 253 29.45 4.43 5.21
N ALA E 254 29.10 5.38 4.35
CA ALA E 254 29.27 6.79 4.66
C ALA E 254 28.37 7.26 5.80
N ASP E 255 27.23 6.60 6.01
CA ASP E 255 26.29 7.04 7.03
C ASP E 255 25.66 5.86 7.78
N SER E 256 26.33 4.72 7.80
CA SER E 256 25.83 3.55 8.50
C SER E 256 26.88 3.00 9.46
N THR E 257 28.15 3.26 9.18
CA THR E 257 29.20 2.78 10.06
C THR E 257 29.19 3.58 11.36
N PRO E 258 29.00 2.95 12.51
CA PRO E 258 28.98 3.70 13.77
C PRO E 258 30.35 3.70 14.46
N LEU E 259 30.41 4.44 15.54
CA LEU E 259 31.55 4.44 16.45
C LEU E 259 31.10 3.84 17.78
N MET E 260 31.85 2.86 18.25
CA MET E 260 31.53 2.16 19.48
C MET E 260 32.37 2.69 20.63
N TYR E 261 31.78 2.65 21.82
CA TYR E 261 32.53 2.87 23.05
C TYR E 261 31.73 2.27 24.19
N GLN E 262 32.37 1.38 24.93
CA GLN E 262 31.73 0.69 26.05
C GLN E 262 30.48 -0.06 25.59
N GLY E 263 30.47 -0.49 24.33
CA GLY E 263 29.37 -1.21 23.77
C GLY E 263 28.27 -0.36 23.16
N LEU E 264 28.40 0.96 23.20
CA LEU E 264 27.35 1.87 22.77
C LEU E 264 27.79 2.70 21.58
N GLU E 265 26.82 3.03 20.74
CA GLU E 265 27.06 3.93 19.62
C GLU E 265 27.16 5.35 20.14
N VAL E 266 28.26 6.02 19.78
CA VAL E 266 28.49 7.41 20.18
C VAL E 266 28.66 8.29 18.96
N GLY E 267 29.20 7.70 17.89
CA GLY E 267 29.50 8.45 16.70
C GLY E 267 29.04 7.71 15.46
N GLN E 268 29.08 8.42 14.35
CA GLN E 268 28.60 7.90 13.08
C GLN E 268 29.48 8.48 12.00
N LEU E 269 30.09 7.62 11.20
CA LEU E 269 30.81 8.09 10.03
C LEU E 269 29.84 8.85 9.14
N THR E 270 30.33 9.97 8.58
CA THR E 270 29.51 10.84 7.77
C THR E 270 29.97 10.90 6.32
N LYS E 271 31.26 11.10 6.08
CA LYS E 271 31.79 11.23 4.74
C LYS E 271 32.90 10.21 4.53
N LEU E 272 32.95 9.68 3.30
CA LEU E 272 33.93 8.67 2.92
C LEU E 272 34.33 8.95 1.48
N ASP E 273 35.59 9.31 1.28
CA ASP E 273 36.04 9.77 -0.02
C ASP E 273 37.41 9.21 -0.34
N LEU E 274 37.70 9.15 -1.63
CA LEU E 274 39.00 8.73 -2.14
C LEU E 274 39.79 9.96 -2.51
N ASN E 275 40.96 10.09 -1.94
CA ASN E 275 41.87 11.15 -2.32
C ASN E 275 42.79 10.69 -3.44
N PRO E 276 43.35 11.61 -4.21
CA PRO E 276 44.34 11.20 -5.21
C PRO E 276 45.55 10.57 -4.56
N GLY E 277 46.18 9.65 -5.30
CA GLY E 277 47.25 8.85 -4.76
C GLY E 277 46.81 7.58 -4.09
N GLY E 278 45.52 7.26 -4.13
CA GLY E 278 45.01 6.04 -3.54
C GLY E 278 44.67 6.15 -2.07
N LYS E 279 44.94 7.27 -1.43
CA LYS E 279 44.61 7.44 -0.03
C LYS E 279 43.11 7.64 0.14
N VAL E 280 42.58 7.07 1.21
CA VAL E 280 41.17 7.15 1.53
C VAL E 280 41.03 7.97 2.80
N THR E 281 40.11 8.93 2.78
CA THR E 281 39.87 9.79 3.93
C THR E 281 38.38 9.92 4.17
N GLY E 282 38.02 10.00 5.45
CA GLY E 282 36.64 10.16 5.85
C GLY E 282 36.53 11.20 6.95
N GLU E 283 35.29 11.51 7.29
CA GLU E 283 35.02 12.40 8.39
C GLU E 283 33.80 11.88 9.14
N MET E 284 33.83 12.07 10.45
CA MET E 284 32.90 11.44 11.38
C MET E 284 32.32 12.47 12.32
N THR E 285 31.09 12.24 12.74
CA THR E 285 30.45 13.02 13.78
C THR E 285 30.47 12.25 15.09
N VAL E 286 30.64 12.98 16.19
CA VAL E 286 30.66 12.41 17.52
C VAL E 286 29.76 13.22 18.44
N ASP E 287 29.12 12.53 19.37
CA ASP E 287 28.35 13.21 20.39
C ASP E 287 29.29 14.07 21.26
N PRO E 288 28.87 15.26 21.67
CA PRO E 288 29.74 16.06 22.56
C PRO E 288 30.11 15.36 23.85
N SER E 289 29.24 14.48 24.36
CA SER E 289 29.44 13.89 25.67
C SER E 289 30.74 13.13 25.78
N VAL E 290 31.31 12.72 24.65
CA VAL E 290 32.54 11.94 24.62
C VAL E 290 33.73 12.75 24.11
N VAL E 291 33.50 13.98 23.64
CA VAL E 291 34.57 14.70 22.96
C VAL E 291 35.74 14.98 23.89
N THR E 292 35.49 15.10 25.19
CA THR E 292 36.58 15.35 26.12
C THR E 292 37.59 14.22 26.13
N LEU E 293 37.17 13.01 25.77
CA LEU E 293 38.07 11.88 25.71
C LEU E 293 38.97 11.93 24.48
N LEU E 294 38.59 12.68 23.46
CA LEU E 294 39.41 12.81 22.26
C LEU E 294 40.63 13.65 22.59
N ARG E 295 41.77 12.98 22.74
CA ARG E 295 43.01 13.65 23.11
C ARG E 295 44.15 12.99 22.34
N GLU E 296 45.36 13.48 22.58
CA GLU E 296 46.53 12.80 22.04
C GLU E 296 46.64 11.41 22.65
N ASN E 297 47.40 10.56 21.96
CA ASN E 297 47.50 9.13 22.25
C ASN E 297 46.15 8.48 22.45
N THR E 298 45.11 9.03 21.83
CA THR E 298 43.82 8.36 21.71
C THR E 298 43.76 7.72 20.34
N ARG E 299 43.69 6.40 20.32
CA ARG E 299 43.74 5.64 19.08
C ARG E 299 42.34 5.17 18.73
N ILE E 300 42.10 5.08 17.43
CA ILE E 300 40.84 4.57 16.89
C ILE E 300 41.19 3.41 15.99
N GLU E 301 40.54 2.27 16.21
CA GLU E 301 40.81 1.05 15.47
C GLU E 301 39.53 0.52 14.86
N LEU E 302 39.65 0.00 13.64
CA LEU E 302 38.55 -0.69 12.97
C LEU E 302 38.51 -2.09 13.53
N ARG E 303 37.40 -2.42 14.18
CA ARG E 303 37.17 -3.79 14.60
C ARG E 303 36.42 -4.53 13.51
N ASN E 304 36.39 -5.86 13.64
CA ASN E 304 35.71 -6.72 12.69
C ASN E 304 34.77 -7.65 13.43
N PRO E 305 33.62 -8.00 12.84
CA PRO E 305 32.69 -8.90 13.53
C PRO E 305 33.29 -10.30 13.61
N LYS E 306 33.58 -10.72 14.83
CA LYS E 306 34.26 -11.99 15.07
C LYS E 306 33.27 -13.13 15.19
N LEU E 307 33.72 -14.31 14.76
CA LEU E 307 32.90 -15.53 14.85
C LEU E 307 33.11 -16.13 16.23
N SER E 308 32.33 -15.64 17.20
CA SER E 308 32.46 -16.12 18.57
C SER E 308 31.95 -17.54 18.68
N LEU E 309 32.78 -18.41 19.28
CA LEU E 309 32.35 -19.79 19.51
C LEU E 309 31.27 -19.86 20.57
N SER E 310 31.37 -19.04 21.62
CA SER E 310 30.45 -19.13 22.74
C SER E 310 29.14 -18.43 22.46
N ASP E 311 29.20 -17.11 22.25
CA ASP E 311 28.01 -16.29 22.03
C ASP E 311 27.93 -15.97 20.54
N ALA E 312 27.21 -16.80 19.80
CA ALA E 312 27.05 -16.59 18.37
C ALA E 312 26.18 -15.36 18.18
N ASN E 313 26.81 -14.23 17.91
CA ASN E 313 26.15 -12.93 17.86
C ASN E 313 25.81 -12.61 16.41
N LEU E 314 24.54 -12.79 16.06
CA LEU E 314 24.11 -12.59 14.68
C LEU E 314 24.17 -11.12 14.28
N SER E 315 23.74 -10.24 15.17
CA SER E 315 23.67 -8.82 14.85
C SER E 315 25.05 -8.29 14.50
N ALA E 316 26.08 -8.74 15.21
CA ALA E 316 27.44 -8.31 14.90
C ALA E 316 27.83 -8.73 13.49
N LEU E 317 27.51 -9.96 13.11
CA LEU E 317 27.82 -10.43 11.77
C LEU E 317 27.08 -9.60 10.72
N LEU E 318 25.81 -9.32 10.98
CA LEU E 318 25.02 -8.57 10.00
C LEU E 318 25.54 -7.15 9.85
N THR E 319 25.95 -6.52 10.95
CA THR E 319 26.40 -5.15 10.91
C THR E 319 27.67 -4.99 10.10
N GLY E 320 28.53 -6.01 10.11
CA GLY E 320 29.80 -5.91 9.42
C GLY E 320 30.83 -5.18 10.25
N LYS E 321 31.67 -4.42 9.57
CA LYS E 321 32.77 -3.73 10.23
C LYS E 321 32.26 -2.66 11.17
N THR E 322 33.07 -2.35 12.18
CA THR E 322 32.72 -1.32 13.15
C THR E 322 34.00 -0.78 13.76
N PHE E 323 33.98 0.51 14.06
CA PHE E 323 35.12 1.15 14.70
C PHE E 323 35.07 0.93 16.20
N GLU E 324 36.01 1.53 16.90
CA GLU E 324 36.09 1.41 18.34
C GLU E 324 36.83 2.62 18.89
N LEU E 325 36.40 3.07 20.05
CA LEU E 325 37.05 4.15 20.77
C LEU E 325 37.79 3.56 21.96
N VAL E 326 38.99 4.06 22.20
CA VAL E 326 39.78 3.64 23.34
C VAL E 326 40.50 4.89 23.86
N PRO E 327 40.01 5.53 24.92
CA PRO E 327 40.50 6.86 25.25
C PRO E 327 41.97 6.85 25.66
N GLY E 328 42.57 8.02 25.53
CA GLY E 328 43.93 8.26 25.95
C GLY E 328 44.00 9.51 26.80
N ASP E 329 45.20 10.08 26.91
CA ASP E 329 45.41 11.29 27.69
C ASP E 329 46.39 12.18 26.96
N GLY E 330 46.11 13.47 26.96
CA GLY E 330 46.98 14.43 26.32
C GLY E 330 46.18 15.62 25.83
N GLU E 331 46.80 16.36 24.92
CA GLU E 331 46.13 17.51 24.35
C GLU E 331 44.97 17.06 23.47
N PRO E 332 43.89 17.85 23.39
CA PRO E 332 42.84 17.54 22.41
C PRO E 332 43.38 17.59 20.99
N ARG E 333 42.85 16.70 20.15
CA ARG E 333 43.19 16.68 18.74
C ARG E 333 41.97 16.23 17.96
N LYS E 334 41.98 16.54 16.67
CA LYS E 334 40.84 16.30 15.80
C LYS E 334 41.17 15.52 14.55
N GLU E 335 42.44 15.34 14.22
CA GLU E 335 42.86 14.49 13.14
C GLU E 335 43.38 13.18 13.72
N PHE E 336 42.98 12.07 13.11
CA PHE E 336 43.33 10.75 13.59
C PHE E 336 43.68 9.85 12.42
N VAL E 337 44.48 8.84 12.70
CA VAL E 337 44.81 7.79 11.73
C VAL E 337 44.24 6.50 12.27
N VAL E 338 43.38 5.87 11.49
CA VAL E 338 42.76 4.63 11.91
C VAL E 338 43.75 3.49 11.75
N VAL E 339 43.78 2.61 12.74
CA VAL E 339 44.70 1.47 12.74
C VAL E 339 43.89 0.21 12.47
N PRO E 340 44.44 -0.78 11.75
CA PRO E 340 43.73 -2.07 11.66
C PRO E 340 43.61 -2.73 13.02
N GLY E 341 42.54 -3.51 13.17
CA GLY E 341 42.32 -4.20 14.43
C GLY E 341 43.46 -5.14 14.78
N GLU E 342 44.12 -5.70 13.78
CA GLU E 342 45.25 -6.58 14.04
C GLU E 342 46.40 -5.82 14.68
N LYS E 343 46.67 -4.61 14.20
CA LYS E 343 47.81 -3.81 14.64
C LYS E 343 47.44 -2.87 15.79
N ALA E 344 46.33 -3.13 16.47
CA ALA E 344 45.93 -2.26 17.58
C ALA E 344 46.97 -2.29 18.68
N LEU E 345 47.49 -3.48 18.99
CA LEU E 345 48.50 -3.60 20.04
C LEU E 345 49.75 -2.81 19.68
N LEU E 346 50.06 -2.71 18.40
CA LEU E 346 51.28 -2.04 17.97
C LEU E 346 51.22 -0.54 18.29
N HIS E 347 50.13 0.13 17.90
CA HIS E 347 50.00 1.57 18.06
C HIS E 347 49.45 1.84 19.46
N GLU E 348 50.33 1.75 20.44
CA GLU E 348 50.00 1.99 21.83
C GLU E 348 51.04 2.91 22.46
N PRO E 349 50.67 3.65 23.51
CA PRO E 349 51.69 4.45 24.21
C PRO E 349 52.83 3.62 24.75
N ASP E 350 52.54 2.43 25.27
CA ASP E 350 53.54 1.54 25.83
C ASP E 350 53.31 0.15 25.28
N VAL E 351 54.35 -0.40 24.64
CA VAL E 351 54.27 -1.71 24.03
C VAL E 351 55.70 -2.17 23.77
N LEU E 352 55.94 -3.46 23.96
CA LEU E 352 57.29 -4.02 23.83
C LEU E 352 57.40 -4.63 22.44
N THR E 353 58.06 -3.91 21.54
CA THR E 353 58.18 -4.32 20.14
C THR E 353 59.51 -5.03 19.93
N LEU E 354 59.44 -6.22 19.31
CA LEU E 354 60.61 -7.04 19.09
C LEU E 354 60.66 -7.51 17.65
N THR E 355 61.85 -7.85 17.20
CA THR E 355 62.08 -8.36 15.85
C THR E 355 62.68 -9.76 15.90
N ALA E 366 50.60 -14.97 11.34
CA ALA E 366 51.21 -13.67 11.52
C ALA E 366 50.54 -12.91 12.66
N GLY E 367 49.31 -13.30 12.97
CA GLY E 367 48.62 -12.78 14.13
C GLY E 367 48.64 -13.79 15.26
N GLN E 368 49.65 -14.66 15.25
CA GLN E 368 49.69 -15.75 16.21
C GLN E 368 49.90 -15.21 17.62
N PRO E 369 49.46 -15.95 18.64
CA PRO E 369 49.68 -15.52 20.01
C PRO E 369 51.06 -15.92 20.52
N LEU E 370 51.38 -15.43 21.71
CA LEU E 370 52.64 -15.74 22.38
C LEU E 370 52.39 -16.39 23.74
N GLN E 376 47.74 -16.29 26.82
CA GLN E 376 48.47 -15.43 25.89
C GLN E 376 49.10 -14.25 26.62
N VAL E 377 50.27 -13.83 26.15
CA VAL E 377 50.99 -12.71 26.74
C VAL E 377 51.46 -11.75 25.66
N GLY E 378 50.98 -11.92 24.44
CA GLY E 378 51.44 -11.12 23.33
C GLY E 378 51.00 -11.75 22.03
N GLN E 379 51.28 -11.04 20.95
CA GLN E 379 50.84 -11.46 19.63
C GLN E 379 51.90 -11.14 18.60
N VAL E 380 51.93 -11.94 17.53
CA VAL E 380 52.81 -11.67 16.41
C VAL E 380 52.24 -10.50 15.61
N ILE E 381 53.14 -9.63 15.17
CA ILE E 381 52.74 -8.46 14.40
C ILE E 381 52.84 -8.72 12.91
N ASP E 382 53.98 -9.24 12.45
CA ASP E 382 54.15 -9.48 11.03
C ASP E 382 55.29 -10.45 10.78
N ARG E 383 55.33 -10.95 9.55
CA ARG E 383 56.35 -11.85 9.04
C ARG E 383 57.09 -11.17 7.89
N LYS E 384 58.06 -11.89 7.32
CA LYS E 384 58.72 -11.46 6.11
C LYS E 384 59.36 -12.65 5.40
N THR E 391 61.72 -12.51 8.52
CA THR E 391 61.84 -11.83 9.80
C THR E 391 60.49 -11.74 10.49
N PHE E 392 60.48 -12.00 11.79
CA PHE E 392 59.29 -11.93 12.61
C PHE E 392 59.33 -10.66 13.45
N THR E 393 58.27 -9.87 13.37
CA THR E 393 58.07 -8.74 14.27
C THR E 393 56.90 -9.07 15.18
N VAL E 394 57.09 -8.85 16.47
CA VAL E 394 56.15 -9.25 17.51
C VAL E 394 56.00 -8.12 18.51
N ALA E 395 54.96 -8.23 19.34
CA ALA E 395 54.66 -7.25 20.36
C ALA E 395 54.21 -7.93 21.64
N ILE E 396 54.56 -7.32 22.76
CA ILE E 396 54.09 -7.73 24.08
C ILE E 396 53.38 -6.55 24.73
N GLU E 397 52.35 -6.88 25.51
CA GLU E 397 51.56 -5.86 26.19
C GLU E 397 52.41 -5.11 27.20
N PRO E 398 52.04 -3.86 27.53
CA PRO E 398 52.80 -3.12 28.53
C PRO E 398 52.67 -3.69 29.94
N GLN E 399 51.51 -4.23 30.30
CA GLN E 399 51.35 -4.81 31.63
C GLN E 399 52.17 -6.07 31.83
N HIS E 400 52.30 -6.88 30.79
CA HIS E 400 53.17 -8.05 30.81
C HIS E 400 54.62 -7.69 30.52
N ARG E 401 54.92 -6.42 30.32
CA ARG E 401 56.28 -5.98 30.03
C ARG E 401 57.20 -6.24 31.22
N GLY F 5 -22.08 40.34 -38.81
CA GLY F 5 -22.31 38.91 -38.78
C GLY F 5 -21.89 38.23 -40.07
N ASN F 6 -21.37 37.01 -39.94
CA ASN F 6 -20.92 36.23 -41.09
C ASN F 6 -21.55 34.84 -41.06
N THR F 7 -21.08 33.94 -41.91
CA THR F 7 -21.57 32.58 -41.98
C THR F 7 -20.41 31.66 -42.26
N VAL F 8 -20.25 30.62 -41.43
CA VAL F 8 -19.24 29.61 -41.67
C VAL F 8 -19.84 28.24 -41.39
N THR F 9 -19.66 27.31 -42.33
CA THR F 9 -20.15 25.95 -42.21
C THR F 9 -18.99 25.07 -41.77
N ILE F 10 -19.16 24.41 -40.62
CA ILE F 10 -18.14 23.53 -40.07
C ILE F 10 -18.71 22.13 -40.01
N ASP F 11 -17.92 21.15 -40.42
CA ASP F 11 -18.32 19.75 -40.37
C ASP F 11 -17.88 19.13 -39.06
N PHE F 12 -18.84 18.56 -38.34
CA PHE F 12 -18.60 17.86 -37.09
C PHE F 12 -19.00 16.40 -37.25
N MET F 13 -18.14 15.51 -36.77
CA MET F 13 -18.51 14.11 -36.64
C MET F 13 -19.65 13.96 -35.63
N SER F 14 -19.55 14.69 -34.51
CA SER F 14 -20.57 14.70 -33.48
C SER F 14 -20.65 16.09 -32.90
N ALA F 15 -21.84 16.43 -32.38
CA ALA F 15 -22.12 17.74 -31.80
C ALA F 15 -23.00 17.51 -30.57
N ASP F 16 -22.34 17.27 -29.44
CA ASP F 16 -23.01 16.64 -28.30
C ASP F 16 -23.90 17.63 -27.54
N GLY F 17 -23.29 18.61 -26.90
CA GLY F 17 -24.00 19.50 -26.00
C GLY F 17 -24.11 20.91 -26.55
N ILE F 18 -24.41 21.01 -27.84
CA ILE F 18 -24.41 22.28 -28.55
C ILE F 18 -25.84 22.67 -28.85
N VAL F 19 -26.15 23.95 -28.66
CA VAL F 19 -27.46 24.52 -29.00
C VAL F 19 -27.20 25.70 -29.93
N PRO F 20 -28.01 25.91 -30.98
CA PRO F 20 -27.75 27.06 -31.86
C PRO F 20 -27.79 28.40 -31.15
N GLY F 21 -28.63 28.54 -30.13
CA GLY F 21 -28.78 29.81 -29.44
C GLY F 21 -27.50 30.33 -28.83
N ARG F 22 -26.96 29.60 -27.85
CA ARG F 22 -25.77 30.03 -27.09
C ARG F 22 -24.70 28.95 -27.18
N THR F 23 -23.84 29.07 -28.18
CA THR F 23 -22.60 28.29 -28.26
C THR F 23 -21.51 29.26 -28.66
N PRO F 24 -21.11 30.16 -27.76
CA PRO F 24 -20.23 31.27 -28.15
C PRO F 24 -18.85 30.77 -28.56
N VAL F 25 -18.44 31.15 -29.76
CA VAL F 25 -17.15 30.76 -30.28
C VAL F 25 -16.06 31.61 -29.63
N ARG F 26 -15.06 30.95 -29.08
CA ARG F 26 -14.00 31.60 -28.32
C ARG F 26 -12.65 31.37 -28.98
N TYR F 27 -11.79 32.38 -28.87
CA TYR F 27 -10.39 32.32 -29.29
C TYR F 27 -9.55 32.76 -28.12
N GLN F 28 -9.09 31.79 -27.32
CA GLN F 28 -8.51 32.04 -26.01
C GLN F 28 -9.52 32.69 -25.08
N GLY F 29 -10.81 32.48 -25.35
CA GLY F 29 -11.87 32.89 -24.47
C GLY F 29 -12.63 34.11 -24.93
N VAL F 30 -12.04 34.93 -25.80
CA VAL F 30 -12.74 36.09 -26.33
C VAL F 30 -13.77 35.62 -27.34
N GLU F 31 -15.00 36.09 -27.19
CA GLU F 31 -16.08 35.60 -28.05
C GLU F 31 -15.90 36.15 -29.46
N VAL F 32 -15.76 35.22 -30.42
CA VAL F 32 -15.68 35.59 -31.82
C VAL F 32 -17.04 35.65 -32.49
N GLY F 33 -18.08 35.10 -31.86
CA GLY F 33 -19.39 35.04 -32.45
C GLY F 33 -20.19 33.94 -31.78
N THR F 34 -21.25 33.52 -32.46
CA THR F 34 -22.10 32.46 -31.95
C THR F 34 -22.53 31.56 -33.09
N VAL F 35 -22.84 30.31 -32.74
CA VAL F 35 -23.39 29.38 -33.71
C VAL F 35 -24.74 29.89 -34.19
N GLN F 36 -24.95 29.85 -35.49
CA GLN F 36 -26.24 30.21 -36.08
C GLN F 36 -27.19 29.03 -36.11
N ASP F 37 -26.67 27.86 -36.48
CA ASP F 37 -27.53 26.69 -36.67
C ASP F 37 -26.69 25.43 -36.60
N ILE F 38 -27.36 24.33 -36.26
CA ILE F 38 -26.78 23.00 -36.32
C ILE F 38 -27.74 22.12 -37.11
N SER F 39 -27.21 21.39 -38.08
CA SER F 39 -28.01 20.51 -38.91
C SER F 39 -27.13 19.40 -39.44
N LEU F 40 -27.71 18.55 -40.28
CA LEU F 40 -26.98 17.44 -40.87
C LEU F 40 -27.40 17.30 -42.33
N SER F 41 -26.53 16.63 -43.10
CA SER F 41 -26.74 16.43 -44.52
C SER F 41 -26.74 14.94 -44.82
N ASP F 42 -27.79 14.48 -45.52
CA ASP F 42 -27.95 13.09 -45.99
C ASP F 42 -27.59 12.06 -44.92
N ASP F 43 -27.80 12.41 -43.64
CA ASP F 43 -27.73 11.47 -42.53
C ASP F 43 -26.42 10.71 -42.49
N LEU F 44 -25.32 11.38 -42.82
CA LEU F 44 -24.01 10.77 -42.92
C LEU F 44 -23.01 11.40 -41.96
N ARG F 45 -23.51 11.87 -40.82
CA ARG F 45 -22.69 12.40 -39.72
C ARG F 45 -21.91 13.64 -40.14
N LYS F 46 -22.26 14.26 -41.25
CA LYS F 46 -21.62 15.51 -41.68
C LYS F 46 -22.38 16.67 -41.03
N ILE F 47 -22.22 16.77 -39.71
CA ILE F 47 -23.00 17.75 -38.96
C ILE F 47 -22.52 19.14 -39.34
N GLU F 48 -23.32 19.83 -40.14
CA GLU F 48 -22.98 21.17 -40.59
C GLU F 48 -23.45 22.17 -39.54
N VAL F 49 -22.52 22.93 -39.02
CA VAL F 49 -22.79 23.99 -38.06
C VAL F 49 -22.54 25.31 -38.75
N LYS F 50 -23.59 26.11 -38.88
CA LYS F 50 -23.49 27.47 -39.39
C LYS F 50 -23.20 28.40 -38.22
N VAL F 51 -22.18 29.23 -38.38
CA VAL F 51 -21.67 30.06 -37.30
C VAL F 51 -21.59 31.51 -37.76
N SER F 52 -22.01 32.41 -36.88
CA SER F 52 -21.84 33.83 -37.07
C SER F 52 -20.50 34.26 -36.49
N ILE F 53 -19.86 35.21 -37.16
CA ILE F 53 -18.53 35.67 -36.77
C ILE F 53 -18.51 37.19 -36.84
N LYS F 54 -17.84 37.81 -35.87
CA LYS F 54 -17.61 39.24 -35.93
C LYS F 54 -16.64 39.57 -37.05
N SER F 55 -16.97 40.62 -37.81
CA SER F 55 -16.21 40.93 -39.02
C SER F 55 -14.75 41.24 -38.74
N ASP F 56 -14.41 41.64 -37.51
CA ASP F 56 -13.02 41.91 -37.19
C ASP F 56 -12.15 40.67 -37.39
N MET F 57 -12.64 39.52 -36.97
CA MET F 57 -11.93 38.26 -37.16
C MET F 57 -12.12 37.69 -38.56
N LYS F 58 -13.05 38.22 -39.34
CA LYS F 58 -13.36 37.65 -40.65
C LYS F 58 -12.14 37.66 -41.56
N ASP F 59 -11.30 38.68 -41.46
CA ASP F 59 -10.14 38.79 -42.35
C ASP F 59 -9.18 37.62 -42.14
N ALA F 60 -8.89 37.30 -40.89
CA ALA F 60 -7.97 36.21 -40.58
C ALA F 60 -8.57 34.84 -40.85
N LEU F 61 -9.89 34.76 -41.04
CA LEU F 61 -10.54 33.50 -41.34
C LEU F 61 -10.03 32.98 -42.68
N ARG F 62 -9.27 31.89 -42.67
CA ARG F 62 -8.59 31.41 -43.86
C ARG F 62 -8.63 29.89 -43.85
N GLU F 63 -7.91 29.29 -44.80
CA GLU F 63 -7.98 27.85 -45.01
C GLU F 63 -7.48 27.09 -43.78
N GLU F 64 -6.38 27.54 -43.20
CA GLU F 64 -5.76 26.84 -42.09
C GLU F 64 -6.40 27.13 -40.76
N THR F 65 -7.50 27.89 -40.74
CA THR F 65 -8.21 28.16 -39.50
C THR F 65 -8.80 26.86 -38.97
N GLN F 66 -8.35 26.44 -37.79
CA GLN F 66 -8.78 25.20 -37.18
C GLN F 66 -9.88 25.47 -36.16
N PHE F 67 -10.75 24.48 -35.98
CA PHE F 67 -11.85 24.55 -35.03
C PHE F 67 -11.96 23.25 -34.27
N TRP F 68 -12.52 23.32 -33.07
CA TRP F 68 -12.77 22.12 -32.29
C TRP F 68 -13.82 22.42 -31.23
N LEU F 69 -14.42 21.36 -30.72
CA LEU F 69 -15.39 21.44 -29.64
C LEU F 69 -14.70 21.12 -28.32
N VAL F 70 -14.73 22.08 -27.40
CA VAL F 70 -14.32 21.80 -26.03
C VAL F 70 -15.48 21.12 -25.30
N THR F 71 -15.14 20.37 -24.26
CA THR F 71 -16.14 19.59 -23.54
C THR F 71 -15.65 19.36 -22.13
N PRO F 72 -16.53 19.28 -21.13
CA PRO F 72 -16.10 18.81 -19.82
C PRO F 72 -15.58 17.39 -19.91
N LYS F 73 -14.51 17.11 -19.16
CA LYS F 73 -13.84 15.81 -19.18
C LYS F 73 -13.56 15.39 -17.75
N ALA F 74 -14.50 14.65 -17.17
CA ALA F 74 -14.34 14.05 -15.85
C ALA F 74 -13.89 12.60 -15.92
N SER F 75 -13.23 12.22 -17.02
CA SER F 75 -12.84 10.84 -17.25
C SER F 75 -11.63 10.50 -16.37
N LEU F 76 -11.05 9.33 -16.59
CA LEU F 76 -9.91 8.89 -15.80
C LEU F 76 -8.71 9.81 -16.00
N ALA F 77 -8.47 10.22 -17.24
CA ALA F 77 -7.38 11.12 -17.59
C ALA F 77 -8.01 12.36 -18.22
N GLY F 78 -8.46 13.29 -17.38
CA GLY F 78 -8.98 14.55 -17.85
C GLY F 78 -9.60 15.38 -16.76
N VAL F 79 -9.28 16.67 -16.74
CA VAL F 79 -9.85 17.63 -15.80
C VAL F 79 -10.27 18.88 -16.56
N SER F 80 -10.20 18.86 -17.90
CA SER F 80 -10.41 20.05 -18.71
C SER F 80 -11.91 20.32 -18.90
N GLY F 81 -12.59 20.55 -17.79
CA GLY F 81 -13.96 21.02 -17.78
C GLY F 81 -14.09 22.23 -16.89
N LEU F 82 -12.99 22.97 -16.73
CA LEU F 82 -12.97 24.10 -15.81
C LEU F 82 -13.94 25.18 -16.24
N ASP F 83 -13.99 25.46 -17.54
CA ASP F 83 -14.84 26.52 -18.08
C ASP F 83 -16.13 26.00 -18.69
N ALA F 84 -16.10 24.79 -19.28
CA ALA F 84 -17.29 24.28 -19.94
C ALA F 84 -18.41 24.00 -18.94
N LEU F 85 -18.06 23.65 -17.70
CA LEU F 85 -19.08 23.45 -16.68
C LEU F 85 -19.78 24.75 -16.33
N VAL F 86 -19.04 25.85 -16.34
CA VAL F 86 -19.58 27.15 -15.94
C VAL F 86 -20.17 27.84 -17.15
N GLY F 87 -19.34 28.08 -18.17
CA GLY F 87 -19.76 28.78 -19.37
C GLY F 87 -20.44 27.93 -20.41
N GLY F 88 -20.59 26.63 -20.17
CA GLY F 88 -21.22 25.74 -21.13
C GLY F 88 -20.25 25.32 -22.23
N ASN F 89 -20.71 24.38 -23.05
CA ASN F 89 -19.88 23.85 -24.12
C ASN F 89 -19.74 24.91 -25.19
N TYR F 90 -18.60 25.58 -25.20
CA TYR F 90 -18.24 26.47 -26.28
C TYR F 90 -17.37 25.70 -27.28
N ILE F 91 -16.83 26.41 -28.26
CA ILE F 91 -15.91 25.84 -29.22
C ILE F 91 -14.71 26.74 -29.34
N GLY F 92 -13.55 26.14 -29.58
CA GLY F 92 -12.31 26.87 -29.71
C GLY F 92 -11.84 26.88 -31.15
N MET F 93 -11.12 27.93 -31.51
CA MET F 93 -10.61 28.10 -32.86
C MET F 93 -9.18 28.62 -32.80
N MET F 94 -8.47 28.40 -33.90
CA MET F 94 -7.14 28.96 -34.10
C MET F 94 -7.09 29.55 -35.50
N PRO F 95 -6.73 30.82 -35.68
CA PRO F 95 -6.62 31.37 -37.03
C PRO F 95 -5.47 30.73 -37.79
N GLY F 96 -5.61 30.74 -39.11
CA GLY F 96 -4.58 30.24 -39.99
C GLY F 96 -4.22 31.26 -41.05
N LYS F 97 -3.03 31.09 -41.63
CA LYS F 97 -2.53 31.96 -42.68
C LYS F 97 -2.73 31.31 -44.05
N GLY F 98 -3.85 30.63 -44.22
CA GLY F 98 -4.21 30.06 -45.51
C GLY F 98 -4.54 31.13 -46.52
N LYS F 99 -5.34 30.79 -47.52
CA LYS F 99 -5.85 31.79 -48.45
C LYS F 99 -7.25 32.22 -48.04
N GLU F 100 -8.19 31.28 -48.06
CA GLU F 100 -9.57 31.53 -47.69
C GLU F 100 -10.33 30.22 -47.75
N GLN F 101 -11.32 30.10 -46.88
CA GLN F 101 -12.23 28.97 -46.93
C GLN F 101 -13.46 29.31 -46.12
N ASP F 102 -14.58 28.70 -46.50
CA ASP F 102 -15.86 28.87 -45.82
C ASP F 102 -16.43 27.57 -45.29
N HIS F 103 -16.11 26.44 -45.92
CA HIS F 103 -16.52 25.13 -45.47
C HIS F 103 -15.36 24.45 -44.76
N PHE F 104 -15.58 24.03 -43.53
CA PHE F 104 -14.51 23.54 -42.67
C PHE F 104 -14.90 22.24 -42.01
N VAL F 105 -13.88 21.58 -41.45
CA VAL F 105 -14.04 20.37 -40.67
C VAL F 105 -13.48 20.63 -39.29
N ALA F 106 -14.28 20.39 -38.26
CA ALA F 106 -13.83 20.60 -36.90
C ALA F 106 -12.82 19.54 -36.51
N LEU F 107 -11.72 19.98 -35.91
CA LEU F 107 -10.76 19.03 -35.36
C LEU F 107 -11.39 18.29 -34.18
N ASP F 108 -10.99 17.03 -34.02
CA ASP F 108 -11.64 16.15 -33.04
C ASP F 108 -11.45 16.69 -31.63
N THR F 109 -10.26 17.18 -31.31
CA THR F 109 -9.92 17.65 -29.98
C THR F 109 -9.25 19.02 -30.09
N GLN F 110 -8.87 19.56 -28.95
CA GLN F 110 -8.17 20.84 -28.92
C GLN F 110 -6.71 20.60 -29.28
N PRO F 111 -6.19 21.21 -30.34
CA PRO F 111 -4.80 20.97 -30.71
C PRO F 111 -3.84 21.77 -29.85
N LYS F 112 -2.58 21.34 -29.87
CA LYS F 112 -1.54 22.00 -29.10
C LYS F 112 -1.13 23.30 -29.79
N TYR F 113 -1.04 24.38 -29.01
CA TYR F 113 -0.74 25.70 -29.52
C TYR F 113 0.58 26.20 -28.94
N ARG F 114 1.28 27.01 -29.72
CA ARG F 114 2.59 27.54 -29.36
C ARG F 114 2.47 29.01 -28.97
N LEU F 115 2.93 29.34 -27.77
CA LEU F 115 2.97 30.73 -27.35
C LEU F 115 4.02 31.47 -28.16
N ASP F 116 3.68 32.67 -28.61
CA ASP F 116 4.58 33.45 -29.44
C ASP F 116 5.75 34.03 -28.66
N ASN F 117 5.68 34.07 -27.33
CA ASN F 117 6.70 34.73 -26.53
C ASN F 117 8.05 34.03 -26.68
N GLY F 118 9.05 34.59 -26.02
CA GLY F 118 10.38 34.03 -26.06
C GLY F 118 10.59 32.98 -25.01
N ASP F 119 10.40 31.72 -25.40
CA ASP F 119 10.66 30.55 -24.59
C ASP F 119 11.66 29.69 -25.35
N LEU F 120 11.93 28.49 -24.84
CA LEU F 120 12.80 27.56 -25.52
C LEU F 120 12.06 26.26 -25.78
N MET F 121 12.28 25.71 -26.96
CA MET F 121 11.69 24.46 -27.40
C MET F 121 12.83 23.53 -27.76
N ILE F 122 12.82 22.31 -27.20
CA ILE F 122 13.89 21.37 -27.48
C ILE F 122 13.35 19.95 -27.62
N HIS F 123 14.15 19.12 -28.26
CA HIS F 123 13.76 17.76 -28.65
C HIS F 123 14.57 16.75 -27.86
N LEU F 124 13.87 15.77 -27.29
CA LEU F 124 14.46 14.64 -26.61
C LEU F 124 14.19 13.37 -27.41
N GLN F 125 15.25 12.60 -27.65
CA GLN F 125 15.12 11.29 -28.26
C GLN F 125 15.03 10.25 -27.15
N ALA F 126 14.09 9.33 -27.28
CA ALA F 126 13.93 8.29 -26.29
C ALA F 126 13.41 7.03 -26.97
N PRO F 127 13.98 5.86 -26.68
CA PRO F 127 13.43 4.64 -27.29
C PRO F 127 12.02 4.35 -26.85
N ASP F 128 11.58 4.88 -25.71
CA ASP F 128 10.22 4.70 -25.23
C ASP F 128 9.80 5.96 -24.47
N LEU F 129 8.49 6.12 -24.33
CA LEU F 129 7.97 7.32 -23.68
C LEU F 129 8.18 7.27 -22.17
N GLY F 130 8.04 6.10 -21.58
CA GLY F 130 7.92 6.05 -20.15
C GLY F 130 6.53 6.53 -19.75
N SER F 131 6.39 6.83 -18.47
CA SER F 131 5.12 7.33 -17.94
C SER F 131 5.04 8.85 -18.00
N LEU F 132 5.30 9.38 -19.18
CA LEU F 132 5.33 10.83 -19.42
C LEU F 132 4.09 11.21 -20.24
N ASN F 133 3.02 11.51 -19.54
CA ASN F 133 1.83 12.05 -20.20
C ASN F 133 2.03 13.53 -20.47
N SER F 134 1.36 14.02 -21.51
CA SER F 134 1.41 15.43 -21.85
C SER F 134 0.99 16.27 -20.66
N GLY F 135 1.89 17.14 -20.22
CA GLY F 135 1.75 17.88 -18.98
C GLY F 135 2.74 17.49 -17.92
N SER F 136 3.45 16.38 -18.11
CA SER F 136 4.50 16.00 -17.17
C SER F 136 5.55 17.10 -17.09
N LEU F 137 6.19 17.17 -15.94
CA LEU F 137 6.86 18.38 -15.50
C LEU F 137 8.38 18.23 -15.52
N VAL F 138 9.06 19.31 -15.86
CA VAL F 138 10.52 19.34 -16.00
C VAL F 138 11.11 20.08 -14.81
N TYR F 139 12.12 19.47 -14.19
CA TYR F 139 12.73 19.99 -12.99
C TYR F 139 14.20 20.27 -13.17
N PHE F 140 14.63 21.32 -12.48
CA PHE F 140 16.04 21.60 -12.20
C PHE F 140 16.15 21.64 -10.68
N ARG F 141 16.80 20.64 -10.11
CA ARG F 141 16.93 20.53 -8.66
C ARG F 141 15.55 20.50 -7.99
N LYS F 142 14.62 19.79 -8.63
CA LYS F 142 13.23 19.65 -8.21
C LYS F 142 12.46 20.96 -8.27
N ILE F 143 13.01 22.00 -8.88
CA ILE F 143 12.27 23.22 -9.15
C ILE F 143 11.67 23.10 -10.54
N PRO F 144 10.35 23.18 -10.70
CA PRO F 144 9.78 23.14 -12.05
C PRO F 144 10.22 24.35 -12.86
N VAL F 145 10.68 24.09 -14.09
CA VAL F 145 11.19 25.14 -14.96
C VAL F 145 10.66 24.97 -16.37
N GLY F 146 9.65 24.14 -16.54
CA GLY F 146 9.13 23.84 -17.86
C GLY F 146 8.40 22.52 -17.83
N LYS F 147 7.70 22.25 -18.93
CA LYS F 147 6.83 21.09 -19.00
C LYS F 147 6.96 20.43 -20.36
N VAL F 148 6.32 19.28 -20.48
CA VAL F 148 6.25 18.57 -21.74
C VAL F 148 5.21 19.22 -22.63
N TYR F 149 5.58 19.51 -23.87
CA TYR F 149 4.65 20.08 -24.83
C TYR F 149 3.96 19.00 -25.64
N ASP F 150 4.72 18.13 -26.29
CA ASP F 150 4.11 17.08 -27.11
C ASP F 150 5.10 15.94 -27.28
N TYR F 151 4.59 14.83 -27.81
CA TYR F 151 5.39 13.67 -28.15
C TYR F 151 4.91 13.10 -29.47
N ALA F 152 5.82 12.45 -30.18
CA ALA F 152 5.50 11.87 -31.48
C ALA F 152 6.52 10.80 -31.78
N ILE F 153 6.33 10.14 -32.93
CA ILE F 153 7.16 9.03 -33.35
C ILE F 153 7.96 9.48 -34.56
N ASN F 154 9.27 9.26 -34.51
CA ASN F 154 10.11 9.57 -35.64
C ASN F 154 9.72 8.69 -36.82
N PRO F 155 10.08 9.11 -38.05
CA PRO F 155 9.69 8.32 -39.22
C PRO F 155 10.14 6.88 -39.14
N ASN F 156 11.34 6.63 -38.61
CA ASN F 156 11.72 5.27 -38.28
C ASN F 156 10.93 4.82 -37.06
N LYS F 157 10.61 3.53 -37.03
CA LYS F 157 9.80 2.97 -35.95
C LYS F 157 10.66 2.53 -34.77
N GLN F 158 11.90 3.02 -34.69
CA GLN F 158 12.85 2.61 -33.67
C GLN F 158 13.12 3.71 -32.66
N GLY F 159 12.14 4.56 -32.40
CA GLY F 159 12.37 5.62 -31.43
C GLY F 159 11.17 6.52 -31.27
N VAL F 160 11.34 7.47 -30.38
CA VAL F 160 10.30 8.43 -30.01
C VAL F 160 10.95 9.78 -29.86
N VAL F 161 10.29 10.82 -30.37
CA VAL F 161 10.77 12.19 -30.29
C VAL F 161 9.77 12.98 -29.46
N ILE F 162 10.21 13.46 -28.31
CA ILE F 162 9.44 14.36 -27.48
C ILE F 162 9.92 15.77 -27.76
N ASP F 163 9.02 16.73 -27.75
CA ASP F 163 9.39 18.13 -27.84
C ASP F 163 8.80 18.85 -26.64
N VAL F 164 9.65 19.61 -25.95
CA VAL F 164 9.34 20.15 -24.64
C VAL F 164 9.64 21.63 -24.59
N LEU F 165 9.03 22.26 -23.60
CA LEU F 165 9.00 23.70 -23.43
C LEU F 165 9.79 24.08 -22.19
N ILE F 166 10.49 25.20 -22.27
CA ILE F 166 11.23 25.76 -21.15
C ILE F 166 10.94 27.24 -21.07
N GLU F 167 10.66 27.73 -19.87
CA GLU F 167 10.27 29.11 -19.67
C GLU F 167 11.42 30.04 -20.02
N ARG F 168 11.05 31.30 -20.25
CA ARG F 168 12.05 32.30 -20.63
C ARG F 168 13.11 32.47 -19.57
N ARG F 169 12.70 32.65 -18.31
CA ARG F 169 13.61 33.02 -17.23
C ARG F 169 14.62 31.93 -16.92
N PHE F 170 14.52 30.74 -17.53
CA PHE F 170 15.47 29.67 -17.34
C PHE F 170 16.15 29.23 -18.63
N THR F 171 16.00 30.00 -19.72
CA THR F 171 16.60 29.59 -20.99
C THR F 171 18.11 29.49 -20.91
N ASP F 172 18.74 30.15 -19.93
CA ASP F 172 20.18 30.06 -19.76
C ASP F 172 20.62 28.75 -19.13
N LEU F 173 19.72 28.02 -18.48
CA LEU F 173 20.12 26.82 -17.78
C LEU F 173 20.41 25.65 -18.70
N VAL F 174 19.92 25.67 -19.93
CA VAL F 174 20.05 24.54 -20.85
C VAL F 174 21.32 24.75 -21.66
N LYS F 175 22.26 23.83 -21.49
CA LYS F 175 23.53 23.86 -22.18
C LYS F 175 23.64 22.68 -23.14
N LYS F 176 24.66 22.74 -23.99
CA LYS F 176 24.89 21.65 -24.93
C LYS F 176 25.21 20.36 -24.19
N GLY F 177 26.03 20.45 -23.14
CA GLY F 177 26.39 19.29 -22.36
C GLY F 177 25.39 18.90 -21.32
N SER F 178 24.30 19.64 -21.20
CA SER F 178 23.29 19.34 -20.19
C SER F 178 22.67 17.99 -20.44
N ARG F 179 22.41 17.26 -19.36
CA ARG F 179 21.88 15.91 -19.43
C ARG F 179 20.48 15.86 -18.83
N PHE F 180 19.59 15.18 -19.53
CA PHE F 180 18.22 14.97 -19.10
C PHE F 180 18.03 13.52 -18.69
N TRP F 181 17.29 13.30 -17.61
CA TRP F 181 16.95 11.94 -17.20
C TRP F 181 15.53 11.90 -16.68
N ASN F 182 14.90 10.75 -16.91
CA ASN F 182 13.52 10.52 -16.51
C ASN F 182 13.45 10.30 -15.02
N VAL F 183 12.42 10.85 -14.38
CA VAL F 183 12.10 10.61 -13.00
C VAL F 183 10.60 10.38 -12.97
N SER F 184 10.20 9.12 -12.82
CA SER F 184 8.80 8.74 -12.92
C SER F 184 8.67 7.30 -12.44
N GLY F 185 7.46 6.96 -11.99
CA GLY F 185 7.24 5.66 -11.41
C GLY F 185 7.94 5.54 -10.07
N VAL F 186 7.57 4.49 -9.33
CA VAL F 186 8.09 4.28 -7.98
C VAL F 186 8.41 2.81 -7.83
N ASP F 187 9.56 2.54 -7.19
CA ASP F 187 9.98 1.17 -6.92
C ASP F 187 10.32 0.98 -5.45
N ALA F 188 10.82 -0.20 -5.11
CA ALA F 188 11.39 -0.48 -3.81
C ALA F 188 12.91 -0.54 -3.94
N ASN F 189 13.59 -0.05 -2.91
CA ASN F 189 15.05 -0.05 -2.85
C ASN F 189 15.45 -0.91 -1.66
N VAL F 190 15.56 -2.21 -1.90
CA VAL F 190 15.92 -3.16 -0.86
C VAL F 190 17.43 -3.29 -0.82
N SER F 191 18.00 -3.11 0.37
CA SER F 191 19.43 -3.28 0.60
C SER F 191 19.64 -4.32 1.69
N ILE F 192 20.84 -4.89 1.70
CA ILE F 192 21.17 -5.91 2.69
C ILE F 192 21.34 -5.25 4.06
N SER F 193 20.90 -5.97 5.10
CA SER F 193 21.06 -5.51 6.48
C SER F 193 20.36 -4.18 6.71
N GLY F 194 19.18 -4.01 6.12
CA GLY F 194 18.39 -2.80 6.24
C GLY F 194 18.03 -2.23 4.89
N ALA F 195 16.91 -1.52 4.82
CA ALA F 195 16.40 -1.03 3.54
C ALA F 195 15.54 0.20 3.79
N LYS F 196 15.47 1.06 2.77
CA LYS F 196 14.63 2.24 2.80
C LYS F 196 14.12 2.50 1.39
N VAL F 197 12.92 3.05 1.29
CA VAL F 197 12.21 3.18 0.03
C VAL F 197 11.77 4.63 -0.13
N LYS F 198 12.60 5.43 -0.78
CA LYS F 198 12.26 6.79 -1.17
C LYS F 198 12.77 7.00 -2.59
N LEU F 199 11.86 7.25 -3.52
CA LEU F 199 12.24 7.52 -4.90
C LEU F 199 11.84 8.91 -5.37
N GLU F 200 10.56 9.26 -5.34
CA GLU F 200 10.09 10.43 -6.06
C GLU F 200 8.91 11.08 -5.36
N SER F 201 8.52 12.24 -5.86
CA SER F 201 7.42 13.02 -5.31
C SER F 201 6.09 12.54 -5.88
N LEU F 202 5.00 12.93 -5.19
CA LEU F 202 3.68 12.44 -5.55
C LEU F 202 3.31 12.84 -6.97
N ALA F 203 3.54 14.10 -7.33
CA ALA F 203 3.23 14.54 -8.68
C ALA F 203 4.10 13.81 -9.69
N ALA F 204 5.37 13.58 -9.34
CA ALA F 204 6.27 12.86 -10.23
C ALA F 204 5.75 11.47 -10.55
N LEU F 205 4.99 10.88 -9.65
CA LEU F 205 4.41 9.55 -9.85
C LEU F 205 3.05 9.59 -10.52
N VAL F 206 2.23 10.58 -10.19
CA VAL F 206 0.92 10.68 -10.83
C VAL F 206 1.06 11.04 -12.29
N ASN F 207 2.02 11.91 -12.62
CA ASN F 207 2.14 12.48 -13.95
C ASN F 207 3.41 12.07 -14.68
N GLY F 208 4.43 11.60 -13.97
CA GLY F 208 5.74 11.45 -14.55
C GLY F 208 6.47 12.77 -14.58
N ALA F 209 7.79 12.68 -14.74
CA ALA F 209 8.56 13.90 -14.71
C ALA F 209 9.93 13.68 -15.33
N ILE F 210 10.57 14.79 -15.64
CA ILE F 210 11.94 14.81 -16.12
C ILE F 210 12.73 15.72 -15.20
N ALA F 211 14.02 15.43 -15.08
CA ALA F 211 14.96 16.30 -14.40
C ALA F 211 16.14 16.50 -15.32
N PHE F 212 16.83 17.62 -15.12
CA PHE F 212 18.01 17.84 -15.96
C PHE F 212 19.07 18.60 -15.19
N ASP F 213 20.32 18.35 -15.57
CA ASP F 213 21.49 18.99 -15.02
C ASP F 213 22.25 19.71 -16.11
N SER F 214 22.90 20.79 -15.72
CA SER F 214 23.61 21.68 -16.64
C SER F 214 25.06 21.79 -16.24
N PRO F 215 26.02 21.41 -17.07
CA PRO F 215 27.42 21.68 -16.72
C PRO F 215 27.69 23.18 -16.69
N GLU F 216 28.63 23.56 -15.84
CA GLU F 216 28.91 24.97 -15.63
C GLU F 216 29.51 25.62 -16.86
N GLU F 217 30.36 24.89 -17.58
CA GLU F 217 31.21 25.49 -18.60
C GLU F 217 30.63 25.44 -20.00
N SER F 218 29.68 24.54 -20.28
CA SER F 218 29.18 24.38 -21.63
C SER F 218 28.47 25.65 -22.10
N LYS F 219 28.19 25.67 -23.40
CA LYS F 219 27.48 26.77 -24.02
C LYS F 219 25.98 26.52 -23.99
N PRO F 220 25.17 27.57 -24.05
CA PRO F 220 23.72 27.39 -24.00
C PRO F 220 23.19 26.79 -25.29
N ALA F 221 22.34 25.78 -25.17
CA ALA F 221 21.70 25.19 -26.32
C ALA F 221 20.55 26.07 -26.79
N GLU F 222 20.12 25.83 -28.03
CA GLU F 222 19.10 26.68 -28.62
C GLU F 222 18.48 25.98 -29.82
N ALA F 223 17.31 26.47 -30.21
CA ALA F 223 16.72 26.23 -31.53
C ALA F 223 16.53 24.74 -31.79
N GLU F 224 15.62 24.16 -31.00
CA GLU F 224 15.17 22.79 -31.20
C GLU F 224 16.33 21.81 -31.19
N ASP F 225 17.37 22.11 -30.43
CA ASP F 225 18.51 21.20 -30.36
C ASP F 225 18.09 19.88 -29.73
N THR F 226 18.50 18.79 -30.37
CA THR F 226 18.16 17.47 -29.88
C THR F 226 18.96 17.14 -28.63
N PHE F 227 18.41 16.23 -27.84
CA PHE F 227 19.09 15.74 -26.65
C PHE F 227 18.69 14.29 -26.43
N GLY F 228 19.49 13.60 -25.64
CA GLY F 228 19.23 12.20 -25.31
C GLY F 228 18.70 12.08 -23.89
N LEU F 229 17.65 11.29 -23.74
CA LEU F 229 17.06 11.01 -22.45
C LEU F 229 17.65 9.73 -21.88
N TYR F 230 17.98 9.77 -20.60
CA TYR F 230 18.48 8.61 -19.88
C TYR F 230 17.40 8.10 -18.95
N GLU F 231 17.20 6.78 -18.97
CA GLU F 231 16.08 6.18 -18.26
C GLU F 231 16.12 6.47 -16.77
N ASP F 232 17.30 6.71 -16.22
CA ASP F 232 17.44 6.93 -14.79
C ASP F 232 18.63 7.83 -14.52
N LEU F 233 18.64 8.40 -13.33
CA LEU F 233 19.75 9.25 -12.91
C LEU F 233 21.06 8.50 -12.98
N ALA F 234 21.06 7.22 -12.64
CA ALA F 234 22.29 6.43 -12.66
C ALA F 234 22.85 6.34 -14.07
N HIS F 235 22.00 6.05 -15.04
CA HIS F 235 22.47 5.95 -16.42
C HIS F 235 22.91 7.29 -16.97
N SER F 236 22.51 8.39 -16.34
CA SER F 236 22.91 9.72 -16.76
C SER F 236 24.25 10.14 -16.15
N GLN F 237 24.85 9.30 -15.32
CA GLN F 237 26.09 9.67 -14.65
C GLN F 237 27.19 9.98 -15.66
N ARG F 238 27.95 11.02 -15.38
CA ARG F 238 29.03 11.47 -16.25
C ARG F 238 30.30 10.75 -15.82
N GLY F 239 30.55 9.60 -16.47
CA GLY F 239 31.76 8.86 -16.24
C GLY F 239 32.33 8.37 -17.55
N VAL F 240 33.56 7.95 -17.50
CA VAL F 240 34.27 7.52 -18.71
C VAL F 240 33.96 6.07 -18.98
N ILE F 241 33.96 5.72 -20.26
CA ILE F 241 33.58 4.39 -20.73
C ILE F 241 34.83 3.57 -20.99
N ILE F 242 34.75 2.29 -20.65
CA ILE F 242 35.86 1.36 -20.81
C ILE F 242 35.32 0.06 -21.41
N LYS F 243 35.99 -0.42 -22.44
CA LYS F 243 35.63 -1.68 -23.08
C LYS F 243 36.42 -2.82 -22.45
N LEU F 244 35.72 -3.94 -22.20
CA LEU F 244 36.31 -5.08 -21.51
C LEU F 244 36.02 -6.35 -22.30
N GLU F 245 37.07 -7.14 -22.51
CA GLU F 245 36.94 -8.51 -23.01
C GLU F 245 36.98 -9.43 -21.81
N LEU F 246 35.95 -10.27 -21.66
CA LEU F 246 35.79 -11.05 -20.45
C LEU F 246 35.99 -12.54 -20.72
N PRO F 247 36.39 -13.31 -19.71
CA PRO F 247 36.38 -14.77 -19.88
C PRO F 247 34.97 -15.32 -19.96
N SER F 248 34.16 -15.01 -18.96
CA SER F 248 32.77 -15.45 -18.93
C SER F 248 32.00 -14.70 -17.84
N GLY F 249 30.80 -14.21 -18.18
CA GLY F 249 30.00 -13.45 -17.24
C GLY F 249 29.10 -14.34 -16.42
N ALA F 250 29.70 -15.29 -15.70
CA ALA F 250 28.91 -16.24 -14.92
C ALA F 250 28.09 -15.53 -13.85
N GLY F 251 28.76 -14.72 -13.03
CA GLY F 251 28.10 -14.02 -11.95
C GLY F 251 27.91 -12.54 -12.23
N LEU F 252 28.39 -12.07 -13.37
CA LEU F 252 28.35 -10.64 -13.67
C LEU F 252 26.94 -10.19 -14.03
N THR F 253 26.62 -8.96 -13.64
CA THR F 253 25.33 -8.37 -13.93
C THR F 253 25.55 -6.97 -14.52
N ALA F 254 24.67 -6.61 -15.45
CA ALA F 254 24.97 -5.50 -16.35
C ALA F 254 25.00 -4.15 -15.64
N ASP F 255 24.31 -4.02 -14.50
CA ASP F 255 24.25 -2.73 -13.80
C ASP F 255 24.31 -2.90 -12.29
N SER F 256 24.88 -4.01 -11.82
CA SER F 256 25.00 -4.25 -10.39
C SER F 256 26.44 -4.58 -10.02
N THR F 257 27.21 -5.09 -10.96
CA THR F 257 28.60 -5.41 -10.69
C THR F 257 29.40 -4.13 -10.55
N PRO F 258 30.04 -3.87 -9.41
CA PRO F 258 30.82 -2.64 -9.26
C PRO F 258 32.30 -2.86 -9.57
N LEU F 259 33.03 -1.75 -9.55
CA LEU F 259 34.47 -1.76 -9.62
C LEU F 259 35.03 -1.28 -8.30
N MET F 260 35.94 -2.04 -7.73
CA MET F 260 36.53 -1.74 -6.43
C MET F 260 37.90 -1.10 -6.61
N TYR F 261 38.24 -0.23 -5.67
CA TYR F 261 39.59 0.29 -5.54
C TYR F 261 39.75 0.80 -4.13
N GLN F 262 40.76 0.30 -3.43
CA GLN F 262 41.03 0.68 -2.05
C GLN F 262 39.81 0.44 -1.17
N GLY F 263 39.00 -0.55 -1.53
CA GLY F 263 37.82 -0.90 -0.77
C GLY F 263 36.57 -0.15 -1.15
N LEU F 264 36.64 0.77 -2.11
CA LEU F 264 35.53 1.65 -2.45
C LEU F 264 35.06 1.42 -3.87
N GLU F 265 33.76 1.60 -4.06
CA GLU F 265 33.18 1.55 -5.40
C GLU F 265 33.53 2.81 -6.17
N VAL F 266 34.11 2.62 -7.35
CA VAL F 266 34.49 3.72 -8.21
C VAL F 266 33.78 3.62 -9.55
N GLY F 267 33.51 2.39 -9.97
CA GLY F 267 32.93 2.14 -11.27
C GLY F 267 31.81 1.14 -11.18
N GLN F 268 31.09 1.03 -12.28
CA GLN F 268 29.91 0.18 -12.36
C GLN F 268 29.85 -0.37 -13.76
N LEU F 269 29.83 -1.70 -13.88
CA LEU F 269 29.58 -2.31 -15.17
C LEU F 269 28.24 -1.82 -15.70
N THR F 270 28.20 -1.54 -17.00
CA THR F 270 27.02 -1.00 -17.65
C THR F 270 26.42 -1.95 -18.66
N LYS F 271 27.23 -2.48 -19.57
CA LYS F 271 26.74 -3.36 -20.63
C LYS F 271 27.49 -4.68 -20.58
N LEU F 272 26.76 -5.75 -20.88
CA LEU F 272 27.28 -7.11 -20.85
C LEU F 272 26.64 -7.86 -22.00
N ASP F 273 27.44 -8.26 -22.98
CA ASP F 273 26.92 -8.82 -24.21
C ASP F 273 27.77 -9.99 -24.66
N LEU F 274 27.14 -10.87 -25.43
CA LEU F 274 27.81 -12.01 -26.05
C LEU F 274 28.12 -11.67 -27.50
N ASN F 275 29.36 -11.77 -27.85
CA ASN F 275 29.77 -11.60 -29.23
C ASN F 275 29.75 -12.95 -29.95
N PRO F 276 29.64 -12.95 -31.27
CA PRO F 276 29.74 -14.21 -32.01
C PRO F 276 31.12 -14.84 -31.82
N GLY F 277 31.15 -16.17 -31.87
CA GLY F 277 32.34 -16.92 -31.57
C GLY F 277 32.49 -17.28 -30.11
N GLY F 278 31.51 -16.97 -29.28
CA GLY F 278 31.55 -17.30 -27.87
C GLY F 278 32.24 -16.29 -27.00
N LYS F 279 32.82 -15.25 -27.59
CA LYS F 279 33.49 -14.22 -26.80
C LYS F 279 32.45 -13.33 -26.11
N VAL F 280 32.76 -12.93 -24.89
CA VAL F 280 31.91 -12.08 -24.08
C VAL F 280 32.60 -10.75 -23.91
N THR F 281 31.86 -9.67 -24.14
CA THR F 281 32.40 -8.32 -24.02
C THR F 281 31.43 -7.46 -23.25
N GLY F 282 31.98 -6.54 -22.46
CA GLY F 282 31.19 -5.62 -21.68
C GLY F 282 31.78 -4.23 -21.76
N GLU F 283 31.05 -3.28 -21.19
CA GLU F 283 31.54 -1.92 -21.09
C GLU F 283 31.12 -1.36 -19.74
N MET F 284 31.99 -0.52 -19.20
CA MET F 284 31.92 -0.08 -17.81
C MET F 284 32.06 1.43 -17.76
N THR F 285 31.41 2.03 -16.76
CA THR F 285 31.57 3.44 -16.44
C THR F 285 32.47 3.59 -15.23
N VAL F 286 33.29 4.63 -15.25
CA VAL F 286 34.20 4.94 -14.15
C VAL F 286 34.08 6.41 -13.79
N ASP F 287 34.24 6.70 -12.51
CA ASP F 287 34.29 8.08 -12.08
C ASP F 287 35.52 8.75 -12.66
N PRO F 288 35.45 10.02 -13.06
CA PRO F 288 36.65 10.70 -13.58
C PRO F 288 37.79 10.74 -12.60
N SER F 289 37.50 10.76 -11.29
CA SER F 289 38.53 10.97 -10.28
C SER F 289 39.62 9.91 -10.34
N VAL F 290 39.33 8.75 -10.92
CA VAL F 290 40.27 7.65 -11.01
C VAL F 290 40.80 7.44 -12.42
N VAL F 291 40.28 8.16 -13.40
CA VAL F 291 40.61 7.85 -14.79
C VAL F 291 42.10 8.05 -15.07
N THR F 292 42.75 8.96 -14.35
CA THR F 292 44.18 9.17 -14.57
C THR F 292 44.99 7.92 -14.28
N LEU F 293 44.49 7.05 -13.41
CA LEU F 293 45.17 5.81 -13.10
C LEU F 293 45.04 4.79 -14.23
N LEU F 294 44.06 4.94 -15.10
CA LEU F 294 43.90 4.03 -16.23
C LEU F 294 45.00 4.28 -17.24
N ARG F 295 45.99 3.38 -17.26
CA ARG F 295 47.14 3.53 -18.13
C ARG F 295 47.53 2.14 -18.63
N GLU F 296 48.57 2.10 -19.44
CA GLU F 296 49.13 0.82 -19.83
C GLU F 296 49.67 0.11 -18.61
N ASN F 297 49.83 -1.21 -18.74
CA ASN F 297 50.15 -2.14 -17.65
C ASN F 297 49.28 -1.90 -16.42
N THR F 298 48.06 -1.39 -16.62
CA THR F 298 47.04 -1.38 -15.59
C THR F 298 46.13 -2.57 -15.84
N ARG F 299 46.12 -3.50 -14.90
CA ARG F 299 45.39 -4.73 -15.04
C ARG F 299 44.10 -4.66 -14.23
N ILE F 300 43.08 -5.33 -14.73
CA ILE F 300 41.80 -5.44 -14.04
C ILE F 300 41.51 -6.93 -13.88
N GLU F 301 41.21 -7.35 -12.65
CA GLU F 301 40.98 -8.73 -12.33
C GLU F 301 39.63 -8.90 -11.65
N LEU F 302 38.94 -9.99 -12.00
CA LEU F 302 37.70 -10.36 -11.33
C LEU F 302 38.10 -11.05 -10.04
N ARG F 303 37.69 -10.46 -8.93
CA ARG F 303 37.85 -11.10 -7.65
C ARG F 303 36.59 -11.92 -7.33
N ASN F 304 36.71 -12.79 -6.33
CA ASN F 304 35.61 -13.63 -5.90
C ASN F 304 35.41 -13.48 -4.41
N PRO F 305 34.18 -13.56 -3.91
CA PRO F 305 33.96 -13.43 -2.47
C PRO F 305 34.51 -14.65 -1.75
N LYS F 306 35.54 -14.43 -0.95
CA LYS F 306 36.28 -15.49 -0.28
C LYS F 306 35.65 -15.81 1.05
N LEU F 307 35.74 -17.09 1.43
CA LEU F 307 35.24 -17.57 2.72
C LEU F 307 36.32 -17.34 3.76
N SER F 308 36.34 -16.13 4.32
CA SER F 308 37.36 -15.79 5.31
C SER F 308 37.11 -16.52 6.61
N LEU F 309 38.15 -17.17 7.13
CA LEU F 309 38.03 -17.86 8.41
C LEU F 309 37.90 -16.87 9.55
N SER F 310 38.64 -15.75 9.48
CA SER F 310 38.68 -14.81 10.59
C SER F 310 37.46 -13.88 10.59
N ASP F 311 37.32 -13.08 9.54
CA ASP F 311 36.25 -12.09 9.43
C ASP F 311 35.20 -12.64 8.47
N ALA F 312 34.22 -13.33 9.01
CA ALA F 312 33.14 -13.89 8.19
C ALA F 312 32.31 -12.73 7.66
N ASN F 313 32.58 -12.34 6.42
CA ASN F 313 32.00 -11.14 5.82
C ASN F 313 30.78 -11.56 5.00
N LEU F 314 29.60 -11.33 5.57
CA LEU F 314 28.36 -11.75 4.92
C LEU F 314 28.09 -10.94 3.66
N SER F 315 28.31 -9.63 3.73
CA SER F 315 27.99 -8.77 2.60
C SER F 315 28.79 -9.16 1.36
N ALA F 316 30.05 -9.55 1.56
CA ALA F 316 30.86 -9.99 0.43
C ALA F 316 30.24 -11.22 -0.22
N LEU F 317 29.81 -12.19 0.58
CA LEU F 317 29.18 -13.38 0.05
C LEU F 317 27.91 -13.04 -0.71
N LEU F 318 27.10 -12.15 -0.15
CA LEU F 318 25.84 -11.79 -0.79
C LEU F 318 26.08 -11.08 -2.11
N THR F 319 27.08 -10.21 -2.16
CA THR F 319 27.34 -9.43 -3.36
C THR F 319 27.77 -10.32 -4.52
N GLY F 320 28.46 -11.42 -4.23
CA GLY F 320 28.96 -12.27 -5.29
C GLY F 320 30.26 -11.74 -5.87
N LYS F 321 30.42 -11.92 -7.17
CA LYS F 321 31.66 -11.55 -7.84
C LYS F 321 31.84 -10.04 -7.83
N THR F 322 33.10 -9.62 -7.91
CA THR F 322 33.43 -8.21 -7.95
C THR F 322 34.78 -8.04 -8.63
N PHE F 323 34.93 -6.94 -9.35
CA PHE F 323 36.17 -6.62 -10.01
C PHE F 323 37.11 -5.94 -9.04
N GLU F 324 38.27 -5.53 -9.56
CA GLU F 324 39.27 -4.87 -8.76
C GLU F 324 40.14 -4.03 -9.67
N LEU F 325 40.56 -2.88 -9.16
CA LEU F 325 41.47 -2.00 -9.85
C LEU F 325 42.83 -2.09 -9.18
N VAL F 326 43.87 -2.12 -9.98
CA VAL F 326 45.24 -2.14 -9.48
C VAL F 326 46.06 -1.27 -10.43
N PRO F 327 46.37 -0.02 -10.07
CA PRO F 327 46.90 0.91 -11.06
C PRO F 327 48.28 0.48 -11.55
N GLY F 328 48.60 1.00 -12.74
CA GLY F 328 49.90 0.80 -13.34
C GLY F 328 50.46 2.13 -13.80
N ASP F 329 51.42 2.08 -14.72
CA ASP F 329 52.04 3.28 -15.25
C ASP F 329 52.27 3.11 -16.74
N GLY F 330 52.00 4.16 -17.49
CA GLY F 330 52.21 4.12 -18.93
C GLY F 330 51.24 5.06 -19.61
N GLU F 331 51.08 4.83 -20.91
CA GLU F 331 50.16 5.63 -21.69
C GLU F 331 48.71 5.33 -21.27
N PRO F 332 47.82 6.33 -21.33
CA PRO F 332 46.40 6.02 -21.11
C PRO F 332 45.88 5.06 -22.15
N ARG F 333 44.98 4.19 -21.72
CA ARG F 333 44.31 3.25 -22.61
C ARG F 333 42.89 3.03 -22.12
N LYS F 334 42.03 2.55 -23.02
CA LYS F 334 40.62 2.40 -22.76
C LYS F 334 40.09 1.01 -23.03
N GLU F 335 40.84 0.17 -23.71
CA GLU F 335 40.49 -1.24 -23.89
C GLU F 335 41.30 -2.08 -22.93
N PHE F 336 40.65 -3.03 -22.29
CA PHE F 336 41.29 -3.87 -21.30
C PHE F 336 40.81 -5.31 -21.46
N VAL F 337 41.64 -6.23 -21.01
CA VAL F 337 41.31 -7.64 -20.95
C VAL F 337 41.27 -8.03 -19.48
N VAL F 338 40.14 -8.55 -19.04
CA VAL F 338 39.99 -8.95 -17.64
C VAL F 338 40.67 -10.28 -17.43
N VAL F 339 41.39 -10.39 -16.31
CA VAL F 339 42.12 -11.60 -15.97
C VAL F 339 41.38 -12.31 -14.84
N PRO F 340 41.37 -13.63 -14.80
CA PRO F 340 40.83 -14.32 -13.61
C PRO F 340 41.64 -13.99 -12.38
N GLY F 341 40.96 -14.02 -11.23
CA GLY F 341 41.64 -13.73 -9.98
C GLY F 341 42.78 -14.70 -9.69
N GLU F 342 42.65 -15.94 -10.16
CA GLU F 342 43.71 -16.92 -9.97
C GLU F 342 44.97 -16.52 -10.73
N LYS F 343 44.80 -16.03 -11.95
CA LYS F 343 45.92 -15.70 -12.82
C LYS F 343 46.36 -14.25 -12.69
N ALA F 344 45.96 -13.58 -11.61
CA ALA F 344 46.36 -12.19 -11.43
C ALA F 344 47.87 -12.06 -11.34
N LEU F 345 48.51 -12.97 -10.60
CA LEU F 345 49.96 -12.92 -10.47
C LEU F 345 50.65 -13.08 -11.81
N LEU F 346 50.03 -13.85 -12.72
CA LEU F 346 50.66 -14.11 -14.01
C LEU F 346 50.75 -12.85 -14.86
N HIS F 347 49.66 -12.11 -14.97
CA HIS F 347 49.61 -10.92 -15.84
C HIS F 347 50.09 -9.73 -15.01
N GLU F 348 51.41 -9.65 -14.87
CA GLU F 348 52.05 -8.57 -14.13
C GLU F 348 53.20 -8.02 -14.96
N PRO F 349 53.58 -6.75 -14.74
CA PRO F 349 54.78 -6.24 -15.42
C PRO F 349 56.04 -7.03 -15.12
N ASP F 350 56.19 -7.48 -13.88
CA ASP F 350 57.36 -8.25 -13.45
C ASP F 350 56.89 -9.46 -12.67
N VAL F 351 57.26 -10.64 -13.14
CA VAL F 351 56.86 -11.88 -12.51
C VAL F 351 57.79 -12.97 -13.03
N LEU F 352 58.14 -13.90 -12.15
CA LEU F 352 59.09 -14.96 -12.49
C LEU F 352 58.30 -16.20 -12.85
N THR F 353 58.18 -16.46 -14.15
CA THR F 353 57.38 -17.57 -14.66
C THR F 353 58.26 -18.77 -14.93
N LEU F 354 57.87 -19.93 -14.41
CA LEU F 354 58.64 -21.15 -14.52
C LEU F 354 57.74 -22.29 -14.99
N THR F 355 58.38 -23.30 -15.57
CA THR F 355 57.68 -24.49 -16.04
C THR F 355 58.22 -25.73 -15.33
N ALA F 366 46.31 -26.74 -8.19
CA ALA F 366 46.84 -25.97 -9.31
C ALA F 366 47.05 -24.51 -8.91
N GLY F 367 46.33 -24.09 -7.87
CA GLY F 367 46.55 -22.78 -7.26
C GLY F 367 47.34 -22.91 -5.99
N GLN F 368 48.13 -23.97 -5.88
CA GLN F 368 48.83 -24.25 -4.64
C GLN F 368 49.90 -23.18 -4.37
N PRO F 369 50.25 -22.97 -3.11
CA PRO F 369 51.30 -22.00 -2.78
C PRO F 369 52.69 -22.62 -2.92
N LEU F 370 53.69 -21.76 -2.79
CA LEU F 370 55.09 -22.17 -2.84
C LEU F 370 55.81 -21.78 -1.56
N GLN F 376 54.30 -18.03 2.28
CA GLN F 376 54.22 -18.23 0.83
C GLN F 376 55.12 -17.25 0.10
N VAL F 377 55.68 -17.71 -1.01
CA VAL F 377 56.58 -16.90 -1.84
C VAL F 377 56.20 -16.99 -3.31
N GLY F 378 55.04 -17.58 -3.60
CA GLY F 378 54.63 -17.80 -4.96
C GLY F 378 53.47 -18.78 -4.99
N GLN F 379 52.95 -18.98 -6.20
CA GLN F 379 51.77 -19.81 -6.38
C GLN F 379 51.89 -20.59 -7.67
N VAL F 380 51.25 -21.75 -7.68
CA VAL F 380 51.16 -22.55 -8.90
C VAL F 380 50.17 -21.91 -9.85
N ILE F 381 50.53 -21.90 -11.13
CA ILE F 381 49.67 -21.31 -12.15
C ILE F 381 48.79 -22.36 -12.81
N ASP F 382 49.37 -23.47 -13.24
CA ASP F 382 48.58 -24.49 -13.92
C ASP F 382 49.32 -25.82 -13.93
N ARG F 383 48.57 -26.86 -14.25
CA ARG F 383 49.04 -28.23 -14.40
C ARG F 383 48.82 -28.69 -15.83
N LYS F 384 49.21 -29.93 -16.11
CA LYS F 384 48.90 -30.57 -17.37
C LYS F 384 48.96 -32.08 -17.24
N THR F 391 52.78 -31.31 -16.85
CA THR F 391 53.68 -30.18 -16.70
C THR F 391 53.11 -29.15 -15.73
N PHE F 392 53.97 -28.63 -14.87
CA PHE F 392 53.60 -27.61 -13.90
C PHE F 392 54.14 -26.26 -14.35
N THR F 393 53.25 -25.28 -14.43
CA THR F 393 53.63 -23.89 -14.64
C THR F 393 53.35 -23.12 -13.36
N VAL F 394 54.34 -22.35 -12.92
CA VAL F 394 54.31 -21.67 -11.63
C VAL F 394 54.81 -20.24 -11.81
N ALA F 395 54.56 -19.42 -10.79
CA ALA F 395 54.98 -18.03 -10.79
C ALA F 395 55.49 -17.64 -9.43
N ILE F 396 56.47 -16.73 -9.43
CA ILE F 396 56.99 -16.10 -8.22
C ILE F 396 56.83 -14.60 -8.34
N GLU F 397 56.57 -13.96 -7.20
CA GLU F 397 56.38 -12.52 -7.16
C GLU F 397 57.65 -11.79 -7.56
N PRO F 398 57.54 -10.57 -8.07
CA PRO F 398 58.74 -9.81 -8.44
C PRO F 398 59.58 -9.40 -7.24
N GLN F 399 58.96 -9.09 -6.10
CA GLN F 399 59.73 -8.70 -4.92
C GLN F 399 60.53 -9.87 -4.35
N HIS F 400 59.98 -11.08 -4.39
CA HIS F 400 60.69 -12.27 -4.00
C HIS F 400 61.59 -12.80 -5.11
N ARG F 401 61.64 -12.13 -6.25
CA ARG F 401 62.46 -12.56 -7.37
C ARG F 401 63.94 -12.49 -7.01
#